data_4XI5
#
_entry.id   4XI5
#
_cell.length_a   102.002
_cell.length_b   280.552
_cell.length_c   175.302
_cell.angle_alpha   90.00
_cell.angle_beta   90.00
_cell.angle_gamma   90.00
#
_symmetry.space_group_name_H-M   'C 2 2 21'
#
loop_
_entity.id
_entity.type
_entity.pdbx_description
1 polymer 'Envelope glycoprotein H'
2 polymer 'Envelope glycoprotein L'
3 polymer 'Fab-94 light chain'
4 polymer 'Fab-94 heavy chain'
5 branched alpha-D-mannopyranose-(1-3)-beta-D-mannopyranose-(1-4)-2-acetamido-2-deoxy-beta-D-glucopyranose-(1-4)-2-acetamido-2-deoxy-beta-D-glucopyranose
6 non-polymer 2-acetamido-2-deoxy-beta-D-glucopyranose
#
loop_
_entity_poly.entity_id
_entity_poly.type
_entity_poly.pdbx_seq_one_letter_code
_entity_poly.pdbx_strand_id
1 'polypeptide(L)'
;MFALVLAVVILPLWTTANKSYVTPTPATRSIGHMSALLREYSDRNMSLKLEAFYPTGFDEELIKSLHWGNDRKHVFLVIV
KVNPTTHEGDVGLVIFPKYLLSPYHFKAEHRAPFPAGRFGFLSHPVTPDVSFFDSSFAPYLTTQHLVAFTTFPPNPLVWH
LERAETAATAERPFGVSLLPARPTVPKNTILEHKAHFATWDALARHTFFSAEAIITNSTLRIHVPLFGSVWPIRYWATGS
VLLTSDSGRVEVNIGVGFMSSLISLSSGLPIELIVVPHTVKLNAVTSDTTWFQLNPPGPDPGPSYRVYLLGRGLDMNFSK
HATVDICAYPEESLDYRYHLSMAHTEALRMTTKADQHDINEESYYHIAARIATSIFALSEMGRTTEYFLLDEIVDVQYQL
KFLNYILMRIGAGAHPNTISGTSDLIFADPSQLHDELSLLFGQVKPANVDYFISYDEARDQLKTAYALSRGQDHVNALSL
ARRVIMSIYKGLLVKQNLNATERQALFFASMILLNFREGLENSSRVLDGRTTLLLMTSMCTAAHATQAALNIQEGLAYLN
PSKHMFTIPNVYSPCMGSLRTDLTEEIHVMNLLSAIPTRPGLNEVLHTQLDESEIFDAAFKTMMIFTTWTAKDLHILHTH
VPEVFTCQDAAARNGEYVLILPAVQGHSYVITRNKPQRGLVYSLADVDVYNPISVVYLSKDTCVSEHGVIETVALPHPDN
LKECLYCGSVFLRYLTTGAIMDIIIIDSKDTERQLAAMGNSTIPPFNPDMHGDDSKAVLLFPNGTVVTLLGFERRGSENL
YFQGSWSHPQFEKGGGSGGGSGGGSWSHPQFEK
;
A
2 'polypeptide(L)'
;LHLQDDTPLFFGAKPLSDVSLIITEPCVSSVYEAWDYAAPPVSNLSEALSGIVVKTKCPVPEVILWFKDKQMAYWTNPYV
TLKGLTQSVGEEHKSGDIRDALLDALSGVWVDSTPSSTNIPENGCVWGADRLFQRVCQ
;
B
3 'polypeptide(L)'
;DIQMTQSPSSVSASVGDRVTITCRASQGISSWLAWYQQKPGKAPKLLIYAASSLQSGVPSRFSGSGSGTDFTLTISSLQP
EDFATYYCQQANNFPLTFGGGTKVEIKRTVAAPSVFIFPPSDEQLKSGTASVVCLLNNFYPREAKVQWKVDNALQSGNSQ
ESVTEQDSKDSTYSLSSTLTLSKADYEKHKVYACEVTHQGLSSPVTKSFNRGEC
;
C
4 'polypeptide(L)'
;MEFGLSWVFLVAILEGVHCEVQLVESGGGVVQPGRSLRLSCGASGFTFNTYAMHWVRQAPGKGVEWVAVVSDGGGNRYYA
ASVKGRFTISRDNSKNTLFLQLNTLRPEDTAVYYCARSRGNHYYYGMDVWGRGTTVTVSSASTKGPSVFPLAPSSKSTSG
GTAALGCLVKDYFPEPVTVSWNSGALTSGVHTFPAVLQSSGLYSLSSVVTVPSSSLGTQTYICNVNHKPSNTKVDKRVEP
KSCDKGSENLYFQGSWSHPQFEKGGGSGGGSGGGSWSHPQFEK
;
D
#
# COMPACT_ATOMS: atom_id res chain seq x y z
N ALA A 36 33.23 23.95 7.99
CA ALA A 36 32.01 24.43 7.37
C ALA A 36 32.30 25.23 6.11
N LEU A 37 32.25 24.55 4.96
CA LEU A 37 32.50 25.21 3.68
C LEU A 37 31.50 24.81 2.60
N LEU A 38 30.88 25.81 1.98
CA LEU A 38 30.04 25.61 0.80
C LEU A 38 30.71 26.27 -0.40
N ARG A 39 30.87 25.51 -1.48
CA ARG A 39 31.54 26.04 -2.67
C ARG A 39 30.77 25.72 -3.94
N GLU A 40 30.41 26.76 -4.68
CA GLU A 40 29.68 26.61 -5.92
C GLU A 40 30.59 26.86 -7.11
N TYR A 41 30.88 25.81 -7.88
CA TYR A 41 31.87 25.88 -8.96
C TYR A 41 31.21 26.06 -10.33
N SER A 42 32.05 26.21 -11.35
CA SER A 42 31.63 26.04 -12.74
C SER A 42 32.73 25.31 -13.50
N ASP A 43 32.41 24.16 -14.07
CA ASP A 43 33.38 23.36 -14.82
C ASP A 43 33.43 23.88 -16.26
N ARG A 44 34.63 23.93 -16.85
CA ARG A 44 34.80 24.47 -18.19
C ARG A 44 35.42 23.47 -19.16
N ASN A 45 36.72 23.27 -19.05
CA ASN A 45 37.45 22.28 -19.84
C ASN A 45 38.16 21.41 -18.82
N MET A 46 39.01 20.47 -19.22
CA MET A 46 39.65 19.69 -18.18
C MET A 46 40.96 20.35 -17.81
N SER A 47 40.90 21.17 -16.76
CA SER A 47 42.04 21.68 -16.04
C SER A 47 41.69 21.74 -14.56
N LEU A 48 40.76 22.66 -14.29
CA LEU A 48 40.26 22.98 -12.96
C LEU A 48 38.97 23.79 -13.18
N LYS A 49 38.38 24.32 -12.11
CA LYS A 49 37.11 25.03 -12.24
C LYS A 49 37.04 26.36 -11.46
N LEU A 50 36.37 27.35 -12.04
CA LEU A 50 36.12 28.62 -11.37
C LEU A 50 35.12 28.42 -10.25
N GLU A 51 35.26 29.16 -9.15
CA GLU A 51 34.34 29.04 -8.02
C GLU A 51 34.42 30.21 -7.04
N ALA A 52 33.57 30.16 -6.02
CA ALA A 52 33.61 31.11 -4.92
C ALA A 52 33.30 30.37 -3.62
N PHE A 53 34.12 30.61 -2.59
CA PHE A 53 33.96 29.90 -1.32
C PHE A 53 33.18 30.72 -0.31
N TYR A 54 32.17 30.12 0.28
CA TYR A 54 31.35 30.80 1.28
C TYR A 54 31.28 30.00 2.58
N PRO A 55 32.36 30.03 3.38
CA PRO A 55 32.27 29.41 4.70
C PRO A 55 31.23 30.16 5.53
N THR A 56 30.30 29.42 6.13
CA THR A 56 29.19 30.07 6.83
C THR A 56 29.53 30.39 8.28
N GLY A 57 29.55 29.36 9.12
CA GLY A 57 29.78 29.55 10.54
C GLY A 57 31.12 29.09 11.11
N PHE A 58 31.97 28.47 10.29
CA PHE A 58 33.18 27.87 10.84
C PHE A 58 34.37 27.83 9.89
N ASP A 59 35.42 27.13 10.32
CA ASP A 59 36.69 27.09 9.60
C ASP A 59 37.03 25.72 9.01
N GLU A 60 37.38 25.73 7.73
CA GLU A 60 37.93 24.58 7.05
C GLU A 60 39.27 25.12 6.56
N GLU A 61 40.21 24.24 6.21
CA GLU A 61 41.43 24.75 5.60
C GLU A 61 41.02 25.16 4.21
N LEU A 62 41.16 26.44 3.89
CA LEU A 62 40.68 26.98 2.64
C LEU A 62 41.61 26.56 1.51
N ILE A 63 42.85 26.25 1.89
CA ILE A 63 43.85 25.76 0.94
C ILE A 63 43.70 24.27 0.75
N LYS A 64 42.77 23.66 1.48
CA LYS A 64 42.45 22.25 1.30
C LYS A 64 41.30 22.08 0.32
N SER A 65 40.81 23.19 -0.21
CA SER A 65 39.75 23.13 -1.21
C SER A 65 40.37 22.89 -2.59
N LEU A 66 41.68 23.02 -2.67
CA LEU A 66 42.41 22.71 -3.89
C LEU A 66 42.39 21.20 -4.14
N HIS A 67 42.55 20.43 -3.08
CA HIS A 67 42.49 18.98 -3.13
C HIS A 67 41.44 18.51 -2.13
N TRP A 68 40.37 17.88 -2.63
CA TRP A 68 39.15 17.65 -1.85
C TRP A 68 39.44 17.07 -0.49
N GLY A 69 38.90 17.67 0.57
CA GLY A 69 39.34 17.29 1.88
C GLY A 69 38.95 15.86 2.17
N ASN A 70 39.97 15.02 2.21
CA ASN A 70 39.89 13.68 2.74
C ASN A 70 40.56 13.64 4.10
N ASP A 71 41.17 14.76 4.46
CA ASP A 71 42.09 14.83 5.60
C ASP A 71 41.34 14.90 6.92
N ARG A 72 40.30 15.72 6.95
CA ARG A 72 39.51 15.89 8.17
C ARG A 72 38.62 14.68 8.42
N LYS A 73 37.84 14.76 9.49
CA LYS A 73 36.87 13.74 9.81
C LYS A 73 35.52 14.11 9.21
N HIS A 74 35.50 15.18 8.43
CA HIS A 74 34.30 15.61 7.73
C HIS A 74 34.08 14.77 6.47
N VAL A 75 33.05 15.11 5.70
CA VAL A 75 32.74 14.44 4.44
C VAL A 75 32.23 15.45 3.41
N PHE A 76 32.64 15.30 2.16
CA PHE A 76 32.21 16.22 1.11
C PHE A 76 31.10 15.65 0.23
N LEU A 77 30.20 16.52 -0.22
CA LEU A 77 29.23 16.15 -1.25
C LEU A 77 29.54 16.89 -2.55
N VAL A 78 29.64 16.15 -3.65
CA VAL A 78 29.87 16.77 -4.95
C VAL A 78 28.80 16.36 -5.96
N ILE A 79 28.01 17.33 -6.40
CA ILE A 79 26.94 17.09 -7.37
C ILE A 79 27.43 17.55 -8.74
N VAL A 80 27.70 16.59 -9.62
CA VAL A 80 28.28 16.90 -10.93
C VAL A 80 27.24 16.88 -12.05
N LYS A 81 26.94 18.04 -12.60
CA LYS A 81 26.13 18.11 -13.80
C LYS A 81 27.03 18.39 -15.00
N VAL A 82 27.25 17.37 -15.81
CA VAL A 82 28.04 17.52 -17.03
C VAL A 82 27.36 16.79 -18.16
N ASN A 83 27.03 17.51 -19.22
CA ASN A 83 26.46 16.90 -20.40
C ASN A 83 27.55 16.06 -21.08
N PRO A 84 27.30 14.75 -21.24
CA PRO A 84 28.21 13.77 -21.86
C PRO A 84 28.57 14.15 -23.29
N THR A 85 27.86 15.14 -23.83
CA THR A 85 28.05 15.65 -25.17
C THR A 85 29.26 16.57 -25.19
N THR A 86 29.98 16.59 -24.07
CA THR A 86 31.19 17.39 -23.87
C THR A 86 30.89 18.88 -23.80
N HIS A 87 29.76 19.20 -23.19
CA HIS A 87 29.47 20.57 -22.80
C HIS A 87 30.17 20.85 -21.48
N GLU A 88 29.90 22.01 -20.90
CA GLU A 88 30.54 22.37 -19.63
C GLU A 88 29.66 22.01 -18.44
N GLY A 89 28.53 22.70 -18.32
CA GLY A 89 27.65 22.52 -17.18
C GLY A 89 28.28 23.12 -15.93
N ASP A 90 27.97 22.55 -14.77
CA ASP A 90 28.51 23.04 -13.52
C ASP A 90 28.51 21.96 -12.44
N VAL A 91 29.31 22.18 -11.40
CA VAL A 91 29.30 21.29 -10.25
C VAL A 91 29.19 22.13 -8.98
N GLY A 92 28.94 21.47 -7.85
CA GLY A 92 28.82 22.17 -6.60
C GLY A 92 29.31 21.30 -5.46
N LEU A 93 29.69 21.94 -4.35
CA LEU A 93 30.27 21.22 -3.23
C LEU A 93 29.77 21.75 -1.90
N VAL A 94 29.42 20.82 -1.00
CA VAL A 94 29.17 21.16 0.38
C VAL A 94 29.95 20.21 1.30
N ILE A 95 30.88 20.76 2.08
CA ILE A 95 31.60 19.98 3.07
C ILE A 95 30.86 20.05 4.40
N PHE A 96 30.33 18.92 4.85
CA PHE A 96 29.58 18.86 6.10
C PHE A 96 30.29 17.98 7.12
N PRO A 97 30.09 18.25 8.42
CA PRO A 97 30.80 17.49 9.46
C PRO A 97 30.35 16.03 9.55
N LYS A 98 30.99 15.27 10.42
CA LYS A 98 30.75 13.84 10.52
C LYS A 98 29.47 13.48 11.28
N TYR A 99 29.29 14.10 12.44
CA TYR A 99 28.22 13.73 13.37
C TYR A 99 26.82 13.82 12.77
N LEU A 100 26.68 14.57 11.68
CA LEU A 100 25.40 14.73 11.01
C LEU A 100 24.84 13.40 10.52
N LEU A 101 25.72 12.42 10.28
CA LEU A 101 25.29 11.10 9.82
C LEU A 101 24.74 10.23 10.94
N SER A 102 25.44 10.18 12.07
CA SER A 102 25.03 9.33 13.19
C SER A 102 23.75 9.89 13.84
N PRO A 103 22.87 9.00 14.30
CA PRO A 103 21.59 9.40 14.88
C PRO A 103 21.74 10.08 16.23
N TYR A 104 20.70 10.80 16.67
CA TYR A 104 20.72 11.49 17.96
C TYR A 104 20.43 10.52 19.11
N PHE A 119 0.54 -6.80 29.40
CA PHE A 119 1.91 -6.33 29.19
C PHE A 119 1.95 -4.97 28.52
N GLY A 120 3.15 -4.44 28.30
CA GLY A 120 3.30 -3.11 27.76
C GLY A 120 4.52 -2.93 26.87
N PHE A 121 4.56 -1.80 26.17
CA PHE A 121 5.57 -1.51 25.16
C PHE A 121 6.76 -0.72 25.73
N LEU A 122 6.77 -0.57 27.06
CA LEU A 122 7.74 0.27 27.74
C LEU A 122 9.16 -0.31 27.73
N SER A 123 9.36 -1.41 28.44
CA SER A 123 10.69 -2.01 28.58
C SER A 123 11.20 -2.63 27.28
N HIS A 124 10.32 -3.29 26.53
CA HIS A 124 10.69 -3.78 25.21
C HIS A 124 9.92 -3.02 24.13
N PRO A 125 10.61 -2.10 23.45
CA PRO A 125 10.04 -1.33 22.35
C PRO A 125 10.33 -1.93 20.97
N VAL A 126 9.83 -1.26 19.93
CA VAL A 126 10.27 -1.51 18.58
C VAL A 126 10.73 -0.17 18.02
N THR A 127 12.03 -0.07 17.72
CA THR A 127 12.61 1.21 17.33
C THR A 127 12.92 1.27 15.83
N PRO A 128 12.34 2.27 15.16
CA PRO A 128 12.63 2.51 13.74
C PRO A 128 13.98 3.17 13.60
N ASP A 129 14.71 2.88 12.52
CA ASP A 129 16.00 3.52 12.29
C ASP A 129 15.87 4.65 11.27
N VAL A 130 16.63 5.71 11.48
CA VAL A 130 16.58 6.90 10.64
C VAL A 130 16.94 6.57 9.21
N SER A 131 18.12 6.00 9.04
CA SER A 131 18.67 5.67 7.73
C SER A 131 19.50 4.40 7.81
N PHE A 132 20.24 4.10 6.75
CA PHE A 132 21.05 2.88 6.68
C PHE A 132 22.38 3.01 7.41
N PHE A 133 22.70 4.21 7.88
CA PHE A 133 24.04 4.50 8.39
C PHE A 133 24.47 3.73 9.65
N ASP A 134 23.65 3.76 10.70
CA ASP A 134 23.97 3.04 11.93
C ASP A 134 23.33 1.65 12.00
N SER A 135 22.71 1.24 10.91
CA SER A 135 22.07 -0.08 10.79
C SER A 135 22.70 -0.76 9.60
N SER A 136 22.15 -1.89 9.17
CA SER A 136 22.80 -2.62 8.08
C SER A 136 22.69 -1.77 6.83
N PHE A 137 23.85 -1.33 6.35
CA PHE A 137 23.96 -0.47 5.17
C PHE A 137 23.98 -1.27 3.86
N ALA A 138 24.61 -2.43 3.92
CA ALA A 138 24.88 -3.24 2.73
C ALA A 138 23.69 -3.48 1.80
N PRO A 139 22.56 -3.98 2.34
CA PRO A 139 21.44 -4.20 1.41
C PRO A 139 20.80 -2.90 0.90
N TYR A 140 21.02 -1.78 1.59
CA TYR A 140 20.40 -0.52 1.21
C TYR A 140 21.23 0.24 0.17
N LEU A 141 22.35 -0.36 -0.22
CA LEU A 141 23.20 0.17 -1.27
C LEU A 141 23.12 -0.76 -2.48
N THR A 142 23.48 -2.03 -2.26
CA THR A 142 23.45 -3.04 -3.30
C THR A 142 22.07 -3.29 -3.92
N THR A 143 21.00 -2.80 -3.28
CA THR A 143 19.64 -3.04 -3.76
C THR A 143 19.37 -2.42 -5.13
N GLN A 144 18.54 -3.10 -5.93
CA GLN A 144 18.19 -2.64 -7.26
C GLN A 144 16.90 -1.82 -7.20
N HIS A 145 16.36 -1.67 -6.00
CA HIS A 145 15.14 -0.89 -5.77
C HIS A 145 15.30 0.54 -6.28
N LEU A 146 14.21 1.08 -6.81
CA LEU A 146 14.16 2.44 -7.39
C LEU A 146 14.95 2.58 -8.70
N VAL A 147 15.77 1.59 -9.03
CA VAL A 147 16.52 1.58 -10.28
C VAL A 147 15.81 0.73 -11.33
N ALA A 148 15.71 -0.57 -11.06
CA ALA A 148 14.97 -1.47 -11.94
C ALA A 148 13.47 -1.43 -11.65
N PHE A 149 13.12 -1.24 -10.38
CA PHE A 149 11.72 -1.29 -9.95
C PHE A 149 11.50 -0.55 -8.63
N THR A 150 10.26 -0.22 -8.33
CA THR A 150 9.87 0.17 -6.98
C THR A 150 9.00 -0.95 -6.41
N THR A 151 9.28 -1.34 -5.17
CA THR A 151 8.46 -2.35 -4.49
C THR A 151 7.07 -1.76 -4.26
N PHE A 152 7.00 -0.44 -4.19
CA PHE A 152 5.74 0.27 -4.01
C PHE A 152 5.06 0.48 -5.36
N PRO A 153 3.74 0.64 -5.35
CA PRO A 153 3.04 1.09 -6.57
C PRO A 153 3.48 2.51 -6.89
N PRO A 154 3.56 2.87 -8.18
CA PRO A 154 4.13 4.15 -8.61
C PRO A 154 3.38 5.37 -8.09
N ASN A 155 2.07 5.25 -7.90
CA ASN A 155 1.25 6.36 -7.43
C ASN A 155 1.10 6.36 -5.91
N PRO A 156 1.57 7.43 -5.26
CA PRO A 156 1.51 7.62 -3.81
C PRO A 156 0.08 7.66 -3.26
N LEU A 157 -0.89 7.88 -4.16
CA LEU A 157 -2.29 7.94 -3.77
C LEU A 157 -2.88 6.56 -3.47
N VAL A 158 -2.33 5.53 -4.13
CA VAL A 158 -2.82 4.17 -3.98
C VAL A 158 -2.27 3.48 -2.74
N TRP A 159 -1.43 4.20 -1.98
CA TRP A 159 -0.74 3.61 -0.84
C TRP A 159 -1.68 3.39 0.34
N HIS A 160 -2.22 4.48 0.90
CA HIS A 160 -3.11 4.37 2.04
C HIS A 160 -4.33 3.52 1.69
N LEU A 161 -4.67 2.60 2.59
CA LEU A 161 -5.78 1.69 2.38
C LEU A 161 -6.85 1.84 3.46
N GLU A 162 -8.05 1.38 3.17
CA GLU A 162 -9.13 1.41 4.14
C GLU A 162 -9.04 0.19 5.04
N ARG A 163 -9.25 0.40 6.34
CA ARG A 163 -9.25 -0.71 7.29
C ARG A 163 -10.53 -1.53 7.18
N ALA A 164 -10.38 -2.85 7.08
CA ALA A 164 -11.52 -3.74 6.93
C ALA A 164 -12.39 -3.75 8.16
N GLU A 165 -13.64 -4.18 8.01
CA GLU A 165 -14.60 -4.20 9.12
C GLU A 165 -14.14 -5.12 10.26
N THR A 166 -13.37 -6.14 9.90
CA THR A 166 -12.94 -7.13 10.87
C THR A 166 -11.74 -6.65 11.68
N ALA A 167 -11.24 -5.47 11.34
CA ALA A 167 -10.12 -4.87 12.06
C ALA A 167 -10.55 -4.35 13.42
N ALA A 168 -9.60 -4.19 14.33
CA ALA A 168 -9.91 -3.80 15.71
C ALA A 168 -10.45 -2.37 15.81
N THR A 169 -11.16 -2.09 16.90
CA THR A 169 -11.68 -0.75 17.18
C THR A 169 -11.38 -0.34 18.61
N ALA A 170 -11.82 0.85 19.01
CA ALA A 170 -11.58 1.34 20.37
C ALA A 170 -12.34 0.51 21.41
N GLU A 171 -13.47 -0.05 21.01
CA GLU A 171 -14.26 -0.89 21.89
C GLU A 171 -13.59 -2.25 22.08
N ARG A 172 -13.06 -2.80 20.99
CA ARG A 172 -12.35 -4.07 21.03
C ARG A 172 -10.91 -3.86 20.56
N PRO A 173 -10.04 -3.39 21.47
CA PRO A 173 -8.66 -2.98 21.18
C PRO A 173 -7.84 -4.07 20.50
N PHE A 174 -8.21 -5.33 20.71
CA PHE A 174 -7.51 -6.45 20.08
C PHE A 174 -8.36 -7.10 19.01
N GLY A 175 -9.49 -7.67 19.40
CA GLY A 175 -10.42 -8.25 18.44
C GLY A 175 -11.26 -9.39 18.97
N VAL A 176 -11.79 -10.18 18.04
CA VAL A 176 -12.64 -11.32 18.40
C VAL A 176 -11.77 -12.49 18.87
N SER A 177 -12.30 -13.28 19.80
CA SER A 177 -11.62 -14.50 20.22
C SER A 177 -12.58 -15.68 20.07
N LEU A 178 -12.07 -16.81 19.55
CA LEU A 178 -12.91 -17.99 19.33
C LEU A 178 -13.51 -18.50 20.63
N LEU A 179 -14.72 -19.03 20.55
CA LEU A 179 -15.54 -19.30 21.74
C LEU A 179 -15.03 -20.34 22.76
N PRO A 180 -14.39 -21.43 22.29
CA PRO A 180 -13.78 -22.29 23.32
C PRO A 180 -12.64 -21.53 23.98
N ALA A 181 -13.01 -20.58 24.84
CA ALA A 181 -12.12 -19.53 25.31
C ALA A 181 -10.94 -20.03 26.14
N ARG A 182 -9.89 -19.22 26.16
CA ARG A 182 -8.64 -19.58 26.83
C ARG A 182 -8.82 -19.74 28.34
N PRO A 183 -8.38 -20.88 28.88
CA PRO A 183 -8.48 -21.15 30.32
C PRO A 183 -7.62 -20.20 31.16
N THR A 184 -8.18 -19.71 32.26
CA THR A 184 -7.47 -18.76 33.13
C THR A 184 -6.38 -19.46 33.93
N VAL A 185 -5.36 -18.71 34.34
CA VAL A 185 -4.28 -19.24 35.16
C VAL A 185 -4.83 -19.76 36.48
N PRO A 186 -4.34 -20.92 36.93
CA PRO A 186 -4.73 -21.43 38.25
C PRO A 186 -4.27 -20.46 39.35
N LYS A 187 -5.18 -20.09 40.25
CA LYS A 187 -4.88 -19.06 41.24
C LYS A 187 -3.78 -19.44 42.23
N ASN A 188 -3.88 -20.62 42.82
CA ASN A 188 -2.93 -21.03 43.84
C ASN A 188 -1.77 -21.88 43.33
N THR A 189 -1.74 -22.18 42.04
CA THR A 189 -0.72 -23.08 41.51
C THR A 189 0.55 -22.38 41.04
N ILE A 190 1.52 -23.17 40.60
CA ILE A 190 2.81 -22.66 40.15
C ILE A 190 2.97 -22.83 38.64
N LEU A 191 3.33 -21.75 37.95
CA LEU A 191 3.61 -21.86 36.53
C LEU A 191 5.00 -22.45 36.34
N GLU A 192 5.09 -23.55 35.62
CA GLU A 192 6.39 -24.14 35.31
C GLU A 192 7.16 -23.22 34.38
N HIS A 193 8.49 -23.27 34.46
CA HIS A 193 9.32 -22.42 33.61
C HIS A 193 9.15 -22.84 32.16
N LYS A 194 8.97 -24.13 31.94
CA LYS A 194 8.79 -24.68 30.59
C LYS A 194 7.62 -25.66 30.53
N ALA A 195 7.19 -25.99 29.32
CA ALA A 195 6.15 -26.98 29.12
C ALA A 195 6.70 -28.38 29.36
N HIS A 196 5.90 -29.23 30.00
CA HIS A 196 6.32 -30.58 30.33
C HIS A 196 5.14 -31.54 30.36
N PHE A 197 5.39 -32.83 30.13
CA PHE A 197 4.45 -33.87 30.54
C PHE A 197 5.17 -35.09 31.14
N ALA A 198 4.86 -35.39 32.38
CA ALA A 198 5.39 -36.60 33.03
C ALA A 198 4.36 -37.72 33.00
N THR A 199 3.17 -37.42 32.46
CA THR A 199 2.06 -38.37 32.52
C THR A 199 1.09 -38.22 31.34
N TRP A 200 0.27 -39.25 31.13
CA TRP A 200 -0.72 -39.22 30.06
C TRP A 200 -1.87 -38.28 30.40
N ASP A 201 -2.10 -38.08 31.69
CA ASP A 201 -3.15 -37.18 32.16
C ASP A 201 -2.82 -35.75 31.75
N ALA A 202 -1.53 -35.46 31.61
CA ALA A 202 -1.07 -34.10 31.32
C ALA A 202 -1.50 -33.60 29.94
N LEU A 203 -1.55 -34.49 28.96
CA LEU A 203 -1.90 -34.11 27.59
C LEU A 203 -3.40 -33.82 27.43
N ALA A 204 -4.19 -34.23 28.41
CA ALA A 204 -5.63 -34.00 28.39
C ALA A 204 -5.99 -32.71 29.13
N ARG A 205 -5.78 -32.70 30.45
CA ARG A 205 -5.99 -31.52 31.27
C ARG A 205 -5.13 -30.37 30.75
N HIS A 206 -5.64 -29.15 30.86
CA HIS A 206 -4.84 -27.99 30.50
C HIS A 206 -3.62 -27.92 31.41
N THR A 207 -2.44 -27.84 30.79
CA THR A 207 -1.20 -27.69 31.54
C THR A 207 -0.59 -26.34 31.17
N PHE A 208 -0.16 -25.60 32.17
CA PHE A 208 0.32 -24.23 31.96
C PHE A 208 1.83 -24.12 32.19
N PHE A 209 2.45 -23.18 31.49
CA PHE A 209 3.84 -22.83 31.76
C PHE A 209 4.10 -21.34 31.55
N SER A 210 5.21 -20.85 32.12
CA SER A 210 5.47 -19.42 32.20
C SER A 210 5.92 -18.79 30.88
N ALA A 211 5.65 -17.49 30.74
CA ALA A 211 6.11 -16.73 29.58
C ALA A 211 7.47 -16.09 29.82
N GLU A 212 8.10 -16.43 30.95
CA GLU A 212 9.36 -15.83 31.39
C GLU A 212 10.49 -16.01 30.38
N ALA A 213 10.29 -16.86 29.39
CA ALA A 213 11.24 -17.01 28.30
C ALA A 213 11.41 -15.70 27.52
N ILE A 214 10.31 -14.95 27.38
CA ILE A 214 10.32 -13.69 26.63
C ILE A 214 11.08 -12.57 27.32
N ILE A 215 11.01 -12.49 28.64
CA ILE A 215 11.66 -11.39 29.36
C ILE A 215 13.18 -11.59 29.47
N THR A 216 13.61 -12.84 29.53
CA THR A 216 15.02 -13.17 29.65
C THR A 216 15.64 -13.48 28.28
N ASN A 217 15.17 -14.56 27.66
CA ASN A 217 15.83 -15.16 26.50
C ASN A 217 15.54 -14.48 25.16
N SER A 218 14.79 -13.37 25.19
CA SER A 218 14.52 -12.60 23.97
C SER A 218 15.82 -12.06 23.37
N THR A 219 15.81 -11.85 22.06
CA THR A 219 17.00 -11.40 21.35
C THR A 219 16.76 -10.09 20.60
N LEU A 220 17.62 -9.10 20.83
CA LEU A 220 17.54 -7.86 20.08
C LEU A 220 18.21 -8.04 18.74
N ARG A 221 17.44 -7.81 17.67
CA ARG A 221 17.94 -8.01 16.32
C ARG A 221 17.46 -6.91 15.38
N ILE A 222 18.23 -6.66 14.32
CA ILE A 222 17.85 -5.67 13.32
C ILE A 222 17.17 -6.35 12.14
N HIS A 223 16.03 -5.80 11.71
CA HIS A 223 15.30 -6.36 10.58
C HIS A 223 15.36 -5.41 9.40
N VAL A 224 15.59 -5.98 8.21
CA VAL A 224 15.60 -5.20 6.98
C VAL A 224 14.39 -5.59 6.14
N PRO A 225 13.45 -4.64 5.97
CA PRO A 225 12.28 -4.89 5.13
C PRO A 225 12.64 -5.09 3.66
N LEU A 226 11.68 -5.61 2.89
CA LEU A 226 11.91 -6.02 1.51
C LEU A 226 12.55 -4.94 0.63
N PHE A 227 13.63 -5.31 -0.05
CA PHE A 227 14.28 -4.49 -1.07
C PHE A 227 14.72 -3.10 -0.60
N GLY A 228 14.96 -2.96 0.70
CA GLY A 228 15.27 -1.66 1.27
C GLY A 228 14.18 -0.65 1.00
N SER A 229 12.94 -1.12 0.93
CA SER A 229 11.79 -0.28 0.65
C SER A 229 11.53 0.66 1.82
N VAL A 230 11.74 0.15 3.02
CA VAL A 230 11.63 0.95 4.24
C VAL A 230 12.97 0.86 4.97
N TRP A 231 13.27 1.83 5.83
CA TRP A 231 14.51 1.82 6.59
C TRP A 231 14.47 0.72 7.66
N PRO A 232 15.65 0.25 8.11
CA PRO A 232 15.70 -0.90 9.03
C PRO A 232 14.85 -0.75 10.29
N ILE A 233 14.41 -1.87 10.84
CA ILE A 233 13.59 -1.88 12.05
C ILE A 233 14.24 -2.75 13.13
N ARG A 234 14.31 -2.22 14.36
CA ARG A 234 14.88 -2.98 15.47
C ARG A 234 13.81 -3.53 16.39
N TYR A 235 13.80 -4.84 16.56
CA TYR A 235 12.80 -5.51 17.39
C TYR A 235 13.46 -6.49 18.34
N TRP A 236 12.72 -6.91 19.36
CA TRP A 236 13.19 -7.94 20.27
C TRP A 236 12.57 -9.27 19.89
N ALA A 237 13.39 -10.19 19.39
CA ALA A 237 12.90 -11.42 18.79
C ALA A 237 12.20 -12.36 19.76
N THR A 238 11.23 -13.11 19.24
CA THR A 238 10.54 -14.17 19.97
C THR A 238 10.69 -15.48 19.19
N GLY A 239 10.21 -15.50 17.95
CA GLY A 239 10.36 -16.68 17.13
C GLY A 239 10.58 -16.41 15.65
N SER A 240 10.99 -17.45 14.94
CA SER A 240 11.25 -17.34 13.50
C SER A 240 10.69 -18.57 12.78
N VAL A 241 9.97 -18.35 11.69
CA VAL A 241 9.37 -19.46 10.94
C VAL A 241 9.85 -19.46 9.49
N LEU A 242 10.22 -20.63 8.99
CA LEU A 242 10.66 -20.77 7.61
C LEU A 242 9.95 -21.92 6.90
N LEU A 243 9.18 -21.60 5.87
CA LEU A 243 8.56 -22.63 5.03
C LEU A 243 9.10 -22.49 3.61
N THR A 244 9.70 -23.56 3.10
CA THR A 244 10.34 -23.52 1.79
C THR A 244 9.86 -24.61 0.84
N SER A 245 9.99 -24.32 -0.46
CA SER A 245 9.60 -25.25 -1.52
C SER A 245 10.28 -24.81 -2.82
N ASP A 246 9.87 -25.41 -3.93
CA ASP A 246 10.32 -24.98 -5.24
C ASP A 246 9.59 -23.68 -5.59
N SER A 247 8.27 -23.79 -5.69
CA SER A 247 7.42 -22.70 -6.14
C SER A 247 7.38 -21.50 -5.20
N GLY A 248 7.77 -21.69 -3.94
CA GLY A 248 7.75 -20.57 -3.01
C GLY A 248 8.42 -20.78 -1.68
N ARG A 249 8.86 -19.68 -1.08
CA ARG A 249 9.43 -19.68 0.26
C ARG A 249 8.79 -18.55 1.04
N VAL A 250 8.55 -18.77 2.33
CA VAL A 250 8.04 -17.73 3.19
C VAL A 250 8.85 -17.61 4.48
N GLU A 251 9.33 -16.41 4.77
CA GLU A 251 10.10 -16.15 5.98
C GLU A 251 9.25 -15.35 6.95
N VAL A 252 9.15 -15.85 8.19
CA VAL A 252 8.37 -15.17 9.21
C VAL A 252 9.25 -14.82 10.41
N ASN A 253 9.34 -13.53 10.71
CA ASN A 253 10.04 -13.07 11.92
C ASN A 253 9.08 -12.41 12.90
N ILE A 254 9.01 -12.98 14.10
CA ILE A 254 8.07 -12.51 15.11
C ILE A 254 8.81 -12.09 16.38
N GLY A 255 8.41 -10.96 16.94
CA GLY A 255 9.09 -10.37 18.08
C GLY A 255 8.09 -9.58 18.91
N VAL A 256 8.58 -8.87 19.93
CA VAL A 256 7.70 -8.15 20.82
C VAL A 256 7.05 -7.01 20.06
N GLY A 257 5.73 -7.02 20.03
CA GLY A 257 4.95 -6.07 19.25
C GLY A 257 5.42 -5.96 17.81
N PHE A 258 5.91 -7.06 17.26
CA PHE A 258 6.46 -7.04 15.90
C PHE A 258 6.28 -8.34 15.12
N MET A 259 5.96 -8.21 13.84
CA MET A 259 5.94 -9.35 12.92
C MET A 259 6.42 -8.98 11.52
N SER A 260 7.24 -9.84 10.95
CA SER A 260 7.65 -9.69 9.56
C SER A 260 7.46 -11.00 8.81
N SER A 261 6.55 -11.02 7.85
CA SER A 261 6.35 -12.20 7.03
C SER A 261 6.70 -11.88 5.58
N LEU A 262 7.76 -12.48 5.07
CA LEU A 262 8.12 -12.30 3.67
C LEU A 262 7.53 -13.44 2.85
N ILE A 263 6.53 -13.12 2.03
CA ILE A 263 5.85 -14.13 1.24
C ILE A 263 6.30 -14.04 -0.21
N SER A 264 6.89 -15.13 -0.72
CA SER A 264 7.43 -15.15 -2.06
C SER A 264 7.07 -16.41 -2.84
N LEU A 265 6.61 -16.20 -4.08
CA LEU A 265 6.31 -17.29 -5.00
C LEU A 265 7.32 -17.28 -6.14
N SER A 266 7.63 -18.44 -6.70
CA SER A 266 8.47 -18.50 -7.88
C SER A 266 7.66 -18.00 -9.06
N SER A 267 6.36 -18.23 -9.01
CA SER A 267 5.46 -17.89 -10.10
C SER A 267 4.76 -16.53 -9.96
N GLY A 268 5.10 -15.78 -8.91
CA GLY A 268 4.47 -14.49 -8.68
C GLY A 268 5.33 -13.49 -7.94
N LEU A 269 4.77 -12.30 -7.69
CA LEU A 269 5.48 -11.24 -6.98
C LEU A 269 5.68 -11.59 -5.52
N PRO A 270 6.78 -11.11 -4.92
CA PRO A 270 6.93 -11.19 -3.47
C PRO A 270 6.16 -10.08 -2.78
N ILE A 271 5.70 -10.32 -1.55
CA ILE A 271 5.18 -9.26 -0.70
C ILE A 271 5.68 -9.48 0.72
N GLU A 272 5.84 -8.38 1.47
CA GLU A 272 6.27 -8.48 2.85
C GLU A 272 5.27 -7.81 3.78
N LEU A 273 4.70 -8.59 4.70
CA LEU A 273 3.79 -8.04 5.69
C LEU A 273 4.56 -7.64 6.95
N ILE A 274 4.40 -6.39 7.36
CA ILE A 274 5.08 -5.87 8.55
C ILE A 274 4.07 -5.33 9.57
N VAL A 275 4.20 -5.78 10.81
CA VAL A 275 3.33 -5.32 11.89
C VAL A 275 4.13 -4.66 13.01
N VAL A 276 3.83 -3.40 13.29
CA VAL A 276 4.51 -2.63 14.33
C VAL A 276 3.46 -1.94 15.21
N PRO A 277 3.82 -1.61 16.46
CA PRO A 277 2.84 -1.00 17.38
C PRO A 277 2.21 0.28 16.84
N HIS A 278 0.99 0.58 17.27
CA HIS A 278 0.19 1.67 16.68
C HIS A 278 0.88 3.03 16.70
N THR A 279 1.81 3.21 17.63
CA THR A 279 2.53 4.46 17.76
C THR A 279 3.55 4.64 16.63
N VAL A 280 4.29 3.59 16.33
CA VAL A 280 5.39 3.63 15.36
C VAL A 280 4.99 4.09 13.96
N LYS A 281 5.73 5.07 13.44
CA LYS A 281 5.60 5.50 12.06
C LYS A 281 6.79 4.99 11.27
N LEU A 282 6.57 4.59 10.02
CA LEU A 282 7.65 4.16 9.15
C LEU A 282 7.82 5.08 7.94
N ASN A 283 9.06 5.24 7.49
CA ASN A 283 9.35 6.08 6.33
C ASN A 283 9.70 5.25 5.10
N ALA A 284 8.93 5.41 4.03
CA ALA A 284 9.21 4.69 2.79
C ALA A 284 10.44 5.26 2.09
N VAL A 285 11.09 4.43 1.29
CA VAL A 285 12.26 4.88 0.54
C VAL A 285 11.86 5.18 -0.90
N THR A 286 11.87 6.46 -1.26
CA THR A 286 11.54 6.88 -2.61
C THR A 286 12.71 7.64 -3.22
N SER A 287 12.57 8.03 -4.49
CA SER A 287 13.65 8.68 -5.22
C SER A 287 13.79 10.14 -4.83
N ASP A 288 12.70 10.74 -4.37
CA ASP A 288 12.70 12.13 -3.97
C ASP A 288 13.70 12.34 -2.84
N THR A 289 14.58 13.33 -3.02
CA THR A 289 15.65 13.59 -2.08
C THR A 289 15.21 14.60 -1.02
N THR A 290 13.94 14.97 -1.06
CA THR A 290 13.36 15.89 -0.09
C THR A 290 13.34 15.27 1.30
N TRP A 291 13.25 16.12 2.31
CA TRP A 291 13.25 15.70 3.70
C TRP A 291 11.84 15.34 4.19
N PHE A 292 10.88 15.38 3.28
CA PHE A 292 9.49 15.06 3.60
C PHE A 292 9.28 13.58 3.86
N GLN A 293 8.05 13.21 4.17
CA GLN A 293 7.71 11.85 4.57
C GLN A 293 6.61 11.23 3.71
N LEU A 294 6.81 9.98 3.32
CA LEU A 294 5.80 9.24 2.57
C LEU A 294 5.56 7.92 3.28
N ASN A 295 4.35 7.73 3.80
CA ASN A 295 4.02 6.51 4.54
C ASN A 295 3.73 5.31 3.64
N PRO A 296 4.51 4.24 3.80
CA PRO A 296 4.42 2.99 3.02
C PRO A 296 3.02 2.40 3.08
N PRO A 297 2.62 1.63 2.06
CA PRO A 297 1.26 1.11 1.91
C PRO A 297 0.74 0.40 3.16
N GLY A 298 -0.46 0.77 3.59
CA GLY A 298 -1.09 0.20 4.77
C GLY A 298 -2.26 1.06 5.22
N PRO A 299 -3.08 0.53 6.14
CA PRO A 299 -4.25 1.27 6.63
C PRO A 299 -3.85 2.32 7.65
N ASP A 300 -4.83 3.01 8.21
CA ASP A 300 -4.58 3.88 9.35
C ASP A 300 -4.16 3.00 10.52
N PRO A 301 -3.48 3.58 11.52
CA PRO A 301 -3.09 2.74 12.67
C PRO A 301 -4.31 2.31 13.48
N GLY A 302 -4.22 1.17 14.15
CA GLY A 302 -5.31 0.70 14.97
C GLY A 302 -5.16 1.11 16.42
N PRO A 303 -6.01 0.58 17.29
CA PRO A 303 -5.97 0.83 18.73
C PRO A 303 -4.76 0.17 19.36
N SER A 304 -4.25 -0.86 18.69
CA SER A 304 -3.16 -1.66 19.20
C SER A 304 -1.95 -1.64 18.27
N TYR A 305 -2.11 -2.16 17.06
CA TYR A 305 -1.00 -2.24 16.10
C TYR A 305 -1.25 -1.40 14.86
N ARG A 306 -0.15 -1.01 14.22
CA ARG A 306 -0.19 -0.45 12.87
C ARG A 306 0.37 -1.47 11.91
N VAL A 307 -0.32 -1.71 10.80
CA VAL A 307 0.12 -2.73 9.85
C VAL A 307 0.61 -2.11 8.53
N TYR A 308 1.70 -2.63 8.00
CA TYR A 308 2.23 -2.19 6.72
C TYR A 308 2.26 -3.33 5.70
N LEU A 309 2.08 -3.00 4.43
CA LEU A 309 2.18 -3.98 3.35
C LEU A 309 3.26 -3.51 2.38
N LEU A 310 4.30 -4.31 2.23
CA LEU A 310 5.33 -4.04 1.23
C LEU A 310 5.16 -4.98 0.04
N GLY A 311 4.76 -4.41 -1.10
CA GLY A 311 4.50 -5.19 -2.29
C GLY A 311 3.77 -4.35 -3.33
N ARG A 312 3.72 -4.84 -4.56
CA ARG A 312 3.09 -4.10 -5.65
C ARG A 312 1.66 -4.53 -5.91
N GLY A 313 1.17 -5.47 -5.11
CA GLY A 313 -0.11 -6.09 -5.37
C GLY A 313 -1.35 -5.25 -5.12
N LEU A 314 -1.17 -4.06 -4.55
CA LEU A 314 -2.30 -3.23 -4.10
C LEU A 314 -3.41 -3.07 -5.13
N ASP A 315 -3.03 -2.77 -6.37
CA ASP A 315 -3.97 -2.68 -7.49
C ASP A 315 -3.52 -3.56 -8.66
N MET A 316 -2.32 -3.26 -9.17
CA MET A 316 -1.75 -3.90 -10.36
C MET A 316 -1.90 -5.41 -10.39
N ASN A 317 -1.60 -6.06 -9.27
CA ASN A 317 -1.53 -7.52 -9.22
C ASN A 317 -2.75 -8.24 -8.62
N PHE A 318 -3.05 -7.96 -7.35
CA PHE A 318 -4.13 -8.65 -6.62
C PHE A 318 -5.44 -8.67 -7.39
N SER A 319 -6.13 -9.81 -7.32
CA SER A 319 -7.36 -10.01 -8.06
C SER A 319 -8.50 -9.11 -7.58
N LYS A 320 -8.50 -8.80 -6.28
CA LYS A 320 -9.64 -8.14 -5.67
C LYS A 320 -9.26 -6.91 -4.83
N HIS A 321 -10.25 -6.39 -4.11
CA HIS A 321 -10.08 -5.25 -3.23
C HIS A 321 -9.61 -5.73 -1.86
N ALA A 322 -9.23 -7.01 -1.82
CA ALA A 322 -8.79 -7.69 -0.61
C ALA A 322 -7.35 -7.32 -0.25
N THR A 323 -6.78 -6.40 -1.02
CA THR A 323 -5.51 -5.78 -0.64
C THR A 323 -5.59 -5.19 0.76
N VAL A 324 -6.80 -4.76 1.15
CA VAL A 324 -7.05 -4.28 2.51
C VAL A 324 -7.42 -5.42 3.45
N ASP A 325 -7.70 -6.59 2.89
CA ASP A 325 -8.10 -7.75 3.69
C ASP A 325 -6.91 -8.33 4.43
N ILE A 326 -5.78 -8.47 3.75
CA ILE A 326 -4.56 -9.00 4.37
C ILE A 326 -4.00 -8.04 5.41
N CYS A 327 -4.06 -6.74 5.13
CA CYS A 327 -3.59 -5.72 6.07
C CYS A 327 -4.38 -5.75 7.39
N ALA A 328 -5.58 -6.30 7.36
CA ALA A 328 -6.41 -6.37 8.55
C ALA A 328 -6.23 -7.69 9.32
N TYR A 329 -5.44 -8.60 8.76
CA TYR A 329 -5.20 -9.91 9.39
C TYR A 329 -4.75 -9.87 10.86
N PRO A 330 -3.67 -9.13 11.17
CA PRO A 330 -3.16 -9.16 12.56
C PRO A 330 -4.10 -8.48 13.55
N GLU A 331 -4.89 -7.52 13.07
CA GLU A 331 -5.77 -6.74 13.95
C GLU A 331 -7.10 -7.44 14.22
N GLU A 332 -7.30 -8.60 13.59
CA GLU A 332 -8.53 -9.36 13.79
C GLU A 332 -8.56 -10.07 15.14
N SER A 333 -7.47 -10.76 15.49
CA SER A 333 -7.42 -11.49 16.76
C SER A 333 -6.02 -11.75 17.29
N LEU A 334 -5.92 -11.94 18.60
CA LEU A 334 -4.70 -12.47 19.21
C LEU A 334 -4.83 -13.97 19.46
N ASP A 335 -6.00 -14.51 19.13
CA ASP A 335 -6.24 -15.94 19.29
C ASP A 335 -5.71 -16.64 18.05
N TYR A 336 -4.74 -17.52 18.25
CA TYR A 336 -4.07 -18.19 17.14
C TYR A 336 -5.01 -19.15 16.43
N ARG A 337 -6.02 -19.60 17.15
CA ARG A 337 -7.03 -20.49 16.57
C ARG A 337 -7.87 -19.76 15.52
N TYR A 338 -8.04 -18.45 15.68
CA TYR A 338 -8.81 -17.64 14.75
C TYR A 338 -8.16 -17.66 13.38
N HIS A 339 -6.84 -17.47 13.34
CA HIS A 339 -6.13 -17.39 12.07
C HIS A 339 -5.94 -18.77 11.46
N LEU A 340 -5.77 -19.79 12.30
CA LEU A 340 -5.59 -21.15 11.81
C LEU A 340 -6.91 -21.74 11.33
N SER A 341 -8.02 -21.18 11.79
CA SER A 341 -9.35 -21.55 11.31
C SER A 341 -9.56 -20.99 9.91
N MET A 342 -9.27 -19.70 9.74
CA MET A 342 -9.41 -19.06 8.44
C MET A 342 -8.38 -19.60 7.45
N ALA A 343 -7.33 -20.22 7.97
CA ALA A 343 -6.35 -20.88 7.13
C ALA A 343 -6.86 -22.25 6.68
N HIS A 344 -7.49 -22.98 7.61
CA HIS A 344 -8.04 -24.30 7.32
C HIS A 344 -9.22 -24.27 6.36
N THR A 345 -10.10 -23.28 6.53
CA THR A 345 -11.27 -23.14 5.68
C THR A 345 -10.87 -22.93 4.22
N GLU A 346 -10.02 -21.93 3.98
CA GLU A 346 -9.56 -21.61 2.64
C GLU A 346 -8.66 -22.71 2.06
N ALA A 347 -8.10 -23.53 2.93
CA ALA A 347 -7.26 -24.64 2.51
C ALA A 347 -8.03 -25.64 1.63
N LEU A 348 -9.19 -26.07 2.12
CA LEU A 348 -10.04 -27.00 1.38
C LEU A 348 -10.54 -26.41 0.06
N ARG A 349 -11.01 -25.17 0.11
CA ARG A 349 -11.67 -24.53 -1.03
C ARG A 349 -10.85 -24.51 -2.32
N MET A 350 -9.52 -24.43 -2.19
CA MET A 350 -8.65 -24.35 -3.36
C MET A 350 -8.28 -25.73 -3.90
N THR A 351 -8.58 -26.77 -3.12
CA THR A 351 -8.35 -28.14 -3.57
C THR A 351 -9.39 -28.55 -4.59
N THR A 352 -10.63 -28.10 -4.36
CA THR A 352 -11.73 -28.34 -5.29
C THR A 352 -11.47 -27.65 -6.61
N LYS A 353 -10.84 -26.48 -6.52
CA LYS A 353 -10.56 -25.62 -7.67
C LYS A 353 -9.20 -25.91 -8.28
N ALA A 354 -8.56 -26.98 -7.81
CA ALA A 354 -7.27 -27.41 -8.35
C ALA A 354 -7.36 -27.87 -9.80
N ASP A 355 -8.58 -27.97 -10.33
CA ASP A 355 -8.80 -28.40 -11.71
C ASP A 355 -8.39 -27.33 -12.72
N GLN A 356 -9.12 -26.22 -12.74
CA GLN A 356 -8.82 -25.11 -13.64
C GLN A 356 -7.38 -24.63 -13.44
N HIS A 357 -7.13 -24.04 -12.27
CA HIS A 357 -5.80 -23.59 -11.93
C HIS A 357 -5.17 -24.53 -10.90
N ASP A 358 -4.06 -25.16 -11.28
CA ASP A 358 -3.27 -25.96 -10.36
C ASP A 358 -2.56 -25.00 -9.42
N ILE A 359 -2.34 -23.79 -9.90
CA ILE A 359 -1.70 -22.75 -9.11
C ILE A 359 -2.72 -21.68 -8.72
N ASN A 360 -3.03 -21.60 -7.42
CA ASN A 360 -3.84 -20.52 -6.91
C ASN A 360 -2.94 -19.51 -6.23
N GLU A 361 -2.77 -18.35 -6.87
CA GLU A 361 -1.85 -17.33 -6.36
C GLU A 361 -2.45 -16.60 -5.17
N GLU A 362 -3.70 -16.18 -5.31
CA GLU A 362 -4.37 -15.43 -4.25
C GLU A 362 -4.64 -16.30 -3.03
N SER A 363 -4.66 -17.61 -3.22
CA SER A 363 -4.82 -18.54 -2.10
C SER A 363 -3.50 -18.91 -1.44
N TYR A 364 -2.39 -18.61 -2.10
CA TYR A 364 -1.08 -18.83 -1.50
C TYR A 364 -0.76 -17.73 -0.49
N TYR A 365 -1.04 -16.48 -0.88
CA TYR A 365 -0.76 -15.32 -0.05
C TYR A 365 -1.66 -15.30 1.18
N HIS A 366 -2.96 -15.48 0.97
CA HIS A 366 -3.95 -15.50 2.03
C HIS A 366 -3.63 -16.55 3.10
N ILE A 367 -3.38 -17.78 2.68
CA ILE A 367 -3.05 -18.86 3.61
C ILE A 367 -1.73 -18.61 4.34
N ALA A 368 -0.68 -18.26 3.60
CA ALA A 368 0.62 -17.97 4.21
C ALA A 368 0.53 -16.86 5.24
N ALA A 369 -0.09 -15.74 4.86
CA ALA A 369 -0.26 -14.61 5.75
C ALA A 369 -1.03 -14.99 7.02
N ARG A 370 -1.89 -16.00 6.89
CA ARG A 370 -2.65 -16.53 8.00
C ARG A 370 -1.80 -17.40 8.94
N ILE A 371 -0.86 -18.16 8.37
CA ILE A 371 0.08 -18.93 9.16
C ILE A 371 0.97 -17.99 9.97
N ALA A 372 1.54 -17.01 9.27
CA ALA A 372 2.45 -16.05 9.88
C ALA A 372 1.80 -15.29 11.03
N THR A 373 0.61 -14.74 10.78
CA THR A 373 -0.11 -13.97 11.78
C THR A 373 -0.60 -14.82 12.95
N SER A 374 -0.70 -16.12 12.74
CA SER A 374 -1.12 -17.03 13.81
C SER A 374 -0.05 -17.14 14.89
N ILE A 375 1.20 -17.37 14.47
CA ILE A 375 2.32 -17.44 15.40
C ILE A 375 2.57 -16.09 16.07
N PHE A 376 2.34 -15.00 15.32
CA PHE A 376 2.48 -13.66 15.88
C PHE A 376 1.46 -13.42 16.99
N ALA A 377 0.26 -13.99 16.80
CA ALA A 377 -0.79 -13.91 17.80
C ALA A 377 -0.40 -14.70 19.04
N LEU A 378 0.20 -15.87 18.85
CA LEU A 378 0.57 -16.76 19.95
C LEU A 378 1.69 -16.21 20.82
N SER A 379 2.71 -15.61 20.20
CA SER A 379 3.76 -14.94 20.95
C SER A 379 3.18 -13.77 21.72
N GLU A 380 2.31 -13.02 21.07
CA GLU A 380 1.78 -11.79 21.65
C GLU A 380 0.67 -12.03 22.66
N MET A 381 -0.05 -13.14 22.52
CA MET A 381 -1.03 -13.53 23.52
C MET A 381 -0.27 -13.97 24.78
N GLY A 382 0.89 -14.58 24.57
CA GLY A 382 1.72 -15.04 25.67
C GLY A 382 2.48 -13.95 26.39
N ARG A 383 2.95 -12.95 25.65
CA ARG A 383 3.64 -11.82 26.26
C ARG A 383 2.65 -10.97 27.04
N THR A 384 1.44 -10.82 26.49
CA THR A 384 0.40 -10.01 27.10
C THR A 384 -0.19 -10.62 28.37
N THR A 385 -0.61 -11.88 28.29
CA THR A 385 -1.24 -12.54 29.43
C THR A 385 -0.24 -13.29 30.30
N GLU A 386 1.02 -13.30 29.89
CA GLU A 386 2.13 -13.80 30.70
C GLU A 386 2.12 -15.30 31.00
N TYR A 387 1.10 -16.02 30.54
CA TYR A 387 1.06 -17.46 30.70
C TYR A 387 0.76 -18.17 29.38
N PHE A 388 1.31 -19.36 29.22
CA PHE A 388 1.12 -20.15 28.01
C PHE A 388 0.31 -21.40 28.29
N LEU A 389 0.07 -22.19 27.26
CA LEU A 389 -0.61 -23.48 27.39
C LEU A 389 0.14 -24.53 26.59
N LEU A 390 0.22 -25.75 27.14
CA LEU A 390 0.94 -26.83 26.47
C LEU A 390 0.31 -27.19 25.12
N ASP A 391 -1.02 -27.21 25.08
CA ASP A 391 -1.72 -27.58 23.85
C ASP A 391 -1.71 -26.45 22.82
N GLU A 392 -1.27 -25.27 23.23
CA GLU A 392 -1.04 -24.16 22.31
C GLU A 392 0.30 -24.32 21.57
N ILE A 393 1.29 -24.84 22.29
CA ILE A 393 2.63 -25.04 21.72
C ILE A 393 2.72 -26.30 20.85
N VAL A 394 2.06 -27.37 21.26
CA VAL A 394 2.00 -28.59 20.46
C VAL A 394 1.27 -28.36 19.14
N ASP A 395 0.22 -27.54 19.19
CA ASP A 395 -0.61 -27.26 18.03
C ASP A 395 0.19 -26.61 16.90
N VAL A 396 0.90 -25.52 17.21
CA VAL A 396 1.65 -24.78 16.20
C VAL A 396 2.77 -25.62 15.57
N GLN A 397 3.13 -26.73 16.19
CA GLN A 397 4.09 -27.66 15.63
C GLN A 397 3.41 -28.50 14.55
N TYR A 398 2.20 -28.96 14.84
CA TYR A 398 1.40 -29.74 13.90
C TYR A 398 0.81 -28.86 12.79
N GLN A 399 0.35 -27.67 13.17
CA GLN A 399 -0.24 -26.75 12.21
C GLN A 399 0.80 -26.24 11.21
N LEU A 400 2.06 -26.22 11.63
CA LEU A 400 3.13 -25.73 10.77
C LEU A 400 3.57 -26.79 9.76
N LYS A 401 3.24 -28.04 10.05
CA LYS A 401 3.48 -29.13 9.10
C LYS A 401 2.35 -29.22 8.09
N PHE A 402 1.17 -29.54 8.59
CA PHE A 402 -0.01 -29.80 7.77
C PHE A 402 -0.39 -28.63 6.87
N LEU A 403 -0.37 -27.42 7.41
CA LEU A 403 -0.75 -26.24 6.63
C LEU A 403 0.32 -25.81 5.63
N ASN A 404 1.58 -26.15 5.91
CA ASN A 404 2.67 -25.85 4.99
C ASN A 404 2.64 -26.80 3.80
N TYR A 405 2.34 -28.06 4.07
CA TYR A 405 2.19 -29.08 3.03
C TYR A 405 1.15 -28.63 2.00
N ILE A 406 -0.04 -28.29 2.48
CA ILE A 406 -1.11 -27.78 1.63
C ILE A 406 -0.76 -26.42 1.03
N LEU A 407 0.04 -25.64 1.74
CA LEU A 407 0.46 -24.32 1.25
C LEU A 407 1.24 -24.41 -0.05
N MET A 408 2.32 -25.18 -0.01
CA MET A 408 3.22 -25.29 -1.15
C MET A 408 2.71 -26.21 -2.26
N ARG A 409 2.21 -27.38 -1.88
CA ARG A 409 1.75 -28.38 -2.85
C ARG A 409 0.59 -27.91 -3.72
N ILE A 410 -0.53 -27.58 -3.09
CA ILE A 410 -1.73 -27.16 -3.81
C ILE A 410 -1.70 -25.69 -4.25
N GLY A 411 -1.37 -24.81 -3.32
CA GLY A 411 -1.34 -23.37 -3.61
C GLY A 411 -0.19 -22.92 -4.49
N ALA A 412 1.03 -23.28 -4.11
CA ALA A 412 2.20 -22.86 -4.86
C ALA A 412 2.42 -23.76 -6.08
N GLY A 413 2.17 -25.05 -5.91
CA GLY A 413 2.28 -25.99 -7.02
C GLY A 413 3.58 -26.76 -7.05
N ALA A 414 4.45 -26.49 -6.08
CA ALA A 414 5.76 -27.12 -6.03
C ALA A 414 5.64 -28.62 -5.81
N HIS A 415 6.67 -29.36 -6.24
CA HIS A 415 6.73 -30.80 -6.00
C HIS A 415 6.71 -31.06 -4.50
N PRO A 416 5.75 -31.86 -4.04
CA PRO A 416 5.59 -32.19 -2.62
C PRO A 416 6.83 -32.86 -2.03
N ASN A 417 7.71 -33.34 -2.91
CA ASN A 417 8.97 -33.93 -2.51
C ASN A 417 9.90 -32.93 -1.81
N THR A 418 9.85 -31.67 -2.25
CA THR A 418 10.74 -30.64 -1.70
C THR A 418 10.12 -29.80 -0.59
N ILE A 419 8.85 -30.06 -0.26
CA ILE A 419 8.19 -29.31 0.81
C ILE A 419 8.90 -29.55 2.14
N SER A 420 9.28 -28.46 2.79
CA SER A 420 9.91 -28.54 4.11
C SER A 420 9.69 -27.25 4.90
N GLY A 421 9.85 -27.34 6.22
CA GLY A 421 9.65 -26.19 7.08
C GLY A 421 10.48 -26.26 8.34
N THR A 422 10.75 -25.09 8.92
CA THR A 422 11.57 -25.01 10.11
C THR A 422 11.03 -23.95 11.08
N SER A 423 11.00 -24.29 12.36
CA SER A 423 10.44 -23.39 13.36
C SER A 423 11.33 -23.28 14.59
N ASP A 424 11.74 -22.06 14.92
CA ASP A 424 12.42 -21.79 16.17
C ASP A 424 11.63 -20.80 17.03
N LEU A 425 11.06 -21.28 18.12
CA LEU A 425 10.35 -20.43 19.07
C LEU A 425 11.06 -20.49 20.42
N ILE A 426 11.33 -19.34 21.03
CA ILE A 426 12.06 -19.29 22.28
C ILE A 426 11.27 -19.84 23.47
N PHE A 427 9.95 -19.82 23.37
CA PHE A 427 9.08 -20.35 24.42
C PHE A 427 8.67 -21.80 24.17
N ALA A 428 9.18 -22.38 23.10
CA ALA A 428 8.93 -23.79 22.81
C ALA A 428 10.24 -24.54 22.56
N ASP A 429 10.43 -25.63 23.28
CA ASP A 429 11.62 -26.48 23.11
C ASP A 429 11.16 -27.87 22.67
N PRO A 430 10.88 -28.03 21.37
CA PRO A 430 10.28 -29.25 20.81
C PRO A 430 11.17 -30.48 21.02
N SER A 431 12.47 -30.33 20.80
CA SER A 431 13.43 -31.42 20.95
C SER A 431 13.31 -32.07 22.32
N GLN A 432 13.11 -31.25 23.36
CA GLN A 432 12.93 -31.76 24.71
C GLN A 432 11.58 -32.45 24.86
N LEU A 433 10.53 -31.78 24.40
CA LEU A 433 9.18 -32.35 24.42
C LEU A 433 9.14 -33.73 23.77
N HIS A 434 9.88 -33.88 22.68
CA HIS A 434 9.98 -35.15 21.99
C HIS A 434 10.59 -36.24 22.89
N ASP A 435 11.64 -35.86 23.60
CA ASP A 435 12.32 -36.79 24.51
C ASP A 435 11.43 -37.15 25.70
N GLU A 436 10.64 -36.18 26.15
CA GLU A 436 9.68 -36.42 27.23
C GLU A 436 8.57 -37.36 26.74
N LEU A 437 8.31 -37.33 25.44
CA LEU A 437 7.34 -38.22 24.82
C LEU A 437 7.93 -39.61 24.64
N SER A 438 9.17 -39.67 24.17
CA SER A 438 9.87 -40.93 23.93
C SER A 438 9.91 -41.84 25.15
N LEU A 439 9.97 -41.23 26.34
CA LEU A 439 9.99 -41.99 27.58
C LEU A 439 8.57 -42.26 28.10
N LEU A 440 7.58 -41.57 27.54
CA LEU A 440 6.18 -41.78 27.92
C LEU A 440 5.63 -43.02 27.24
N PHE A 441 5.95 -43.18 25.96
CA PHE A 441 5.55 -44.37 25.21
C PHE A 441 6.30 -45.59 25.73
N GLY A 442 7.55 -45.40 26.13
CA GLY A 442 8.39 -46.49 26.59
C GLY A 442 8.21 -46.84 28.06
N GLN A 443 7.12 -46.38 28.66
CA GLN A 443 6.83 -46.67 30.05
C GLN A 443 5.57 -47.51 30.20
N PHE A 452 -6.86 -51.05 26.27
CA PHE A 452 -7.90 -50.20 25.70
C PHE A 452 -7.54 -48.72 25.77
N ILE A 453 -7.71 -48.02 24.65
CA ILE A 453 -7.52 -46.58 24.60
C ILE A 453 -8.70 -45.93 23.89
N SER A 454 -9.43 -45.06 24.59
CA SER A 454 -10.57 -44.36 24.00
C SER A 454 -10.09 -43.44 22.88
N TYR A 455 -10.95 -43.19 21.90
CA TYR A 455 -10.57 -42.41 20.72
C TYR A 455 -10.07 -41.00 21.04
N ASP A 456 -10.62 -40.41 22.11
CA ASP A 456 -10.16 -39.11 22.57
C ASP A 456 -8.72 -39.17 23.06
N GLU A 457 -8.43 -40.16 23.90
CA GLU A 457 -7.08 -40.34 24.45
C GLU A 457 -6.07 -40.67 23.34
N ALA A 458 -6.50 -41.44 22.35
CA ALA A 458 -5.64 -41.82 21.24
C ALA A 458 -5.37 -40.66 20.29
N ARG A 459 -6.34 -39.75 20.15
CA ARG A 459 -6.17 -38.56 19.33
C ARG A 459 -5.03 -37.70 19.88
N ASP A 460 -5.06 -37.45 21.18
CA ASP A 460 -4.07 -36.61 21.84
C ASP A 460 -2.67 -37.23 21.81
N GLN A 461 -2.62 -38.55 21.90
CA GLN A 461 -1.33 -39.26 21.88
C GLN A 461 -0.67 -39.18 20.51
N LEU A 462 -1.48 -39.32 19.46
CA LEU A 462 -0.98 -39.31 18.09
C LEU A 462 -0.71 -37.90 17.56
N LYS A 463 -1.62 -36.98 17.85
CA LYS A 463 -1.48 -35.58 17.47
C LYS A 463 -0.19 -35.01 18.02
N THR A 464 0.10 -35.31 19.29
CA THR A 464 1.32 -34.86 19.94
C THR A 464 2.52 -35.72 19.52
N ALA A 465 2.25 -36.90 18.97
CA ALA A 465 3.31 -37.73 18.41
C ALA A 465 3.70 -37.22 17.03
N TYR A 466 2.70 -36.74 16.29
CA TYR A 466 2.91 -36.21 14.95
C TYR A 466 3.49 -34.79 15.00
N ALA A 467 2.97 -33.97 15.92
CA ALA A 467 3.43 -32.60 16.07
C ALA A 467 4.93 -32.53 16.36
N LEU A 468 5.40 -33.41 17.23
CA LEU A 468 6.84 -33.48 17.51
C LEU A 468 7.43 -34.73 16.87
N SER A 469 8.14 -34.57 15.76
CA SER A 469 8.91 -35.66 15.18
C SER A 469 10.08 -35.13 14.36
N ARG A 470 11.21 -35.83 14.44
CA ARG A 470 12.34 -35.57 13.57
C ARG A 470 12.29 -36.59 12.44
N GLY A 471 11.22 -37.38 12.44
CA GLY A 471 11.08 -38.51 11.55
C GLY A 471 11.26 -39.77 12.37
N GLN A 472 11.78 -39.59 13.58
CA GLN A 472 11.91 -40.69 14.53
C GLN A 472 10.62 -40.78 15.34
N ASP A 473 9.93 -41.92 15.22
CA ASP A 473 8.70 -42.13 15.94
C ASP A 473 8.82 -43.38 16.79
N HIS A 474 8.30 -43.33 18.02
CA HIS A 474 8.38 -44.46 18.93
C HIS A 474 7.59 -45.65 18.38
N VAL A 475 8.09 -46.85 18.62
CA VAL A 475 7.48 -48.08 18.11
C VAL A 475 6.05 -48.24 18.61
N ASN A 476 5.81 -47.83 19.85
CA ASN A 476 4.47 -47.90 20.44
C ASN A 476 3.52 -46.84 19.89
N ALA A 477 4.08 -45.83 19.24
CA ALA A 477 3.26 -44.79 18.61
C ALA A 477 2.64 -45.31 17.31
N LEU A 478 3.46 -45.96 16.49
CA LEU A 478 2.99 -46.57 15.24
C LEU A 478 2.05 -47.72 15.56
N SER A 479 2.47 -48.58 16.48
CA SER A 479 1.67 -49.73 16.91
C SER A 479 0.32 -49.29 17.47
N LEU A 480 0.23 -48.05 17.93
CA LEU A 480 -1.05 -47.46 18.30
C LEU A 480 -1.86 -47.14 17.04
N ALA A 481 -1.21 -46.45 16.10
CA ALA A 481 -1.85 -46.01 14.87
C ALA A 481 -2.45 -47.15 14.05
N ARG A 482 -1.72 -48.26 13.96
CA ARG A 482 -2.20 -49.46 13.29
C ARG A 482 -3.51 -49.91 13.93
N ARG A 483 -3.51 -49.93 15.26
CA ARG A 483 -4.67 -50.35 16.02
C ARG A 483 -5.86 -49.40 15.81
N VAL A 484 -5.56 -48.12 15.61
CA VAL A 484 -6.61 -47.11 15.41
C VAL A 484 -7.38 -47.34 14.10
N ILE A 485 -6.65 -47.39 12.98
CA ILE A 485 -7.24 -47.56 11.66
C ILE A 485 -8.12 -48.81 11.56
N MET A 486 -7.54 -49.95 11.94
CA MET A 486 -8.25 -51.22 11.94
C MET A 486 -9.54 -51.18 12.74
N SER A 487 -9.52 -50.43 13.85
CA SER A 487 -10.71 -50.30 14.69
C SER A 487 -11.75 -49.33 14.12
N ILE A 488 -11.30 -48.44 13.24
CA ILE A 488 -12.23 -47.58 12.49
C ILE A 488 -12.82 -48.36 11.32
N TYR A 489 -11.97 -49.12 10.65
CA TYR A 489 -12.37 -50.00 9.55
C TYR A 489 -13.47 -50.97 9.97
N LYS A 490 -13.15 -51.83 10.93
CA LYS A 490 -14.07 -52.86 11.40
C LYS A 490 -15.45 -52.33 11.80
N GLY A 491 -15.49 -51.08 12.22
CA GLY A 491 -16.76 -50.44 12.57
C GLY A 491 -17.43 -49.80 11.37
N LEU A 492 -16.62 -49.42 10.38
CA LEU A 492 -17.14 -48.71 9.20
C LEU A 492 -17.80 -49.64 8.18
N LEU A 493 -17.49 -50.93 8.24
CA LEU A 493 -18.16 -51.91 7.38
C LEU A 493 -19.50 -52.31 8.01
N VAL A 494 -19.79 -51.70 9.15
CA VAL A 494 -21.09 -51.84 9.80
C VAL A 494 -21.92 -50.57 9.61
N LYS A 495 -21.45 -49.44 10.16
CA LYS A 495 -22.21 -48.20 10.07
C LYS A 495 -21.81 -47.33 8.87
N GLN A 496 -22.56 -46.24 8.65
CA GLN A 496 -22.36 -45.38 7.48
C GLN A 496 -21.59 -44.07 7.72
N ASN A 497 -21.22 -43.77 8.96
CA ASN A 497 -20.70 -42.45 9.28
C ASN A 497 -19.72 -42.40 10.46
N LEU A 498 -18.98 -41.30 10.56
CA LEU A 498 -18.01 -41.10 11.63
C LEU A 498 -18.26 -39.82 12.43
N ASN A 499 -18.25 -39.92 13.76
CA ASN A 499 -18.33 -38.74 14.62
C ASN A 499 -17.00 -37.99 14.72
N ALA A 500 -17.05 -36.72 15.11
CA ALA A 500 -15.87 -35.86 15.17
C ALA A 500 -14.71 -36.46 15.97
N THR A 501 -15.03 -37.22 17.00
CA THR A 501 -14.03 -37.92 17.80
C THR A 501 -13.28 -38.93 16.91
N GLU A 502 -14.04 -39.69 16.14
CA GLU A 502 -13.48 -40.68 15.22
C GLU A 502 -12.76 -40.00 14.05
N ARG A 503 -13.38 -38.96 13.50
CA ARG A 503 -12.82 -38.24 12.37
C ARG A 503 -11.41 -37.72 12.65
N GLN A 504 -11.23 -37.10 13.80
CA GLN A 504 -9.93 -36.58 14.21
C GLN A 504 -8.94 -37.71 14.50
N ALA A 505 -9.43 -38.76 15.12
CA ALA A 505 -8.60 -39.92 15.45
C ALA A 505 -7.99 -40.53 14.21
N LEU A 506 -8.78 -40.63 13.14
CA LEU A 506 -8.33 -41.17 11.87
C LEU A 506 -7.24 -40.32 11.22
N PHE A 507 -7.44 -39.00 11.23
CA PHE A 507 -6.53 -38.05 10.58
C PHE A 507 -5.08 -38.28 10.96
N PHE A 508 -4.77 -38.07 12.23
CA PHE A 508 -3.39 -38.18 12.71
C PHE A 508 -2.84 -39.59 12.55
N ALA A 509 -3.72 -40.59 12.65
CA ALA A 509 -3.33 -41.98 12.42
C ALA A 509 -2.77 -42.15 11.02
N SER A 510 -3.37 -41.48 10.04
CA SER A 510 -2.90 -41.49 8.67
C SER A 510 -1.60 -40.71 8.56
N MET A 511 -1.62 -39.48 9.05
CA MET A 511 -0.46 -38.58 8.95
C MET A 511 0.77 -39.16 9.63
N ILE A 512 0.56 -40.01 10.63
CA ILE A 512 1.65 -40.68 11.34
C ILE A 512 2.33 -41.73 10.45
N LEU A 513 1.52 -42.55 9.80
CA LEU A 513 2.02 -43.66 9.00
C LEU A 513 2.55 -43.25 7.63
N LEU A 514 2.09 -42.09 7.15
CA LEU A 514 2.55 -41.56 5.86
C LEU A 514 3.70 -40.56 6.05
N ASN A 515 4.10 -40.36 7.30
CA ASN A 515 5.08 -39.33 7.65
C ASN A 515 6.48 -39.58 7.09
N PHE A 516 6.93 -40.83 7.15
CA PHE A 516 8.25 -41.20 6.68
C PHE A 516 8.21 -41.91 5.33
N SER A 523 11.93 -51.40 3.49
CA SER A 523 10.76 -52.24 3.21
C SER A 523 10.03 -52.63 4.49
N SER A 524 10.05 -51.74 5.48
CA SER A 524 9.32 -51.94 6.72
C SER A 524 8.33 -50.80 6.88
N ARG A 525 8.85 -49.58 7.01
CA ARG A 525 8.03 -48.38 7.08
C ARG A 525 7.34 -48.12 5.75
N VAL A 526 7.88 -48.71 4.69
CA VAL A 526 7.30 -48.57 3.35
C VAL A 526 6.05 -49.43 3.21
N LEU A 527 6.11 -50.63 3.77
CA LEU A 527 4.99 -51.57 3.72
C LEU A 527 3.81 -51.09 4.57
N ASP A 528 4.06 -50.08 5.40
CA ASP A 528 3.00 -49.45 6.18
C ASP A 528 2.16 -48.53 5.32
N GLY A 529 2.83 -47.72 4.49
CA GLY A 529 2.16 -46.77 3.62
C GLY A 529 1.22 -47.42 2.62
N ARG A 530 1.59 -48.61 2.15
CA ARG A 530 0.81 -49.30 1.14
C ARG A 530 -0.46 -49.90 1.75
N THR A 531 -0.28 -50.83 2.68
CA THR A 531 -1.41 -51.53 3.31
C THR A 531 -2.43 -50.59 3.95
N THR A 532 -1.97 -49.44 4.42
CA THR A 532 -2.89 -48.47 5.02
C THR A 532 -3.57 -47.60 3.96
N LEU A 533 -3.02 -47.60 2.74
CA LEU A 533 -3.65 -46.89 1.63
C LEU A 533 -4.85 -47.68 1.10
N LEU A 534 -4.74 -49.01 1.15
CA LEU A 534 -5.85 -49.90 0.88
C LEU A 534 -6.97 -49.62 1.88
N LEU A 535 -6.62 -49.66 3.16
CA LEU A 535 -7.57 -49.53 4.25
C LEU A 535 -8.35 -48.21 4.18
N MET A 536 -7.64 -47.12 3.86
CA MET A 536 -8.29 -45.82 3.70
C MET A 536 -9.17 -45.82 2.46
N THR A 537 -8.69 -46.47 1.39
CA THR A 537 -9.45 -46.58 0.15
C THR A 537 -10.70 -47.43 0.35
N SER A 538 -10.52 -48.58 1.00
CA SER A 538 -11.60 -49.54 1.24
C SER A 538 -12.76 -48.95 2.03
N MET A 539 -12.44 -48.17 3.07
CA MET A 539 -13.47 -47.52 3.88
C MET A 539 -14.25 -46.51 3.07
N CYS A 540 -13.67 -46.06 1.95
CA CYS A 540 -14.38 -45.12 1.10
C CYS A 540 -15.20 -45.95 0.13
N THR A 541 -16.52 -45.88 0.32
CA THR A 541 -17.46 -46.60 -0.51
C THR A 541 -18.41 -45.56 -1.08
N ALA A 542 -19.07 -45.89 -2.17
CA ALA A 542 -20.02 -44.96 -2.78
C ALA A 542 -21.10 -44.59 -1.77
N ALA A 543 -21.38 -45.52 -0.86
CA ALA A 543 -22.33 -45.29 0.21
C ALA A 543 -21.79 -44.33 1.27
N HIS A 544 -20.53 -44.52 1.67
CA HIS A 544 -19.93 -43.69 2.72
C HIS A 544 -19.49 -42.31 2.23
N ALA A 545 -18.90 -42.26 1.03
CA ALA A 545 -18.39 -41.01 0.49
C ALA A 545 -19.46 -39.94 0.41
N THR A 546 -20.68 -40.35 0.11
CA THR A 546 -21.80 -39.41 0.04
C THR A 546 -22.17 -38.88 1.43
N GLN A 547 -21.83 -39.63 2.47
CA GLN A 547 -22.03 -39.16 3.83
C GLN A 547 -20.93 -38.19 4.24
N ALA A 548 -19.70 -38.52 3.87
CA ALA A 548 -18.53 -37.73 4.24
C ALA A 548 -18.48 -36.39 3.52
N ALA A 549 -18.74 -36.41 2.22
CA ALA A 549 -18.79 -35.19 1.42
C ALA A 549 -19.96 -34.32 1.85
N LEU A 550 -20.94 -34.94 2.50
CA LEU A 550 -22.09 -34.23 3.04
C LEU A 550 -21.69 -33.52 4.35
N ASN A 551 -20.85 -34.18 5.14
CA ASN A 551 -20.33 -33.58 6.37
C ASN A 551 -19.58 -32.29 6.09
N ILE A 552 -18.69 -32.35 5.10
CA ILE A 552 -17.89 -31.20 4.70
C ILE A 552 -18.78 -30.03 4.26
N GLN A 553 -19.86 -30.34 3.56
CA GLN A 553 -20.79 -29.31 3.10
C GLN A 553 -21.64 -28.73 4.24
N GLU A 554 -21.98 -29.56 5.21
CA GLU A 554 -22.72 -29.08 6.38
C GLU A 554 -21.79 -28.26 7.27
N GLY A 555 -20.54 -28.69 7.36
CA GLY A 555 -19.55 -28.00 8.17
C GLY A 555 -19.23 -26.60 7.67
N LEU A 556 -19.16 -26.44 6.35
CA LEU A 556 -18.83 -25.16 5.75
C LEU A 556 -20.03 -24.21 5.72
N ALA A 557 -21.24 -24.77 5.62
CA ALA A 557 -22.46 -23.97 5.57
C ALA A 557 -22.84 -23.43 6.96
N TYR A 558 -22.63 -24.25 7.98
CA TYR A 558 -22.92 -23.82 9.35
C TYR A 558 -21.69 -23.23 10.05
N LEU A 559 -20.60 -23.12 9.29
CA LEU A 559 -19.36 -22.54 9.81
C LEU A 559 -19.51 -21.09 10.25
N ASN A 560 -19.07 -20.80 11.47
CA ASN A 560 -18.89 -19.43 11.91
C ASN A 560 -17.42 -19.17 12.16
N PRO A 561 -16.81 -18.34 11.31
CA PRO A 561 -15.37 -18.01 11.41
C PRO A 561 -15.05 -17.25 12.67
N SER A 562 -15.92 -16.33 13.05
CA SER A 562 -15.71 -15.46 14.20
C SER A 562 -15.81 -16.16 15.54
N LYS A 563 -16.88 -16.91 15.76
CA LYS A 563 -17.10 -17.54 17.06
C LYS A 563 -16.73 -19.02 17.22
N HIS A 564 -16.27 -19.69 16.17
CA HIS A 564 -15.87 -21.08 16.31
C HIS A 564 -14.71 -21.48 15.41
N MET A 565 -13.89 -22.43 15.87
CA MET A 565 -12.71 -22.86 15.12
C MET A 565 -13.05 -23.95 14.11
N PHE A 566 -12.81 -23.68 12.83
CA PHE A 566 -12.92 -24.73 11.82
C PHE A 566 -11.58 -25.45 11.68
N THR A 567 -11.62 -26.78 11.73
CA THR A 567 -10.43 -27.59 11.58
C THR A 567 -10.66 -28.76 10.62
N ILE A 568 -9.68 -29.04 9.76
CA ILE A 568 -9.79 -30.08 8.74
C ILE A 568 -9.97 -31.52 9.28
N PRO A 569 -9.19 -31.92 10.30
CA PRO A 569 -9.43 -33.26 10.86
C PRO A 569 -10.83 -33.45 11.43
N ASN A 570 -11.56 -32.36 11.67
CA ASN A 570 -12.97 -32.44 12.06
C ASN A 570 -13.89 -32.83 10.91
N VAL A 571 -13.54 -32.39 9.71
CA VAL A 571 -14.26 -32.76 8.50
C VAL A 571 -13.66 -33.95 7.74
N TYR A 572 -12.66 -34.60 8.33
CA TYR A 572 -11.89 -35.62 7.63
C TYR A 572 -12.71 -36.88 7.37
N SER A 573 -12.12 -37.84 6.67
CA SER A 573 -12.81 -39.02 6.16
C SER A 573 -11.78 -39.89 5.44
N PRO A 574 -12.00 -41.22 5.45
CA PRO A 574 -11.09 -42.13 4.76
C PRO A 574 -10.94 -41.80 3.28
N CYS A 575 -11.97 -41.20 2.70
CA CYS A 575 -11.95 -40.81 1.30
C CYS A 575 -10.91 -39.73 1.01
N MET A 576 -10.48 -39.03 2.06
CA MET A 576 -9.43 -38.02 1.96
C MET A 576 -8.07 -38.72 1.91
N GLY A 577 -7.99 -39.91 2.52
CA GLY A 577 -6.76 -40.67 2.55
C GLY A 577 -6.79 -41.83 1.57
N SER A 578 -7.73 -41.77 0.64
CA SER A 578 -8.01 -42.89 -0.26
C SER A 578 -7.48 -42.64 -1.65
N LEU A 579 -7.13 -43.71 -2.37
CA LEU A 579 -6.85 -43.53 -3.78
C LEU A 579 -8.10 -43.97 -4.53
N ARG A 580 -8.93 -43.00 -4.87
CA ARG A 580 -10.00 -43.17 -5.84
C ARG A 580 -10.14 -41.86 -6.60
N THR A 581 -9.99 -41.90 -7.93
CA THR A 581 -10.16 -40.70 -8.73
C THR A 581 -11.56 -40.66 -9.34
N ASP A 582 -12.36 -41.67 -9.02
CA ASP A 582 -13.64 -41.90 -9.69
C ASP A 582 -14.87 -41.35 -8.98
N LEU A 583 -14.71 -40.76 -7.79
CA LEU A 583 -15.85 -40.25 -7.05
C LEU A 583 -16.46 -39.00 -7.68
N THR A 584 -15.75 -38.45 -8.66
CA THR A 584 -16.22 -37.27 -9.38
C THR A 584 -17.07 -37.65 -10.59
N GLU A 585 -17.27 -38.96 -10.79
CA GLU A 585 -18.09 -39.45 -11.90
C GLU A 585 -19.57 -39.12 -11.68
N GLU A 586 -20.28 -38.90 -12.78
CA GLU A 586 -21.68 -38.45 -12.76
C GLU A 586 -22.59 -39.32 -11.89
N ILE A 587 -22.33 -40.62 -11.87
CA ILE A 587 -23.09 -41.56 -11.06
C ILE A 587 -23.10 -41.15 -9.58
N HIS A 588 -21.93 -41.14 -8.97
CA HIS A 588 -21.78 -40.85 -7.55
C HIS A 588 -22.20 -39.41 -7.19
N VAL A 589 -21.89 -38.46 -8.06
CA VAL A 589 -22.25 -37.06 -7.83
C VAL A 589 -23.76 -36.88 -7.70
N MET A 590 -24.52 -37.45 -8.63
CA MET A 590 -25.96 -37.34 -8.61
C MET A 590 -26.58 -38.13 -7.46
N ASN A 591 -25.79 -39.05 -6.89
CA ASN A 591 -26.20 -39.76 -5.69
C ASN A 591 -26.03 -38.88 -4.45
N LEU A 592 -25.11 -37.93 -4.54
CA LEU A 592 -24.90 -36.97 -3.45
C LEU A 592 -26.11 -36.03 -3.37
N LEU A 593 -26.50 -35.49 -4.51
CA LEU A 593 -27.63 -34.56 -4.59
C LEU A 593 -28.93 -35.16 -4.05
N SER A 594 -29.13 -36.44 -4.30
CA SER A 594 -30.33 -37.13 -3.81
C SER A 594 -30.14 -37.62 -2.38
N ALA A 595 -28.91 -37.56 -1.89
CA ALA A 595 -28.63 -37.85 -0.49
C ALA A 595 -28.64 -36.58 0.35
N ILE A 596 -28.74 -35.43 -0.32
CA ILE A 596 -28.70 -34.13 0.37
C ILE A 596 -29.84 -33.86 1.37
N PRO A 597 -31.11 -34.10 0.98
CA PRO A 597 -32.19 -33.82 1.94
C PRO A 597 -32.15 -34.65 3.23
N THR A 598 -31.35 -35.72 3.23
CA THR A 598 -31.24 -36.59 4.41
C THR A 598 -30.73 -35.84 5.65
N ARG A 599 -30.14 -34.66 5.42
CA ARG A 599 -29.72 -33.77 6.49
C ARG A 599 -30.51 -32.47 6.32
N PRO A 600 -31.69 -32.40 6.96
CA PRO A 600 -32.74 -31.41 6.69
C PRO A 600 -32.26 -29.95 6.71
N GLY A 601 -31.46 -29.59 7.71
CA GLY A 601 -30.96 -28.24 7.81
C GLY A 601 -30.05 -27.87 6.66
N LEU A 602 -29.25 -28.84 6.21
CA LEU A 602 -28.30 -28.63 5.12
C LEU A 602 -28.98 -28.25 3.81
N ASN A 603 -30.01 -28.99 3.44
CA ASN A 603 -30.70 -28.76 2.17
C ASN A 603 -31.40 -27.40 2.12
N GLU A 604 -31.80 -26.89 3.27
CA GLU A 604 -32.45 -25.60 3.35
C GLU A 604 -31.46 -24.47 3.03
N VAL A 605 -30.34 -24.46 3.75
CA VAL A 605 -29.33 -23.41 3.61
C VAL A 605 -28.68 -23.39 2.22
N LEU A 606 -28.51 -24.57 1.62
CA LEU A 606 -27.88 -24.68 0.31
C LEU A 606 -28.70 -24.01 -0.80
N HIS A 607 -30.03 -24.15 -0.73
CA HIS A 607 -30.92 -23.61 -1.75
C HIS A 607 -31.14 -22.11 -1.63
N THR A 608 -30.80 -21.54 -0.46
CA THR A 608 -31.05 -20.13 -0.19
C THR A 608 -29.96 -19.20 -0.73
N GLN A 609 -28.87 -19.78 -1.22
CA GLN A 609 -27.78 -19.02 -1.81
C GLN A 609 -27.46 -19.47 -3.23
N LEU A 610 -27.05 -20.73 -3.35
CA LEU A 610 -26.67 -21.29 -4.65
C LEU A 610 -27.87 -21.74 -5.47
N ASP A 611 -27.80 -21.48 -6.78
CA ASP A 611 -28.80 -21.95 -7.73
C ASP A 611 -28.76 -23.47 -7.80
N GLU A 612 -29.87 -24.08 -8.22
CA GLU A 612 -29.94 -25.53 -8.36
C GLU A 612 -28.87 -26.06 -9.31
N SER A 613 -28.39 -25.19 -10.20
CA SER A 613 -27.28 -25.51 -11.08
C SER A 613 -25.95 -25.39 -10.32
N GLU A 614 -25.87 -24.42 -9.43
CA GLU A 614 -24.67 -24.22 -8.61
C GLU A 614 -24.50 -25.31 -7.57
N ILE A 615 -25.63 -25.85 -7.10
CA ILE A 615 -25.60 -26.93 -6.10
C ILE A 615 -25.00 -28.20 -6.70
N PHE A 616 -25.33 -28.49 -7.96
CA PHE A 616 -24.74 -29.63 -8.65
C PHE A 616 -23.24 -29.45 -8.83
N ASP A 617 -22.83 -28.21 -9.09
CA ASP A 617 -21.40 -27.89 -9.20
C ASP A 617 -20.73 -27.95 -7.83
N ALA A 618 -21.35 -27.30 -6.84
CA ALA A 618 -20.81 -27.30 -5.48
C ALA A 618 -20.66 -28.71 -4.92
N ALA A 619 -21.60 -29.58 -5.30
CA ALA A 619 -21.53 -30.98 -4.89
C ALA A 619 -20.45 -31.72 -5.65
N PHE A 620 -20.14 -31.23 -6.85
CA PHE A 620 -19.03 -31.77 -7.64
C PHE A 620 -17.70 -31.28 -7.08
N LYS A 621 -17.67 -30.03 -6.64
CA LYS A 621 -16.49 -29.45 -6.02
C LYS A 621 -16.04 -30.24 -4.79
N THR A 622 -16.99 -30.56 -3.91
CA THR A 622 -16.68 -31.29 -2.67
C THR A 622 -16.38 -32.76 -2.92
N MET A 623 -16.72 -33.26 -4.10
CA MET A 623 -16.33 -34.62 -4.49
C MET A 623 -14.93 -34.65 -5.10
N MET A 624 -14.45 -33.48 -5.51
CA MET A 624 -13.11 -33.36 -6.09
C MET A 624 -12.03 -33.58 -5.04
N ILE A 625 -12.31 -33.13 -3.82
CA ILE A 625 -11.36 -33.20 -2.70
C ILE A 625 -10.84 -34.61 -2.45
N PHE A 626 -11.75 -35.57 -2.33
CA PHE A 626 -11.40 -36.96 -2.03
C PHE A 626 -10.45 -37.56 -3.08
N THR A 627 -10.67 -37.18 -4.34
CA THR A 627 -9.80 -37.64 -5.43
C THR A 627 -8.52 -36.84 -5.50
N THR A 628 -8.60 -35.56 -5.15
CA THR A 628 -7.45 -34.67 -5.31
C THR A 628 -6.57 -34.55 -4.07
N TRP A 629 -6.91 -35.28 -3.01
CA TRP A 629 -6.17 -35.13 -1.77
C TRP A 629 -4.92 -36.01 -1.70
N THR A 630 -5.14 -37.29 -1.45
CA THR A 630 -4.03 -38.26 -1.42
C THR A 630 -3.70 -38.78 -2.81
N ALA A 631 -4.73 -39.10 -3.57
CA ALA A 631 -4.57 -39.75 -4.85
C ALA A 631 -3.90 -38.85 -5.88
N LYS A 632 -4.10 -37.55 -5.74
CA LYS A 632 -3.52 -36.58 -6.65
C LYS A 632 -2.08 -36.22 -6.27
N ASP A 633 -1.66 -36.62 -5.07
CA ASP A 633 -0.29 -36.36 -4.64
C ASP A 633 0.62 -37.30 -5.40
N LEU A 634 1.55 -36.73 -6.16
CA LEU A 634 2.43 -37.49 -7.01
C LEU A 634 3.56 -38.11 -6.19
N HIS A 635 4.01 -37.36 -5.20
CA HIS A 635 5.07 -37.84 -4.31
C HIS A 635 4.62 -39.03 -3.45
N ILE A 636 3.38 -38.96 -2.95
CA ILE A 636 2.82 -40.04 -2.16
C ILE A 636 2.71 -41.32 -3.00
N LEU A 637 2.27 -41.15 -4.24
CA LEU A 637 2.14 -42.28 -5.17
C LEU A 637 3.48 -42.94 -5.49
N HIS A 638 4.42 -42.15 -5.99
CA HIS A 638 5.71 -42.65 -6.48
C HIS A 638 6.45 -43.53 -5.48
N THR A 639 6.35 -43.19 -4.19
CA THR A 639 7.05 -43.93 -3.15
C THR A 639 6.36 -45.26 -2.81
N HIS A 640 5.04 -45.21 -2.60
CA HIS A 640 4.29 -46.38 -2.17
C HIS A 640 3.79 -47.31 -3.27
N VAL A 641 3.77 -46.83 -4.51
CA VAL A 641 3.40 -47.67 -5.65
C VAL A 641 4.23 -47.36 -6.89
N PRO A 642 5.54 -47.68 -6.84
CA PRO A 642 6.44 -47.41 -7.97
C PRO A 642 6.08 -48.27 -9.18
N GLU A 643 5.52 -49.44 -8.90
CA GLU A 643 5.15 -50.41 -9.93
C GLU A 643 4.21 -49.81 -10.97
N VAL A 644 3.25 -49.02 -10.51
CA VAL A 644 2.31 -48.33 -11.38
C VAL A 644 3.04 -47.47 -12.41
N PHE A 645 4.13 -46.85 -11.98
CA PHE A 645 4.88 -45.90 -12.81
C PHE A 645 6.10 -46.48 -13.51
N THR A 646 6.41 -47.76 -13.28
CA THR A 646 7.69 -48.34 -13.66
C THR A 646 8.09 -48.19 -15.13
N CYS A 647 7.43 -48.94 -16.01
CA CYS A 647 7.67 -48.77 -17.44
C CYS A 647 7.02 -47.48 -17.87
N GLN A 648 7.47 -46.91 -18.99
CA GLN A 648 6.90 -45.65 -19.45
C GLN A 648 5.40 -45.86 -19.60
N ASP A 649 4.62 -45.07 -18.87
CA ASP A 649 3.20 -45.32 -18.75
C ASP A 649 2.42 -44.04 -18.85
N ALA A 650 1.49 -43.99 -19.81
CA ALA A 650 0.62 -42.84 -19.96
C ALA A 650 -0.41 -42.81 -18.85
N ALA A 651 -1.08 -43.94 -18.65
CA ALA A 651 -2.18 -44.05 -17.68
C ALA A 651 -1.83 -43.57 -16.27
N ALA A 652 -0.59 -43.78 -15.86
CA ALA A 652 -0.13 -43.32 -14.56
C ALA A 652 -0.14 -41.80 -14.46
N ARG A 653 0.49 -41.13 -15.42
CA ARG A 653 0.61 -39.68 -15.39
C ARG A 653 -0.53 -38.96 -16.10
N ASN A 654 -1.37 -39.71 -16.82
CA ASN A 654 -2.53 -39.12 -17.47
C ASN A 654 -3.80 -39.27 -16.63
N GLY A 655 -3.68 -39.96 -15.51
CA GLY A 655 -4.82 -40.18 -14.64
C GLY A 655 -5.83 -41.15 -15.21
N GLU A 656 -5.39 -41.94 -16.20
CA GLU A 656 -6.28 -42.94 -16.81
C GLU A 656 -6.56 -44.07 -15.84
N TYR A 657 -5.67 -44.25 -14.87
CA TYR A 657 -5.92 -45.22 -13.82
C TYR A 657 -6.89 -44.55 -12.87
N VAL A 658 -8.09 -45.12 -12.75
CA VAL A 658 -9.14 -44.52 -11.95
C VAL A 658 -8.95 -44.83 -10.46
N LEU A 659 -8.49 -46.04 -10.18
CA LEU A 659 -8.35 -46.51 -8.81
C LEU A 659 -7.16 -47.46 -8.71
N ILE A 660 -6.38 -47.35 -7.64
CA ILE A 660 -5.18 -48.18 -7.47
C ILE A 660 -5.20 -48.93 -6.14
N LEU A 661 -5.04 -50.24 -6.20
CA LEU A 661 -4.99 -51.06 -4.99
C LEU A 661 -3.64 -51.75 -4.82
N PRO A 662 -2.88 -51.34 -3.79
CA PRO A 662 -1.60 -51.99 -3.53
C PRO A 662 -1.76 -53.47 -3.18
N ALA A 663 -1.06 -54.32 -3.91
CA ALA A 663 -0.97 -55.75 -3.64
C ALA A 663 0.27 -56.01 -2.81
N VAL A 664 0.72 -57.27 -2.76
CA VAL A 664 1.95 -57.59 -2.06
C VAL A 664 3.12 -56.95 -2.81
N GLN A 665 4.34 -57.12 -2.29
CA GLN A 665 5.50 -56.40 -2.80
C GLN A 665 5.74 -56.56 -4.30
N GLY A 666 6.01 -55.45 -4.97
CA GLY A 666 6.32 -55.46 -6.39
C GLY A 666 5.09 -55.48 -7.28
N HIS A 667 3.92 -55.64 -6.67
CA HIS A 667 2.67 -55.75 -7.43
C HIS A 667 1.54 -54.91 -6.83
N SER A 668 0.67 -54.41 -7.71
CA SER A 668 -0.56 -53.73 -7.29
C SER A 668 -1.63 -53.86 -8.37
N TYR A 669 -2.89 -53.90 -7.97
CA TYR A 669 -3.96 -53.89 -8.95
C TYR A 669 -4.15 -52.47 -9.45
N VAL A 670 -5.01 -52.30 -10.45
CA VAL A 670 -5.42 -50.97 -10.88
C VAL A 670 -6.72 -51.03 -11.71
N ILE A 671 -7.44 -49.92 -11.81
CA ILE A 671 -8.67 -49.85 -12.61
C ILE A 671 -8.50 -48.80 -13.70
N THR A 672 -8.79 -49.19 -14.95
CA THR A 672 -8.64 -48.27 -16.07
C THR A 672 -9.86 -48.27 -17.02
N ARG A 673 -10.22 -47.09 -17.51
CA ARG A 673 -11.32 -46.94 -18.45
C ARG A 673 -10.96 -47.31 -19.89
N ASN A 674 -9.84 -46.81 -20.37
CA ASN A 674 -9.41 -47.06 -21.75
C ASN A 674 -8.51 -48.28 -21.89
N LYS A 675 -7.94 -48.44 -23.09
CA LYS A 675 -7.15 -49.61 -23.41
C LYS A 675 -5.86 -49.66 -22.61
N PRO A 676 -5.72 -50.68 -21.75
CA PRO A 676 -4.50 -50.87 -20.93
C PRO A 676 -3.29 -51.20 -21.80
N GLN A 677 -2.19 -50.49 -21.60
CA GLN A 677 -0.98 -50.74 -22.38
C GLN A 677 0.02 -51.63 -21.64
N ARG A 678 -0.33 -52.06 -20.43
CA ARG A 678 0.59 -52.85 -19.61
C ARG A 678 -0.13 -53.75 -18.60
N GLY A 679 0.56 -54.80 -18.16
CA GLY A 679 0.11 -55.61 -17.04
C GLY A 679 -0.65 -56.87 -17.42
N LEU A 680 -1.31 -57.45 -16.42
CA LEU A 680 -2.17 -58.61 -16.62
C LEU A 680 -3.63 -58.17 -16.54
N VAL A 681 -4.32 -58.18 -17.68
CA VAL A 681 -5.64 -57.56 -17.77
C VAL A 681 -6.82 -58.50 -17.59
N TYR A 682 -7.69 -58.17 -16.65
CA TYR A 682 -8.96 -58.87 -16.48
C TYR A 682 -10.09 -57.90 -16.83
N SER A 683 -10.77 -58.15 -17.94
CA SER A 683 -11.87 -57.30 -18.36
C SER A 683 -13.21 -57.91 -17.99
N LEU A 684 -14.08 -57.10 -17.39
CA LEU A 684 -15.39 -57.58 -16.98
C LEU A 684 -16.39 -57.31 -18.09
N ALA A 685 -16.91 -58.38 -18.69
CA ALA A 685 -17.71 -58.28 -19.91
C ALA A 685 -19.17 -57.90 -19.66
N ASP A 686 -19.58 -57.97 -18.40
CA ASP A 686 -20.94 -57.63 -18.01
C ASP A 686 -21.20 -56.12 -18.07
N VAL A 687 -20.15 -55.36 -18.37
CA VAL A 687 -20.15 -53.91 -18.27
C VAL A 687 -20.29 -53.24 -19.63
N ASP A 688 -20.90 -52.05 -19.65
CA ASP A 688 -21.16 -51.30 -20.87
C ASP A 688 -19.91 -51.04 -21.71
N VAL A 689 -20.08 -51.02 -23.02
CA VAL A 689 -18.98 -50.86 -23.97
C VAL A 689 -18.21 -49.55 -23.78
N TYR A 690 -18.93 -48.43 -23.74
CA TYR A 690 -18.29 -47.12 -23.69
C TYR A 690 -17.72 -46.78 -22.31
N ASN A 691 -18.28 -47.39 -21.26
CA ASN A 691 -17.81 -47.15 -19.90
C ASN A 691 -17.39 -48.46 -19.22
N PRO A 692 -16.28 -49.06 -19.69
CA PRO A 692 -15.92 -50.41 -19.21
C PRO A 692 -15.14 -50.39 -17.91
N ILE A 693 -14.83 -51.58 -17.40
CA ILE A 693 -14.01 -51.73 -16.21
C ILE A 693 -12.98 -52.83 -16.43
N SER A 694 -11.71 -52.49 -16.26
CA SER A 694 -10.63 -53.45 -16.45
C SER A 694 -9.76 -53.52 -15.20
N VAL A 695 -9.70 -54.68 -14.55
CA VAL A 695 -8.83 -54.80 -13.40
C VAL A 695 -7.49 -55.33 -13.87
N VAL A 696 -6.51 -54.43 -13.94
CA VAL A 696 -5.14 -54.79 -14.28
C VAL A 696 -4.37 -55.26 -13.07
N TYR A 697 -3.34 -56.06 -13.27
CA TYR A 697 -2.42 -56.38 -12.17
C TYR A 697 -1.00 -56.04 -12.64
N LEU A 698 -0.47 -54.96 -12.09
CA LEU A 698 0.84 -54.44 -12.46
C LEU A 698 2.01 -55.08 -11.72
N SER A 699 3.18 -55.06 -12.33
CA SER A 699 4.40 -55.50 -11.68
C SER A 699 5.54 -54.52 -11.92
N LYS A 700 6.45 -54.41 -10.95
CA LYS A 700 7.57 -53.48 -11.04
C LYS A 700 8.45 -53.74 -12.27
N ASP A 701 9.12 -54.89 -12.29
CA ASP A 701 10.03 -55.20 -13.38
C ASP A 701 9.33 -55.83 -14.59
N THR A 702 8.05 -56.19 -14.44
CA THR A 702 7.32 -56.80 -15.54
C THR A 702 6.38 -55.79 -16.21
N CYS A 703 6.80 -55.33 -17.39
CA CYS A 703 6.01 -54.39 -18.20
C CYS A 703 5.26 -55.03 -19.38
N VAL A 704 5.34 -56.34 -19.49
CA VAL A 704 4.67 -57.03 -20.61
C VAL A 704 3.15 -57.07 -20.43
N SER A 705 2.43 -56.97 -21.55
CA SER A 705 0.98 -57.05 -21.53
C SER A 705 0.49 -58.46 -21.86
N GLU A 706 -0.57 -58.88 -21.17
CA GLU A 706 -1.21 -60.16 -21.44
C GLU A 706 -2.62 -60.15 -20.88
N HIS A 707 -3.29 -61.30 -20.94
CA HIS A 707 -4.64 -61.41 -20.39
C HIS A 707 -4.79 -62.67 -19.52
N GLY A 708 -5.54 -62.54 -18.44
CA GLY A 708 -5.75 -63.64 -17.52
C GLY A 708 -7.11 -64.28 -17.71
N VAL A 709 -7.45 -65.17 -16.78
CA VAL A 709 -8.73 -65.87 -16.84
C VAL A 709 -9.52 -65.61 -15.57
N ILE A 710 -10.71 -65.02 -15.71
CA ILE A 710 -11.58 -64.87 -14.56
C ILE A 710 -12.07 -66.26 -14.19
N GLU A 711 -11.80 -66.67 -12.96
CA GLU A 711 -12.19 -67.99 -12.51
C GLU A 711 -13.41 -67.88 -11.61
N THR A 712 -13.89 -69.02 -11.12
CA THR A 712 -15.04 -69.01 -10.22
C THR A 712 -14.82 -69.99 -9.08
N VAL A 713 -14.99 -69.50 -7.85
CA VAL A 713 -15.00 -70.36 -6.68
C VAL A 713 -16.27 -70.09 -5.88
N ALA A 714 -16.46 -70.83 -4.79
CA ALA A 714 -17.62 -70.62 -3.94
C ALA A 714 -17.18 -70.34 -2.51
N LEU A 715 -18.15 -70.12 -1.63
CA LEU A 715 -17.87 -69.85 -0.23
C LEU A 715 -18.20 -71.05 0.65
N PRO A 716 -17.22 -71.51 1.45
CA PRO A 716 -17.48 -72.60 2.39
C PRO A 716 -18.47 -72.13 3.44
N HIS A 717 -19.18 -73.07 4.07
CA HIS A 717 -20.11 -72.73 5.13
C HIS A 717 -19.35 -72.00 6.23
N PRO A 718 -19.89 -70.87 6.71
CA PRO A 718 -19.22 -69.99 7.68
C PRO A 718 -18.68 -70.72 8.90
N ASP A 719 -19.46 -71.65 9.44
CA ASP A 719 -19.06 -72.39 10.64
C ASP A 719 -18.43 -73.76 10.32
N ASN A 720 -18.30 -74.07 9.04
CA ASN A 720 -17.67 -75.33 8.62
C ASN A 720 -16.16 -75.24 8.81
N LEU A 721 -15.52 -74.39 8.02
CA LEU A 721 -14.09 -74.19 8.13
C LEU A 721 -13.78 -73.02 9.05
N LYS A 722 -13.19 -73.33 10.20
CA LYS A 722 -12.77 -72.32 11.16
C LYS A 722 -11.39 -71.83 10.76
N GLU A 723 -10.93 -72.32 9.62
CA GLU A 723 -9.68 -71.89 9.01
C GLU A 723 -9.97 -70.85 7.92
N CYS A 724 -9.12 -69.83 7.81
CA CYS A 724 -9.35 -68.75 6.85
C CYS A 724 -8.30 -68.72 5.74
N LEU A 725 -8.69 -69.14 4.53
CA LEU A 725 -7.84 -68.97 3.36
C LEU A 725 -8.20 -67.72 2.57
N TYR A 726 -9.34 -67.11 2.91
CA TYR A 726 -9.87 -65.98 2.14
C TYR A 726 -9.19 -64.65 2.45
N CYS A 727 -8.84 -64.47 3.73
CA CYS A 727 -8.34 -63.19 4.24
C CYS A 727 -7.15 -62.65 3.45
N GLY A 728 -7.16 -61.34 3.20
CA GLY A 728 -6.13 -60.71 2.41
C GLY A 728 -6.64 -60.36 1.03
N SER A 729 -7.80 -60.92 0.66
CA SER A 729 -8.41 -60.64 -0.63
C SER A 729 -9.22 -59.36 -0.59
N VAL A 730 -9.79 -58.97 -1.72
CA VAL A 730 -10.62 -57.78 -1.79
C VAL A 730 -11.97 -58.09 -2.45
N PHE A 731 -13.04 -57.49 -1.95
CA PHE A 731 -14.36 -57.64 -2.56
C PHE A 731 -14.70 -56.38 -3.34
N LEU A 732 -14.85 -56.52 -4.65
CA LEU A 732 -15.11 -55.37 -5.52
C LEU A 732 -16.53 -55.43 -6.10
N ARG A 733 -17.39 -54.52 -5.63
CA ARG A 733 -18.77 -54.45 -6.10
C ARG A 733 -18.94 -53.27 -7.04
N TYR A 734 -19.71 -53.48 -8.11
CA TYR A 734 -19.85 -52.49 -9.16
C TYR A 734 -21.15 -52.71 -9.94
N LEU A 735 -21.60 -51.66 -10.64
CA LEU A 735 -22.78 -51.77 -11.48
C LEU A 735 -22.37 -52.02 -12.93
N THR A 736 -23.37 -52.18 -13.80
CA THR A 736 -23.12 -52.39 -15.22
C THR A 736 -23.09 -51.06 -15.96
N THR A 737 -23.24 -49.98 -15.20
CA THR A 737 -23.17 -48.63 -15.74
C THR A 737 -21.71 -48.20 -15.88
N GLY A 738 -20.80 -49.08 -15.46
CA GLY A 738 -19.38 -48.79 -15.52
C GLY A 738 -18.90 -48.20 -14.22
N ALA A 739 -19.85 -47.78 -13.38
CA ALA A 739 -19.54 -47.19 -12.10
C ALA A 739 -18.93 -48.22 -11.15
N ILE A 740 -18.15 -47.73 -10.20
CA ILE A 740 -17.58 -48.57 -9.16
C ILE A 740 -18.24 -48.18 -7.84
N MET A 741 -18.52 -49.16 -6.98
CA MET A 741 -19.28 -48.90 -5.77
C MET A 741 -18.49 -49.12 -4.48
N ASP A 742 -18.28 -50.38 -4.13
CA ASP A 742 -17.66 -50.70 -2.84
C ASP A 742 -16.40 -51.53 -3.00
N ILE A 743 -15.29 -51.03 -2.47
CA ILE A 743 -14.08 -51.83 -2.37
C ILE A 743 -13.98 -52.29 -0.92
N ILE A 744 -14.21 -53.57 -0.67
CA ILE A 744 -14.10 -54.11 0.69
C ILE A 744 -12.97 -55.14 0.79
N ILE A 745 -12.08 -54.94 1.75
CA ILE A 745 -11.02 -55.89 2.04
C ILE A 745 -11.54 -56.85 3.09
N ILE A 746 -11.23 -58.13 2.96
CA ILE A 746 -11.60 -59.08 4.00
C ILE A 746 -10.42 -59.16 4.96
N ASP A 747 -10.60 -58.57 6.14
CA ASP A 747 -9.54 -58.48 7.14
C ASP A 747 -9.40 -59.74 7.97
N SER A 748 -10.54 -60.27 8.40
CA SER A 748 -10.57 -61.32 9.40
C SER A 748 -11.61 -62.38 9.09
N LYS A 749 -11.55 -63.48 9.83
CA LYS A 749 -12.47 -64.59 9.65
C LYS A 749 -13.88 -64.18 10.06
N ASP A 750 -13.97 -63.16 10.91
CA ASP A 750 -15.26 -62.60 11.32
C ASP A 750 -15.94 -61.93 10.14
N THR A 751 -15.15 -61.26 9.31
CA THR A 751 -15.65 -60.62 8.09
C THR A 751 -15.89 -61.66 7.01
N GLU A 752 -14.96 -62.61 6.91
CA GLU A 752 -15.06 -63.69 5.92
C GLU A 752 -16.35 -64.47 6.09
N ARG A 753 -16.75 -64.71 7.33
CA ARG A 753 -18.01 -65.38 7.63
C ARG A 753 -19.21 -64.53 7.19
N GLN A 754 -19.07 -63.22 7.35
CA GLN A 754 -20.12 -62.29 6.94
C GLN A 754 -20.34 -62.31 5.44
N LEU A 755 -19.29 -62.64 4.69
CA LEU A 755 -19.41 -62.76 3.24
C LEU A 755 -20.27 -63.97 2.85
N ALA A 756 -20.06 -65.08 3.53
CA ALA A 756 -20.77 -66.32 3.24
C ALA A 756 -22.29 -66.20 3.42
N ALA A 757 -22.72 -65.22 4.20
CA ALA A 757 -24.14 -64.99 4.43
C ALA A 757 -24.66 -63.85 3.57
N MET A 758 -25.49 -64.19 2.59
CA MET A 758 -26.08 -63.19 1.72
C MET A 758 -27.46 -62.81 2.22
N GLY A 759 -27.61 -61.57 2.68
CA GLY A 759 -28.86 -61.11 3.27
C GLY A 759 -28.82 -61.22 4.78
N ASN A 760 -27.97 -62.11 5.27
CA ASN A 760 -27.76 -62.25 6.72
C ASN A 760 -26.52 -61.48 7.19
N SER A 761 -25.82 -60.85 6.25
CA SER A 761 -24.61 -60.11 6.58
C SER A 761 -24.94 -58.75 7.16
N THR A 762 -24.11 -58.31 8.10
CA THR A 762 -24.23 -56.97 8.66
C THR A 762 -23.57 -55.95 7.74
N ILE A 763 -22.79 -56.45 6.79
CA ILE A 763 -22.05 -55.61 5.85
C ILE A 763 -22.81 -55.50 4.52
N PRO A 764 -23.38 -54.32 4.25
CA PRO A 764 -24.23 -54.06 3.06
C PRO A 764 -23.67 -54.42 1.67
N PRO A 765 -22.36 -54.21 1.40
CA PRO A 765 -21.89 -54.61 0.08
C PRO A 765 -21.86 -56.13 -0.13
N PHE A 766 -21.73 -56.89 0.95
CA PHE A 766 -21.72 -58.35 0.89
C PHE A 766 -23.10 -58.95 0.61
N ASN A 767 -24.15 -58.22 0.96
CA ASN A 767 -25.51 -58.66 0.75
C ASN A 767 -26.10 -57.96 -0.46
N PRO A 768 -26.25 -58.69 -1.58
CA PRO A 768 -26.89 -58.02 -2.72
C PRO A 768 -28.40 -58.21 -2.73
N ASP A 769 -29.05 -58.08 -1.57
CA ASP A 769 -30.50 -57.89 -1.52
C ASP A 769 -30.81 -56.43 -1.24
N MET A 770 -29.76 -55.67 -0.94
CA MET A 770 -29.88 -54.25 -0.63
C MET A 770 -29.56 -53.40 -1.84
N HIS A 771 -29.21 -54.07 -2.94
CA HIS A 771 -28.82 -53.38 -4.16
C HIS A 771 -29.79 -53.69 -5.29
N GLY A 772 -29.53 -53.15 -6.46
CA GLY A 772 -30.32 -53.44 -7.64
C GLY A 772 -29.88 -54.73 -8.29
N ASP A 773 -30.37 -55.00 -9.50
CA ASP A 773 -30.00 -56.20 -10.22
C ASP A 773 -28.70 -56.00 -11.01
N ASP A 774 -28.13 -54.81 -10.89
CA ASP A 774 -26.89 -54.47 -11.59
C ASP A 774 -25.67 -54.83 -10.76
N SER A 775 -25.89 -55.23 -9.51
CA SER A 775 -24.78 -55.49 -8.60
C SER A 775 -24.10 -56.81 -8.94
N LYS A 776 -22.81 -56.73 -9.26
CA LYS A 776 -22.01 -57.90 -9.57
C LYS A 776 -20.79 -57.91 -8.66
N ALA A 777 -20.33 -59.11 -8.30
CA ALA A 777 -19.26 -59.25 -7.33
C ALA A 777 -18.00 -59.89 -7.91
N VAL A 778 -16.85 -59.26 -7.66
CA VAL A 778 -15.56 -59.83 -8.04
C VAL A 778 -14.66 -59.96 -6.83
N LEU A 779 -13.89 -61.05 -6.76
CA LEU A 779 -12.99 -61.28 -5.64
C LEU A 779 -11.53 -61.19 -6.09
N LEU A 780 -10.85 -60.13 -5.66
CA LEU A 780 -9.48 -59.87 -6.08
C LEU A 780 -8.48 -60.50 -5.10
N PHE A 781 -7.41 -61.09 -5.63
CA PHE A 781 -6.45 -61.83 -4.82
C PHE A 781 -5.06 -61.21 -4.80
N PRO A 782 -4.32 -61.41 -3.70
CA PRO A 782 -2.93 -60.94 -3.58
C PRO A 782 -2.06 -61.46 -4.72
N ASN A 783 -2.36 -62.67 -5.22
CA ASN A 783 -1.66 -63.25 -6.35
C ASN A 783 -1.80 -62.41 -7.61
N GLY A 784 -2.94 -61.73 -7.73
CA GLY A 784 -3.34 -61.11 -8.97
C GLY A 784 -4.48 -61.90 -9.57
N THR A 785 -4.76 -63.05 -8.97
CA THR A 785 -5.86 -63.90 -9.38
C THR A 785 -7.18 -63.15 -9.23
N VAL A 786 -8.06 -63.30 -10.21
CA VAL A 786 -9.36 -62.65 -10.16
C VAL A 786 -10.47 -63.70 -10.27
N VAL A 787 -11.37 -63.73 -9.29
CA VAL A 787 -12.38 -64.78 -9.19
C VAL A 787 -13.78 -64.16 -9.06
N THR A 788 -14.82 -64.97 -9.27
CA THR A 788 -16.21 -64.54 -9.09
C THR A 788 -16.93 -65.48 -8.12
N LEU A 789 -17.71 -64.91 -7.21
CA LEU A 789 -18.46 -65.71 -6.25
C LEU A 789 -19.74 -66.26 -6.87
N LEU A 790 -20.02 -67.53 -6.62
CA LEU A 790 -21.24 -68.16 -7.11
C LEU A 790 -22.32 -68.07 -6.04
N GLY A 791 -23.35 -67.27 -6.29
CA GLY A 791 -24.41 -67.07 -5.32
C GLY A 791 -25.35 -65.92 -5.66
N THR B 7 25.80 -9.06 -22.04
CA THR B 7 26.11 -7.74 -21.51
C THR B 7 27.48 -7.72 -20.87
N PRO B 8 28.05 -6.52 -20.74
CA PRO B 8 29.33 -6.35 -20.05
C PRO B 8 29.06 -5.86 -18.63
N LEU B 9 29.32 -6.71 -17.65
CA LEU B 9 28.96 -6.42 -16.27
C LEU B 9 30.02 -5.61 -15.53
N PHE B 10 29.80 -5.40 -14.24
CA PHE B 10 30.65 -4.54 -13.41
C PHE B 10 30.72 -5.13 -12.02
N PHE B 11 31.91 -5.10 -11.41
CA PHE B 11 32.09 -5.69 -10.08
C PHE B 11 31.61 -4.75 -8.99
N GLY B 12 31.36 -3.49 -9.36
CA GLY B 12 30.83 -2.51 -8.43
C GLY B 12 31.90 -1.66 -7.77
N ALA B 13 33.17 -2.05 -7.96
CA ALA B 13 34.26 -1.34 -7.31
C ALA B 13 35.47 -1.15 -8.22
N LYS B 14 35.93 0.10 -8.31
CA LYS B 14 37.23 0.39 -8.91
C LYS B 14 38.01 1.29 -7.95
N PRO B 15 39.32 1.03 -7.81
CA PRO B 15 40.16 1.83 -6.91
C PRO B 15 40.50 3.20 -7.48
N LEU B 16 40.53 4.22 -6.64
CA LEU B 16 40.97 5.55 -7.04
C LEU B 16 41.84 6.19 -5.97
N SER B 17 43.05 6.58 -6.34
CA SER B 17 43.97 7.22 -5.42
C SER B 17 43.65 8.71 -5.23
N ASP B 18 43.25 9.37 -6.31
CA ASP B 18 43.00 10.81 -6.28
C ASP B 18 41.54 11.15 -6.52
N VAL B 19 41.11 12.30 -5.99
CA VAL B 19 39.72 12.75 -6.10
C VAL B 19 39.40 13.33 -7.47
N SER B 20 40.42 13.85 -8.15
CA SER B 20 40.24 14.45 -9.46
C SER B 20 39.84 13.42 -10.50
N LEU B 21 40.24 12.17 -10.27
CA LEU B 21 39.98 11.08 -11.20
C LEU B 21 38.54 10.58 -11.13
N ILE B 22 37.93 10.71 -9.95
CA ILE B 22 36.54 10.30 -9.76
C ILE B 22 35.60 11.11 -10.64
N ILE B 23 35.85 12.41 -10.70
CA ILE B 23 35.03 13.32 -11.50
C ILE B 23 35.21 13.06 -13.00
N THR B 24 36.45 12.77 -13.40
CA THR B 24 36.77 12.52 -14.79
C THR B 24 36.36 11.11 -15.24
N GLU B 25 36.08 10.24 -14.28
CA GLU B 25 35.66 8.87 -14.59
C GLU B 25 34.38 8.87 -15.41
N PRO B 26 34.44 8.30 -16.62
CA PRO B 26 33.30 8.26 -17.55
C PRO B 26 32.13 7.50 -16.95
N CYS B 27 30.91 7.81 -17.40
CA CYS B 27 29.72 7.17 -16.88
C CYS B 27 29.76 5.65 -17.09
N VAL B 28 29.46 4.91 -16.03
CA VAL B 28 29.44 3.46 -16.08
C VAL B 28 28.33 2.96 -17.01
N SER B 29 27.21 3.69 -16.99
CA SER B 29 26.04 3.34 -17.79
C SER B 29 26.33 3.42 -19.30
N SER B 30 27.26 4.27 -19.68
CA SER B 30 27.60 4.47 -21.09
C SER B 30 28.46 3.34 -21.64
N VAL B 31 29.44 2.91 -20.85
CA VAL B 31 30.36 1.85 -21.27
C VAL B 31 29.72 0.46 -21.19
N TYR B 32 29.02 0.20 -20.11
CA TYR B 32 28.45 -1.13 -19.85
C TYR B 32 26.95 -1.17 -20.12
N GLU B 33 26.34 -2.33 -19.88
CA GLU B 33 24.90 -2.49 -20.04
C GLU B 33 24.22 -2.63 -18.67
N ALA B 34 24.55 -3.72 -17.97
CA ALA B 34 24.02 -3.95 -16.63
C ALA B 34 25.15 -4.09 -15.63
N TRP B 35 25.05 -3.38 -14.51
CA TRP B 35 26.08 -3.40 -13.48
C TRP B 35 25.54 -3.74 -12.10
N ASP B 36 26.41 -4.25 -11.24
CA ASP B 36 26.06 -4.50 -9.85
C ASP B 36 26.61 -3.40 -8.95
N TYR B 37 25.83 -3.02 -7.94
CA TYR B 37 26.30 -2.10 -6.93
C TYR B 37 26.93 -2.89 -5.77
N ALA B 38 28.04 -2.39 -5.24
CA ALA B 38 28.69 -3.02 -4.10
C ALA B 38 28.91 -2.03 -2.96
N ALA B 39 29.03 -2.53 -1.74
CA ALA B 39 29.23 -1.69 -0.57
C ALA B 39 30.51 -2.08 0.18
N PRO B 40 31.24 -1.07 0.71
CA PRO B 40 32.53 -1.26 1.38
C PRO B 40 32.48 -2.23 2.56
N PRO B 41 33.56 -3.00 2.77
CA PRO B 41 33.65 -3.95 3.88
C PRO B 41 34.13 -3.29 5.18
N VAL B 42 33.27 -2.46 5.76
CA VAL B 42 33.57 -1.77 7.01
C VAL B 42 32.32 -1.66 7.88
N SER B 43 32.46 -1.94 9.18
CA SER B 43 31.34 -1.95 10.11
C SER B 43 30.63 -0.59 10.17
N ASN B 44 31.41 0.47 10.36
CA ASN B 44 30.87 1.82 10.43
C ASN B 44 31.34 2.65 9.24
N LEU B 45 30.40 2.99 8.35
CA LEU B 45 30.71 3.75 7.15
C LEU B 45 31.34 5.09 7.49
N SER B 46 30.71 5.81 8.42
CA SER B 46 31.13 7.13 8.82
C SER B 46 32.62 7.21 9.17
N GLU B 47 33.08 6.28 10.00
CA GLU B 47 34.48 6.21 10.39
C GLU B 47 35.41 6.16 9.19
N ALA B 48 35.10 5.28 8.25
CA ALA B 48 35.93 5.11 7.05
C ALA B 48 35.68 6.17 5.97
N LEU B 49 34.44 6.63 5.85
CA LEU B 49 34.03 7.47 4.72
C LEU B 49 34.81 8.77 4.57
N SER B 50 35.08 9.15 3.32
CA SER B 50 35.74 10.40 2.98
C SER B 50 34.80 11.34 2.25
N GLY B 51 34.31 10.93 1.08
CA GLY B 51 33.40 11.79 0.33
C GLY B 51 32.37 11.11 -0.56
N ILE B 52 31.32 11.85 -0.88
CA ILE B 52 30.23 11.37 -1.72
C ILE B 52 30.18 12.16 -3.03
N VAL B 53 30.48 11.50 -4.15
CA VAL B 53 30.41 12.15 -5.45
C VAL B 53 29.21 11.64 -6.23
N VAL B 54 28.30 12.56 -6.58
CA VAL B 54 27.08 12.21 -7.31
C VAL B 54 27.07 12.84 -8.69
N LYS B 55 26.96 12.00 -9.72
CA LYS B 55 26.91 12.48 -11.10
C LYS B 55 25.47 12.48 -11.62
N THR B 56 24.99 13.66 -11.98
CA THR B 56 23.59 13.87 -12.37
C THR B 56 23.26 13.42 -13.80
N LYS B 57 23.88 14.07 -14.78
CA LYS B 57 23.49 13.91 -16.18
C LYS B 57 23.71 12.55 -16.83
N CYS B 58 24.39 11.64 -16.13
CA CYS B 58 24.61 10.28 -16.65
C CYS B 58 23.28 9.59 -16.95
N PRO B 59 23.28 8.65 -17.93
CA PRO B 59 22.05 7.95 -18.34
C PRO B 59 21.31 7.34 -17.15
N VAL B 60 22.07 6.72 -16.27
CA VAL B 60 21.56 6.25 -14.98
C VAL B 60 22.42 6.93 -13.93
N PRO B 61 21.96 8.08 -13.43
CA PRO B 61 22.81 8.97 -12.60
C PRO B 61 23.43 8.19 -11.46
N GLU B 62 24.74 8.31 -11.31
CA GLU B 62 25.48 7.41 -10.42
C GLU B 62 25.98 8.13 -9.17
N VAL B 63 26.03 7.38 -8.06
CA VAL B 63 26.57 7.91 -6.82
C VAL B 63 27.80 7.09 -6.42
N ILE B 64 28.90 7.78 -6.15
CA ILE B 64 30.16 7.13 -5.84
C ILE B 64 30.62 7.47 -4.42
N LEU B 65 30.81 6.44 -3.59
CA LEU B 65 31.34 6.61 -2.25
C LEU B 65 32.84 6.34 -2.29
N TRP B 66 33.63 7.30 -1.80
CA TRP B 66 35.07 7.20 -1.87
C TRP B 66 35.76 7.25 -0.51
N PHE B 67 36.79 6.44 -0.35
CA PHE B 67 37.55 6.37 0.89
C PHE B 67 39.01 6.70 0.59
N LYS B 68 39.70 7.31 1.56
CA LYS B 68 41.09 7.73 1.37
C LYS B 68 42.09 6.65 1.74
N ASP B 69 42.12 6.31 3.03
CA ASP B 69 43.12 5.38 3.55
C ASP B 69 42.99 3.98 2.96
N LYS B 70 41.78 3.62 2.55
CA LYS B 70 41.57 2.38 1.79
C LYS B 70 41.93 2.64 0.33
N GLN B 71 41.74 3.88 -0.09
CA GLN B 71 41.90 4.29 -1.49
C GLN B 71 41.04 3.48 -2.46
N MET B 72 39.74 3.44 -2.18
CA MET B 72 38.78 2.74 -3.02
C MET B 72 37.57 3.63 -3.31
N ALA B 73 36.87 3.34 -4.40
CA ALA B 73 35.65 4.06 -4.74
C ALA B 73 34.55 3.05 -5.11
N TYR B 74 33.45 3.10 -4.37
CA TYR B 74 32.35 2.16 -4.58
C TYR B 74 31.11 2.81 -5.17
N TRP B 75 30.41 2.07 -6.03
CA TRP B 75 29.16 2.53 -6.62
C TRP B 75 27.97 1.92 -5.88
N THR B 76 27.08 2.78 -5.40
CA THR B 76 25.92 2.35 -4.61
C THR B 76 24.64 2.90 -5.23
N ASN B 77 23.49 2.38 -4.80
CA ASN B 77 22.19 2.78 -5.35
C ASN B 77 22.01 4.29 -5.30
N PRO B 78 21.83 4.90 -6.48
CA PRO B 78 21.79 6.36 -6.67
C PRO B 78 20.69 7.06 -5.89
N TYR B 79 19.47 6.52 -5.97
CA TYR B 79 18.30 7.14 -5.37
C TYR B 79 18.22 6.89 -3.87
N VAL B 80 18.54 5.66 -3.47
CA VAL B 80 18.48 5.25 -2.06
C VAL B 80 19.56 5.95 -1.21
N THR B 81 20.80 5.93 -1.70
CA THR B 81 21.93 6.56 -1.00
C THR B 81 21.65 8.01 -0.65
N LEU B 82 21.18 8.77 -1.63
CA LEU B 82 20.89 10.17 -1.43
C LEU B 82 19.61 10.38 -0.62
N LYS B 83 18.67 9.45 -0.72
CA LYS B 83 17.49 9.46 0.13
C LYS B 83 17.90 9.12 1.56
N GLY B 84 18.77 8.13 1.70
CA GLY B 84 19.28 7.74 3.00
C GLY B 84 20.11 8.83 3.66
N LEU B 85 20.90 9.54 2.85
CA LEU B 85 21.71 10.64 3.36
C LEU B 85 20.82 11.73 3.95
N THR B 86 19.83 12.16 3.18
CA THR B 86 18.94 13.23 3.58
C THR B 86 18.11 12.92 4.83
N GLN B 87 18.02 11.64 5.20
CA GLN B 87 17.32 11.24 6.42
C GLN B 87 18.17 11.50 7.66
N SER B 88 19.43 11.06 7.63
CA SER B 88 20.34 11.25 8.75
C SER B 88 20.66 12.72 8.99
N VAL B 89 20.77 13.48 7.90
CA VAL B 89 21.04 14.90 7.99
C VAL B 89 19.73 15.70 7.98
N GLY B 90 18.61 14.98 7.99
CA GLY B 90 17.31 15.63 7.97
C GLY B 90 16.54 15.58 9.28
N GLU B 91 17.19 15.06 10.33
CA GLU B 91 16.54 14.92 11.63
C GLU B 91 16.17 16.27 12.24
N GLU B 92 15.18 16.25 13.12
CA GLU B 92 14.71 17.48 13.76
C GLU B 92 15.71 17.97 14.81
N HIS B 93 16.38 17.02 15.46
CA HIS B 93 17.37 17.34 16.49
C HIS B 93 18.61 17.99 15.88
N LYS B 94 18.96 17.60 14.66
CA LYS B 94 20.10 18.20 13.97
C LYS B 94 19.82 19.64 13.58
N SER B 95 20.88 20.46 13.56
CA SER B 95 20.77 21.87 13.16
C SER B 95 22.11 22.38 12.64
N GLY B 96 22.21 23.69 12.44
CA GLY B 96 23.42 24.32 11.95
C GLY B 96 23.33 24.74 10.50
N ASP B 97 24.10 25.76 10.13
CA ASP B 97 24.04 26.34 8.79
C ASP B 97 24.81 25.51 7.76
N ILE B 98 25.67 24.62 8.24
CA ILE B 98 26.36 23.68 7.35
C ILE B 98 25.33 22.75 6.74
N ARG B 99 24.41 22.30 7.58
CA ARG B 99 23.38 21.34 7.20
C ARG B 99 22.34 21.97 6.28
N ASP B 100 21.96 23.20 6.57
CA ASP B 100 20.97 23.91 5.75
C ASP B 100 21.49 24.10 4.32
N ALA B 101 22.81 24.15 4.16
CA ALA B 101 23.42 24.26 2.85
C ALA B 101 23.42 22.92 2.12
N LEU B 102 23.41 21.83 2.89
CA LEU B 102 23.39 20.48 2.34
C LEU B 102 22.06 20.19 1.64
N LEU B 103 20.96 20.38 2.37
CA LEU B 103 19.63 20.05 1.89
C LEU B 103 19.20 20.91 0.70
N ASP B 104 19.50 22.20 0.76
CA ASP B 104 19.17 23.13 -0.32
C ASP B 104 19.80 22.68 -1.63
N ALA B 105 21.03 22.20 -1.54
CA ALA B 105 21.72 21.64 -2.70
C ALA B 105 21.21 20.22 -2.96
N LEU B 106 20.74 19.56 -1.90
CA LEU B 106 20.22 18.20 -2.03
C LEU B 106 18.75 18.18 -2.44
N SER B 107 18.09 19.33 -2.39
CA SER B 107 16.68 19.45 -2.77
C SER B 107 16.42 19.01 -4.21
N GLY B 108 16.97 19.75 -5.15
CA GLY B 108 16.71 19.53 -6.57
C GLY B 108 17.70 18.64 -7.29
N VAL B 109 18.38 17.78 -6.54
CA VAL B 109 19.41 16.90 -7.09
C VAL B 109 18.99 16.17 -8.37
N TRP B 110 17.83 15.54 -8.34
CA TRP B 110 17.38 14.72 -9.46
C TRP B 110 16.53 15.47 -10.47
N VAL B 111 16.24 16.74 -10.19
CA VAL B 111 15.35 17.55 -11.02
C VAL B 111 15.67 17.49 -12.51
N ASP B 112 16.95 17.61 -12.84
CA ASP B 112 17.38 17.65 -14.23
C ASP B 112 17.61 16.27 -14.84
N SER B 113 17.70 15.24 -14.01
CA SER B 113 18.11 13.91 -14.47
C SER B 113 16.96 12.92 -14.71
N THR B 114 17.31 11.72 -15.16
CA THR B 114 16.33 10.71 -15.55
C THR B 114 15.58 10.13 -14.34
N PRO B 115 14.25 10.10 -14.42
CA PRO B 115 13.38 9.64 -13.32
C PRO B 115 13.62 8.19 -12.93
N SER B 116 13.19 7.83 -11.71
CA SER B 116 13.36 6.47 -11.21
C SER B 116 12.41 5.49 -11.91
N SER B 117 12.44 4.23 -11.48
CA SER B 117 11.66 3.18 -12.12
C SER B 117 10.17 3.22 -11.81
N THR B 118 9.34 3.09 -12.83
CA THR B 118 7.93 2.84 -12.66
C THR B 118 7.65 1.35 -12.84
N ASN B 119 8.71 0.58 -13.08
CA ASN B 119 8.59 -0.83 -13.45
C ASN B 119 8.13 -1.74 -12.31
N ILE B 120 8.05 -3.03 -12.61
CA ILE B 120 7.62 -4.03 -11.65
C ILE B 120 8.72 -5.07 -11.51
N PRO B 121 8.99 -5.54 -10.29
CA PRO B 121 10.03 -6.56 -10.10
C PRO B 121 9.63 -7.89 -10.68
N GLU B 122 10.58 -8.60 -11.29
CA GLU B 122 10.28 -9.91 -11.86
C GLU B 122 9.97 -10.91 -10.75
N ASN B 123 9.30 -11.99 -11.11
CA ASN B 123 8.84 -12.97 -10.14
C ASN B 123 9.97 -13.87 -9.64
N GLY B 124 9.62 -14.89 -8.87
CA GLY B 124 10.62 -15.74 -8.22
C GLY B 124 10.65 -15.52 -6.72
N CYS B 125 11.14 -16.52 -5.99
CA CYS B 125 11.19 -16.44 -4.54
C CYS B 125 12.19 -15.37 -4.11
N VAL B 126 12.04 -14.89 -2.88
CA VAL B 126 12.96 -13.89 -2.34
C VAL B 126 13.53 -14.35 -1.00
N TRP B 127 14.85 -14.51 -0.95
CA TRP B 127 15.53 -14.82 0.29
C TRP B 127 15.50 -13.57 1.16
N GLY B 128 15.74 -13.74 2.46
CA GLY B 128 15.74 -12.62 3.38
C GLY B 128 16.96 -11.74 3.13
N ALA B 129 17.18 -10.76 4.01
CA ALA B 129 18.26 -9.81 3.82
C ALA B 129 19.61 -10.39 4.22
N ASP B 130 19.59 -11.63 4.70
CA ASP B 130 20.81 -12.38 4.97
C ASP B 130 21.64 -12.46 3.69
N ARG B 131 21.02 -12.99 2.64
CA ARG B 131 21.66 -13.16 1.34
C ARG B 131 21.40 -11.98 0.39
N LEU B 132 20.84 -10.90 0.92
CA LEU B 132 20.54 -9.67 0.18
C LEU B 132 19.47 -9.84 -0.88
N PHE B 133 18.36 -10.47 -0.51
CA PHE B 133 17.20 -10.62 -1.38
C PHE B 133 17.57 -11.42 -2.63
N GLN B 134 18.40 -12.44 -2.38
CA GLN B 134 18.73 -13.46 -3.35
C GLN B 134 17.44 -14.13 -3.77
N ARG B 135 17.35 -14.53 -5.04
CA ARG B 135 16.09 -15.05 -5.58
C ARG B 135 15.92 -16.53 -5.31
N VAL B 136 16.89 -17.12 -4.62
CA VAL B 136 16.88 -18.54 -4.30
C VAL B 136 15.71 -18.96 -3.39
N CYS B 137 15.00 -20.02 -3.79
CA CYS B 137 13.90 -20.56 -3.01
C CYS B 137 14.36 -21.43 -1.85
N GLN B 138 15.53 -22.04 -2.00
CA GLN B 138 16.19 -22.80 -0.94
C GLN B 138 17.59 -23.24 -1.34
N ASP C 1 14.98 26.38 -10.79
CA ASP C 1 13.63 26.91 -10.74
C ASP C 1 12.81 26.53 -11.96
N ILE C 2 11.51 26.37 -11.77
CA ILE C 2 10.59 26.01 -12.85
C ILE C 2 9.64 27.16 -13.14
N GLN C 3 9.43 27.45 -14.42
CA GLN C 3 8.50 28.51 -14.81
C GLN C 3 7.20 27.92 -15.34
N MET C 4 6.09 28.39 -14.80
CA MET C 4 4.78 27.91 -15.21
C MET C 4 4.11 28.91 -16.15
N THR C 5 3.67 28.41 -17.30
CA THR C 5 2.96 29.25 -18.27
C THR C 5 1.52 28.76 -18.39
N GLN C 6 0.58 29.66 -18.16
CA GLN C 6 -0.84 29.30 -18.16
C GLN C 6 -1.57 29.85 -19.39
N SER C 7 -2.38 29.00 -20.01
CA SER C 7 -3.08 29.38 -21.23
C SER C 7 -4.54 28.92 -21.23
N PRO C 8 -5.45 29.76 -21.75
CA PRO C 8 -5.15 31.12 -22.20
C PRO C 8 -5.05 32.07 -20.99
N SER C 9 -4.76 33.35 -21.26
CA SER C 9 -4.59 34.31 -20.18
C SER C 9 -5.93 34.73 -19.59
N SER C 10 -6.95 34.81 -20.44
CA SER C 10 -8.29 35.16 -19.99
C SER C 10 -9.35 34.43 -20.79
N VAL C 11 -10.42 33.99 -20.11
CA VAL C 11 -11.52 33.30 -20.77
C VAL C 11 -12.87 33.84 -20.31
N SER C 12 -13.67 34.30 -21.27
CA SER C 12 -15.02 34.78 -20.97
C SER C 12 -16.05 33.96 -21.75
N ALA C 13 -16.88 33.21 -21.02
CA ALA C 13 -17.90 32.39 -21.65
C ALA C 13 -19.25 32.60 -20.98
N SER C 14 -20.28 31.92 -21.50
CA SER C 14 -21.61 32.01 -20.93
C SER C 14 -21.78 31.00 -19.80
N VAL C 15 -22.93 31.00 -19.16
CA VAL C 15 -23.21 30.07 -18.08
C VAL C 15 -23.54 28.69 -18.61
N GLY C 16 -22.79 27.69 -18.18
CA GLY C 16 -23.03 26.32 -18.57
C GLY C 16 -22.08 25.78 -19.63
N ASP C 17 -21.34 26.67 -20.27
CA ASP C 17 -20.37 26.27 -21.29
C ASP C 17 -19.17 25.59 -20.66
N ARG C 18 -18.46 24.78 -21.44
CA ARG C 18 -17.25 24.13 -20.95
C ARG C 18 -16.03 25.02 -21.10
N VAL C 19 -15.40 25.35 -19.98
CA VAL C 19 -14.22 26.20 -19.97
C VAL C 19 -12.97 25.35 -19.74
N THR C 20 -11.95 25.55 -20.56
CA THR C 20 -10.71 24.79 -20.45
C THR C 20 -9.48 25.68 -20.30
N ILE C 21 -8.81 25.57 -19.15
CA ILE C 21 -7.59 26.32 -18.89
C ILE C 21 -6.46 25.33 -18.61
N THR C 22 -5.44 25.32 -19.45
CA THR C 22 -4.29 24.44 -19.22
C THR C 22 -3.18 25.19 -18.49
N CYS C 23 -2.13 24.47 -18.13
CA CYS C 23 -0.97 25.08 -17.50
C CYS C 23 0.28 24.37 -18.01
N ARG C 24 1.25 25.14 -18.50
CA ARG C 24 2.47 24.54 -19.02
C ARG C 24 3.60 24.62 -18.00
N ALA C 25 4.73 24.01 -18.33
CA ALA C 25 5.88 24.00 -17.44
C ALA C 25 7.18 23.88 -18.22
N SER C 26 8.24 24.47 -17.68
CA SER C 26 9.55 24.36 -18.30
C SER C 26 10.04 22.92 -18.22
N GLN C 27 9.97 22.36 -17.01
CA GLN C 27 10.39 20.98 -16.77
C GLN C 27 9.39 19.94 -17.30
N GLY C 28 9.87 18.71 -17.43
CA GLY C 28 9.11 17.60 -17.97
C GLY C 28 8.29 16.88 -16.91
N ILE C 29 7.94 17.61 -15.86
CA ILE C 29 7.38 17.05 -14.63
C ILE C 29 6.24 16.04 -14.80
N SER C 30 6.30 14.97 -14.00
CA SER C 30 5.42 13.81 -14.13
C SER C 30 3.91 14.05 -13.99
N SER C 31 3.45 14.34 -12.77
CA SER C 31 2.02 14.20 -12.47
C SER C 31 1.31 15.38 -11.80
N TRP C 32 1.64 15.64 -10.53
CA TRP C 32 0.78 16.46 -9.67
C TRP C 32 0.79 17.96 -9.97
N LEU C 33 -0.39 18.49 -10.24
CA LEU C 33 -0.60 19.93 -10.33
C LEU C 33 -1.72 20.31 -9.37
N ALA C 34 -1.61 21.49 -8.76
CA ALA C 34 -2.59 21.92 -7.77
C ALA C 34 -3.33 23.17 -8.22
N TRP C 35 -4.64 23.02 -8.45
CA TRP C 35 -5.48 24.14 -8.87
C TRP C 35 -6.06 24.88 -7.67
N TYR C 36 -6.08 26.20 -7.76
CA TYR C 36 -6.66 27.05 -6.72
C TYR C 36 -7.65 28.02 -7.35
N GLN C 37 -8.52 28.60 -6.52
CA GLN C 37 -9.45 29.61 -7.00
C GLN C 37 -9.45 30.82 -6.07
N GLN C 38 -9.04 31.98 -6.58
CA GLN C 38 -9.07 33.20 -5.81
C GLN C 38 -10.12 34.16 -6.35
N LYS C 39 -11.19 34.35 -5.59
CA LYS C 39 -12.17 35.38 -5.91
C LYS C 39 -11.61 36.70 -5.42
N PRO C 40 -11.85 37.78 -6.17
CA PRO C 40 -11.23 39.08 -5.85
C PRO C 40 -11.53 39.54 -4.42
N GLY C 41 -10.47 39.85 -3.69
CA GLY C 41 -10.57 40.29 -2.31
C GLY C 41 -10.59 39.11 -1.35
N LYS C 42 -11.03 37.96 -1.86
CA LYS C 42 -11.09 36.72 -1.09
C LYS C 42 -9.75 35.99 -1.03
N ALA C 43 -9.57 35.18 0.02
CA ALA C 43 -8.43 34.29 0.13
C ALA C 43 -8.59 33.13 -0.86
N PRO C 44 -7.47 32.58 -1.36
CA PRO C 44 -7.51 31.45 -2.30
C PRO C 44 -8.15 30.21 -1.69
N LYS C 45 -8.60 29.28 -2.55
CA LYS C 45 -9.21 28.05 -2.09
C LYS C 45 -8.83 26.88 -3.01
N LEU C 46 -8.49 25.74 -2.40
CA LEU C 46 -8.06 24.57 -3.17
C LEU C 46 -9.22 23.92 -3.92
N LEU C 47 -8.92 23.43 -5.13
CA LEU C 47 -9.92 22.75 -5.95
C LEU C 47 -9.50 21.31 -6.28
N ILE C 48 -8.42 21.16 -7.04
CA ILE C 48 -7.92 19.84 -7.42
C ILE C 48 -6.42 19.71 -7.11
N TYR C 49 -6.04 18.67 -6.37
CA TYR C 49 -4.65 18.52 -5.97
C TYR C 49 -3.73 17.65 -6.86
N ALA C 50 -4.30 16.90 -7.80
CA ALA C 50 -3.45 16.21 -8.78
C ALA C 50 -3.84 16.49 -10.24
N ALA C 51 -4.86 15.80 -10.72
CA ALA C 51 -5.47 16.07 -12.02
C ALA C 51 -6.98 16.02 -11.92
N SER C 52 -7.49 14.81 -11.69
CA SER C 52 -8.91 14.52 -11.55
C SER C 52 -9.37 14.45 -10.10
N SER C 53 -8.49 14.82 -9.17
CA SER C 53 -8.58 14.41 -7.77
C SER C 53 -9.47 15.26 -6.85
N LEU C 54 -10.25 16.18 -7.43
CA LEU C 54 -11.04 17.14 -6.64
C LEU C 54 -11.85 16.55 -5.49
N GLN C 55 -11.81 17.23 -4.35
CA GLN C 55 -12.43 16.73 -3.11
C GLN C 55 -13.34 17.72 -2.40
N SER C 56 -12.78 18.87 -2.02
CA SER C 56 -13.34 19.74 -0.99
C SER C 56 -14.65 20.41 -1.39
N GLY C 57 -15.14 21.29 -0.53
CA GLY C 57 -16.49 21.86 -0.63
C GLY C 57 -16.87 22.42 -1.98
N VAL C 58 -15.88 22.84 -2.77
CA VAL C 58 -16.11 23.24 -4.15
C VAL C 58 -16.80 22.11 -4.91
N PRO C 59 -17.84 22.45 -5.71
CA PRO C 59 -18.69 21.47 -6.39
C PRO C 59 -17.94 20.48 -7.29
N SER C 60 -18.60 19.36 -7.59
CA SER C 60 -17.98 18.26 -8.32
C SER C 60 -18.01 18.45 -9.83
N ARG C 61 -18.52 19.59 -10.28
CA ARG C 61 -18.59 19.92 -11.69
C ARG C 61 -17.21 19.89 -12.35
N PHE C 62 -16.20 20.33 -11.60
CA PHE C 62 -14.85 20.48 -12.13
C PHE C 62 -14.15 19.14 -12.35
N SER C 63 -13.12 19.16 -13.19
CA SER C 63 -12.34 17.97 -13.51
C SER C 63 -10.95 18.35 -14.03
N GLY C 64 -10.18 17.36 -14.46
CA GLY C 64 -8.86 17.60 -15.01
C GLY C 64 -8.15 16.36 -15.50
N SER C 65 -7.12 16.56 -16.34
CA SER C 65 -6.38 15.45 -16.92
C SER C 65 -5.02 15.90 -17.49
N GLY C 66 -4.35 14.98 -18.18
CA GLY C 66 -3.08 15.27 -18.82
C GLY C 66 -1.89 14.66 -18.10
N SER C 67 -0.81 14.39 -18.84
CA SER C 67 0.40 13.83 -18.24
C SER C 67 1.71 14.24 -18.93
N GLY C 68 2.71 14.54 -18.11
CA GLY C 68 4.10 14.62 -18.54
C GLY C 68 4.57 15.94 -19.10
N THR C 69 3.65 16.72 -19.66
CA THR C 69 3.97 18.04 -20.18
C THR C 69 2.97 19.08 -19.73
N ASP C 70 1.74 18.95 -20.21
CA ASP C 70 0.67 19.90 -19.91
C ASP C 70 -0.46 19.22 -19.16
N PHE C 71 -1.11 19.96 -18.26
CA PHE C 71 -2.18 19.42 -17.44
C PHE C 71 -3.35 20.41 -17.45
N THR C 72 -4.54 19.91 -17.80
CA THR C 72 -5.67 20.78 -18.07
C THR C 72 -6.74 20.78 -16.97
N LEU C 73 -7.39 21.92 -16.79
CA LEU C 73 -8.56 22.05 -15.92
C LEU C 73 -9.80 22.28 -16.77
N THR C 74 -10.81 21.44 -16.57
CA THR C 74 -12.05 21.56 -17.34
C THR C 74 -13.28 21.69 -16.46
N ILE C 75 -14.03 22.78 -16.65
CA ILE C 75 -15.30 22.97 -15.95
C ILE C 75 -16.43 22.44 -16.83
N SER C 76 -17.07 21.35 -16.39
CA SER C 76 -18.13 20.71 -17.16
C SER C 76 -19.32 21.64 -17.36
N SER C 77 -19.76 22.28 -16.27
CA SER C 77 -20.86 23.24 -16.34
C SER C 77 -20.49 24.53 -15.61
N LEU C 78 -20.46 25.63 -16.35
CA LEU C 78 -20.09 26.92 -15.78
C LEU C 78 -21.25 27.51 -14.97
N GLN C 79 -20.91 28.16 -13.87
CA GLN C 79 -21.91 28.78 -13.00
C GLN C 79 -21.52 30.22 -12.68
N PRO C 80 -22.51 31.08 -12.41
CA PRO C 80 -22.27 32.50 -12.10
C PRO C 80 -21.41 32.72 -10.85
N GLU C 81 -21.28 31.69 -10.01
CA GLU C 81 -20.49 31.80 -8.79
C GLU C 81 -19.04 31.40 -9.04
N ASP C 82 -18.72 31.12 -10.29
CA ASP C 82 -17.39 30.67 -10.69
C ASP C 82 -16.46 31.81 -11.11
N PHE C 83 -16.89 33.05 -10.94
CA PHE C 83 -16.07 34.18 -11.38
C PHE C 83 -14.94 34.40 -10.40
N ALA C 84 -13.71 34.23 -10.91
CA ALA C 84 -12.50 34.37 -10.12
C ALA C 84 -11.29 34.29 -11.05
N THR C 85 -10.09 34.35 -10.48
CA THR C 85 -8.87 34.08 -11.23
C THR C 85 -8.34 32.70 -10.85
N TYR C 86 -7.77 32.01 -11.82
CA TYR C 86 -7.29 30.64 -11.57
C TYR C 86 -5.77 30.49 -11.69
N TYR C 87 -5.12 30.19 -10.58
CA TYR C 87 -3.69 29.94 -10.54
C TYR C 87 -3.42 28.44 -10.44
N CYS C 88 -2.35 27.99 -11.06
CA CYS C 88 -1.93 26.59 -10.95
C CYS C 88 -0.56 26.45 -10.29
N GLN C 89 -0.33 25.31 -9.65
CA GLN C 89 0.94 25.04 -8.99
C GLN C 89 1.51 23.72 -9.49
N GLN C 90 2.83 23.65 -9.62
CA GLN C 90 3.50 22.41 -10.00
C GLN C 90 4.33 21.89 -8.84
N ALA C 91 3.89 20.78 -8.25
CA ALA C 91 4.55 20.24 -7.07
C ALA C 91 5.55 19.12 -7.35
N ASN C 92 5.68 18.70 -8.61
CA ASN C 92 6.57 17.59 -8.95
C ASN C 92 8.03 17.81 -8.55
N ASN C 93 8.52 19.03 -8.73
CA ASN C 93 9.86 19.39 -8.31
C ASN C 93 9.79 20.63 -7.42
N PHE C 94 10.46 20.57 -6.26
CA PHE C 94 10.22 21.54 -5.18
C PHE C 94 10.60 23.03 -5.27
N PRO C 95 11.74 23.38 -5.89
CA PRO C 95 12.47 24.61 -5.51
C PRO C 95 11.57 25.83 -5.31
N LEU C 96 10.59 25.99 -6.18
CA LEU C 96 9.45 26.87 -5.99
C LEU C 96 8.61 26.69 -7.24
N THR C 97 7.31 26.97 -7.15
CA THR C 97 6.46 26.98 -8.33
C THR C 97 5.17 27.75 -8.10
N PHE C 98 4.58 28.22 -9.19
CA PHE C 98 3.21 28.73 -9.26
C PHE C 98 2.94 29.20 -10.68
N GLY C 99 1.66 29.28 -11.03
CA GLY C 99 1.28 29.69 -12.35
C GLY C 99 1.11 31.19 -12.44
N GLY C 100 1.11 31.72 -13.65
CA GLY C 100 0.85 33.13 -13.85
C GLY C 100 -0.56 33.47 -13.45
N GLY C 101 -1.48 32.55 -13.76
CA GLY C 101 -2.88 32.73 -13.42
C GLY C 101 -3.73 33.05 -14.63
N THR C 102 -5.01 32.72 -14.55
CA THR C 102 -5.96 33.00 -15.62
C THR C 102 -7.27 33.56 -15.06
N LYS C 103 -7.65 34.74 -15.53
CA LYS C 103 -8.88 35.37 -15.09
C LYS C 103 -10.06 34.82 -15.91
N VAL C 104 -11.14 34.48 -15.22
CA VAL C 104 -12.35 34.03 -15.90
C VAL C 104 -13.49 34.99 -15.58
N GLU C 105 -13.99 35.67 -16.61
CA GLU C 105 -15.07 36.64 -16.44
C GLU C 105 -16.33 36.17 -17.15
N ILE C 106 -17.36 35.86 -16.38
CA ILE C 106 -18.62 35.36 -16.93
C ILE C 106 -19.25 36.35 -17.91
N LYS C 107 -19.61 35.85 -19.09
CA LYS C 107 -20.20 36.69 -20.12
C LYS C 107 -21.67 36.36 -20.31
N ARG C 108 -22.28 37.28 -21.11
CA ARG C 108 -23.61 37.30 -21.76
C ARG C 108 -23.56 38.11 -23.11
N THR C 109 -24.37 39.17 -23.27
CA THR C 109 -24.41 40.02 -24.45
C THR C 109 -23.14 40.88 -24.52
N VAL C 110 -23.27 42.08 -25.07
CA VAL C 110 -22.12 42.99 -25.20
C VAL C 110 -22.55 44.44 -25.29
N ALA C 111 -22.06 45.26 -24.36
CA ALA C 111 -22.33 46.70 -24.38
C ALA C 111 -21.12 47.52 -24.78
N ALA C 112 -21.28 48.84 -24.77
CA ALA C 112 -20.21 49.76 -25.13
C ALA C 112 -20.17 50.93 -24.14
N PRO C 113 -18.98 51.53 -23.93
CA PRO C 113 -18.86 52.61 -22.96
C PRO C 113 -19.61 53.88 -23.36
N SER C 114 -20.34 54.46 -22.41
CA SER C 114 -21.00 55.73 -22.62
C SER C 114 -20.14 56.85 -22.04
N VAL C 115 -19.68 57.75 -22.91
CA VAL C 115 -18.69 58.74 -22.52
C VAL C 115 -19.31 60.07 -22.06
N PHE C 116 -19.00 60.45 -20.82
CA PHE C 116 -19.40 61.75 -20.29
C PHE C 116 -18.22 62.42 -19.60
N ILE C 117 -18.18 63.75 -19.64
CA ILE C 117 -17.10 64.50 -19.01
C ILE C 117 -17.68 65.44 -17.93
N PHE C 118 -16.86 65.81 -16.96
CA PHE C 118 -17.33 66.58 -15.80
C PHE C 118 -16.48 67.81 -15.51
N PRO C 119 -16.78 68.93 -16.20
CA PRO C 119 -16.06 70.21 -16.10
C PRO C 119 -16.08 71.00 -14.77
N PRO C 120 -17.25 71.15 -14.09
CA PRO C 120 -17.32 72.23 -13.09
C PRO C 120 -16.35 72.13 -11.91
N SER C 121 -15.58 73.20 -11.71
CA SER C 121 -14.68 73.36 -10.57
C SER C 121 -15.19 74.27 -9.44
N ASP C 122 -16.44 74.73 -9.56
CA ASP C 122 -16.93 75.88 -8.77
C ASP C 122 -16.63 75.92 -7.27
N GLU C 123 -16.91 74.85 -6.54
CA GLU C 123 -16.66 74.82 -5.09
C GLU C 123 -15.19 74.46 -4.81
N GLN C 124 -14.45 74.22 -5.87
CA GLN C 124 -13.06 73.80 -5.82
C GLN C 124 -12.14 74.97 -6.13
N LEU C 125 -12.35 75.59 -7.29
CA LEU C 125 -11.46 76.61 -7.85
C LEU C 125 -10.94 77.64 -6.85
N LYS C 126 -11.79 78.06 -5.90
CA LYS C 126 -11.33 78.98 -4.86
C LYS C 126 -10.53 78.29 -3.75
N SER C 127 -10.53 76.97 -3.73
CA SER C 127 -9.77 76.22 -2.72
C SER C 127 -8.35 75.95 -3.19
N GLY C 128 -8.06 76.28 -4.46
CA GLY C 128 -6.72 76.16 -4.99
C GLY C 128 -6.48 75.02 -5.95
N THR C 129 -7.52 74.24 -6.24
CA THR C 129 -7.38 73.14 -7.20
C THR C 129 -8.51 73.12 -8.23
N ALA C 130 -8.41 72.20 -9.18
CA ALA C 130 -9.45 72.00 -10.19
C ALA C 130 -9.53 70.52 -10.58
N SER C 131 -10.74 70.00 -10.69
CA SER C 131 -10.91 68.59 -11.08
C SER C 131 -11.90 68.41 -12.22
N VAL C 132 -11.39 67.96 -13.37
CA VAL C 132 -12.25 67.59 -14.49
C VAL C 132 -11.97 66.14 -14.87
N VAL C 133 -12.94 65.26 -14.63
CA VAL C 133 -12.73 63.83 -14.87
C VAL C 133 -13.47 63.31 -16.11
N CYS C 134 -13.26 62.04 -16.40
CA CYS C 134 -13.94 61.36 -17.50
C CYS C 134 -14.33 59.95 -17.07
N LEU C 135 -15.61 59.60 -17.25
CA LEU C 135 -16.10 58.31 -16.78
C LEU C 135 -16.58 57.40 -17.90
N LEU C 136 -16.08 56.17 -17.90
CA LEU C 136 -16.58 55.13 -18.78
C LEU C 136 -17.39 54.14 -17.96
N ASN C 137 -18.71 54.12 -18.18
CA ASN C 137 -19.59 53.29 -17.37
C ASN C 137 -20.33 52.23 -18.18
N ASN C 138 -20.45 51.04 -17.59
CA ASN C 138 -21.17 49.92 -18.21
C ASN C 138 -20.67 49.55 -19.61
N PHE C 139 -19.47 48.98 -19.67
CA PHE C 139 -18.85 48.60 -20.94
C PHE C 139 -18.23 47.21 -20.87
N TYR C 140 -18.22 46.53 -22.03
CA TYR C 140 -17.56 45.24 -22.15
C TYR C 140 -16.94 45.17 -23.54
N PRO C 141 -15.75 44.55 -23.66
CA PRO C 141 -14.91 43.96 -22.61
C PRO C 141 -14.06 44.99 -21.86
N ARG C 142 -13.14 44.49 -21.05
CA ARG C 142 -12.31 45.31 -20.17
C ARG C 142 -11.43 46.35 -20.89
N GLU C 143 -11.07 46.09 -22.15
CA GLU C 143 -10.03 46.91 -22.76
C GLU C 143 -10.56 48.27 -23.18
N ALA C 144 -10.02 49.30 -22.53
CA ALA C 144 -10.21 50.68 -22.92
C ALA C 144 -8.97 51.43 -22.47
N LYS C 145 -8.49 52.34 -23.30
CA LYS C 145 -7.32 53.14 -22.91
C LYS C 145 -7.63 54.61 -23.09
N VAL C 146 -7.36 55.38 -22.06
CA VAL C 146 -7.73 56.80 -22.04
C VAL C 146 -6.51 57.70 -22.23
N GLN C 147 -6.54 58.49 -23.29
CA GLN C 147 -5.49 59.47 -23.55
C GLN C 147 -6.08 60.88 -23.53
N TRP C 148 -5.23 61.88 -23.31
CA TRP C 148 -5.68 63.26 -23.25
C TRP C 148 -4.90 64.11 -24.25
N LYS C 149 -5.43 65.29 -24.56
CA LYS C 149 -4.76 66.21 -25.48
C LYS C 149 -3.39 66.60 -24.97
N VAL C 150 -3.31 66.93 -23.68
CA VAL C 150 -2.04 67.16 -23.03
C VAL C 150 -1.34 65.80 -22.89
N ASP C 151 -0.01 65.79 -22.94
CA ASP C 151 0.76 64.56 -22.86
C ASP C 151 0.40 63.76 -21.60
N ASN C 152 0.06 62.49 -21.80
CA ASN C 152 -0.36 61.63 -20.69
C ASN C 152 0.83 61.20 -19.85
N ALA C 153 0.76 61.48 -18.55
CA ALA C 153 1.84 61.13 -17.63
C ALA C 153 1.33 60.94 -16.21
N LEU C 154 2.25 60.66 -15.30
CA LEU C 154 1.90 60.43 -13.89
C LEU C 154 1.61 61.73 -13.15
N GLN C 155 2.19 62.82 -13.62
CA GLN C 155 2.03 64.12 -12.99
C GLN C 155 0.59 64.62 -13.06
N SER C 156 -0.07 64.32 -14.17
CA SER C 156 -1.46 64.73 -14.37
C SER C 156 -2.42 63.77 -13.69
N GLY C 157 -1.93 62.58 -13.34
CA GLY C 157 -2.76 61.57 -12.73
C GLY C 157 -3.61 60.84 -13.76
N ASN C 158 -3.29 61.05 -15.03
CA ASN C 158 -4.02 60.41 -16.11
C ASN C 158 -3.77 58.90 -16.14
N SER C 159 -2.59 58.49 -15.70
CA SER C 159 -2.22 57.08 -15.65
C SER C 159 -2.91 56.39 -14.47
N GLN C 160 -3.50 57.18 -13.58
CA GLN C 160 -4.24 56.63 -12.46
C GLN C 160 -5.61 56.18 -12.93
N GLU C 161 -5.87 54.88 -12.81
CA GLU C 161 -7.13 54.31 -13.26
C GLU C 161 -7.63 53.23 -12.31
N SER C 162 -8.87 53.35 -11.88
CA SER C 162 -9.50 52.35 -11.01
C SER C 162 -10.71 51.74 -11.72
N VAL C 163 -10.78 50.41 -11.72
CA VAL C 163 -11.87 49.71 -12.37
C VAL C 163 -12.66 48.85 -11.38
N THR C 164 -13.95 49.13 -11.26
CA THR C 164 -14.82 48.33 -10.41
C THR C 164 -15.02 46.95 -11.00
N GLU C 165 -15.40 45.99 -10.16
CA GLU C 165 -15.75 44.66 -10.60
C GLU C 165 -17.07 44.72 -11.38
N GLN C 166 -17.33 43.70 -12.18
CA GLN C 166 -18.55 43.65 -12.99
C GLN C 166 -19.82 43.86 -12.16
N ASP C 167 -20.76 44.61 -12.72
CA ASP C 167 -22.06 44.78 -12.08
C ASP C 167 -22.75 43.42 -12.05
N SER C 168 -23.48 43.16 -10.96
CA SER C 168 -24.07 41.84 -10.73
C SER C 168 -25.15 41.47 -11.74
N LYS C 169 -25.55 42.43 -12.57
CA LYS C 169 -26.60 42.22 -13.55
C LYS C 169 -26.05 42.06 -14.98
N ASP C 170 -25.60 43.18 -15.54
CA ASP C 170 -25.16 43.20 -16.94
C ASP C 170 -23.75 42.70 -17.14
N SER C 171 -23.03 42.46 -16.04
CA SER C 171 -21.63 42.04 -16.07
C SER C 171 -20.77 43.01 -16.87
N THR C 172 -20.97 44.31 -16.63
CA THR C 172 -20.21 45.34 -17.32
C THR C 172 -19.38 46.16 -16.34
N TYR C 173 -18.25 46.68 -16.80
CA TYR C 173 -17.33 47.40 -15.93
C TYR C 173 -17.59 48.91 -15.92
N SER C 174 -16.84 49.61 -15.08
CA SER C 174 -16.87 51.07 -15.03
C SER C 174 -15.45 51.61 -14.90
N LEU C 175 -15.06 52.48 -15.81
CA LEU C 175 -13.70 53.01 -15.84
C LEU C 175 -13.68 54.51 -15.56
N SER C 176 -12.71 54.95 -14.76
CA SER C 176 -12.56 56.36 -14.43
C SER C 176 -11.11 56.82 -14.54
N SER C 177 -10.86 57.79 -15.41
CA SER C 177 -9.54 58.40 -15.53
C SER C 177 -9.59 59.82 -14.99
N THR C 178 -8.90 60.06 -13.88
CA THR C 178 -9.00 61.34 -13.18
C THR C 178 -7.91 62.33 -13.60
N LEU C 179 -8.34 63.52 -14.01
CA LEU C 179 -7.43 64.61 -14.34
C LEU C 179 -7.44 65.66 -13.23
N THR C 180 -6.32 65.76 -12.51
CA THR C 180 -6.20 66.72 -11.42
C THR C 180 -4.85 67.43 -11.44
N LEU C 181 -4.89 68.76 -11.55
CA LEU C 181 -3.68 69.56 -11.47
C LEU C 181 -3.71 70.44 -10.21
N SER C 182 -2.85 70.12 -9.25
CA SER C 182 -2.79 70.88 -8.01
C SER C 182 -2.21 72.27 -8.25
N LYS C 183 -2.83 73.26 -7.66
CA LYS C 183 -2.40 74.66 -7.76
C LYS C 183 -2.42 75.19 -9.20
N ALA C 184 -3.23 74.57 -10.05
CA ALA C 184 -3.51 75.04 -11.40
C ALA C 184 -2.27 75.32 -12.26
N ASP C 185 -1.57 74.26 -12.66
CA ASP C 185 -0.42 74.42 -13.54
C ASP C 185 -0.87 74.66 -14.98
N VAL C 191 -5.68 72.62 -23.84
CA VAL C 191 -6.70 71.78 -24.46
C VAL C 191 -6.80 70.44 -23.75
N TYR C 192 -8.01 70.01 -23.45
CA TYR C 192 -8.23 68.73 -22.77
C TYR C 192 -9.29 67.90 -23.50
N ALA C 193 -9.07 66.59 -23.56
CA ALA C 193 -10.00 65.68 -24.20
C ALA C 193 -9.94 64.29 -23.60
N CYS C 194 -11.06 63.60 -23.58
CA CYS C 194 -11.07 62.21 -23.15
C CYS C 194 -11.10 61.33 -24.39
N GLU C 195 -9.97 60.69 -24.68
CA GLU C 195 -9.85 59.84 -25.86
C GLU C 195 -10.04 58.39 -25.48
N VAL C 196 -11.13 57.80 -25.95
CA VAL C 196 -11.49 56.45 -25.58
C VAL C 196 -11.34 55.47 -26.74
N THR C 197 -10.50 54.46 -26.54
CA THR C 197 -10.32 53.41 -27.55
C THR C 197 -10.97 52.13 -27.06
N HIS C 198 -12.07 51.74 -27.71
CA HIS C 198 -12.81 50.55 -27.32
C HIS C 198 -13.26 49.78 -28.54
N GLN C 199 -13.20 48.45 -28.46
CA GLN C 199 -13.53 47.59 -29.59
C GLN C 199 -15.00 47.68 -29.99
N GLY C 200 -15.83 48.12 -29.05
CA GLY C 200 -17.25 48.28 -29.32
C GLY C 200 -17.54 49.58 -30.04
N LEU C 201 -16.48 50.26 -30.44
CA LEU C 201 -16.59 51.52 -31.17
C LEU C 201 -15.95 51.40 -32.54
N SER C 202 -16.50 52.11 -33.53
CA SER C 202 -15.95 52.08 -34.88
C SER C 202 -14.66 52.87 -34.95
N SER C 203 -14.62 53.99 -34.25
CA SER C 203 -13.43 54.84 -34.22
C SER C 203 -13.24 55.42 -32.83
N PRO C 204 -11.98 55.67 -32.44
CA PRO C 204 -11.67 56.23 -31.12
C PRO C 204 -12.22 57.64 -30.97
N VAL C 205 -13.55 57.77 -30.91
CA VAL C 205 -14.22 59.05 -30.75
C VAL C 205 -13.83 59.72 -29.44
N THR C 206 -13.84 61.05 -29.43
CA THR C 206 -13.42 61.80 -28.26
C THR C 206 -14.47 62.84 -27.85
N LYS C 207 -14.70 62.94 -26.55
CA LYS C 207 -15.53 64.02 -26.00
C LYS C 207 -14.60 64.96 -25.26
N SER C 208 -14.39 66.15 -25.80
CA SER C 208 -13.38 67.04 -25.24
C SER C 208 -13.97 68.13 -24.36
N PHE C 209 -13.08 68.88 -23.71
CA PHE C 209 -13.46 70.08 -22.97
C PHE C 209 -12.29 71.08 -23.04
N ASN C 210 -12.59 72.34 -23.33
CA ASN C 210 -11.53 73.34 -23.40
C ASN C 210 -11.90 74.67 -22.73
N ARG C 211 -10.98 75.17 -21.91
CA ARG C 211 -11.20 76.41 -21.18
C ARG C 211 -9.92 77.26 -21.14
N GLU D 20 -14.50 21.53 10.03
CA GLU D 20 -14.25 22.96 9.91
C GLU D 20 -12.92 23.34 10.54
N VAL D 21 -11.93 23.60 9.69
CA VAL D 21 -10.60 24.01 10.16
C VAL D 21 -10.31 25.46 9.75
N GLN D 22 -9.84 26.25 10.71
CA GLN D 22 -9.61 27.67 10.47
C GLN D 22 -8.19 28.10 10.86
N LEU D 23 -7.71 29.17 10.23
CA LEU D 23 -6.42 29.75 10.57
C LEU D 23 -6.55 31.27 10.60
N VAL D 24 -6.19 31.87 11.72
CA VAL D 24 -6.28 33.33 11.86
C VAL D 24 -4.89 33.96 11.98
N GLU D 25 -4.61 34.91 11.10
CA GLU D 25 -3.30 35.54 11.04
C GLU D 25 -3.27 36.84 11.83
N SER D 26 -2.18 37.05 12.58
CA SER D 26 -2.01 38.28 13.35
C SER D 26 -0.67 38.93 13.02
N GLY D 27 -0.73 40.16 12.51
CA GLY D 27 0.47 40.87 12.11
C GLY D 27 0.18 42.00 11.15
N GLY D 28 1.18 42.38 10.37
CA GLY D 28 1.01 43.45 9.40
C GLY D 28 1.36 44.82 9.95
N GLY D 29 0.71 45.85 9.41
CA GLY D 29 1.04 47.22 9.75
C GLY D 29 1.98 47.77 8.71
N VAL D 30 2.50 48.97 8.96
CA VAL D 30 3.45 49.59 8.02
C VAL D 30 4.79 49.84 8.70
N VAL D 31 5.86 49.39 8.06
CA VAL D 31 7.19 49.52 8.62
C VAL D 31 8.18 50.12 7.62
N GLN D 32 8.93 51.12 8.08
CA GLN D 32 9.96 51.80 7.28
C GLN D 32 10.94 50.78 6.69
N PRO D 33 11.41 51.04 5.46
CA PRO D 33 12.36 50.16 4.76
C PRO D 33 13.55 49.76 5.62
N GLY D 34 13.92 48.48 5.53
CA GLY D 34 15.08 47.97 6.26
C GLY D 34 14.83 47.73 7.74
N ARG D 35 13.72 47.09 8.07
CA ARG D 35 13.43 46.75 9.47
C ARG D 35 12.71 45.41 9.59
N SER D 36 12.33 45.05 10.81
CA SER D 36 11.80 43.71 11.08
C SER D 36 10.31 43.66 11.41
N LEU D 37 9.67 42.57 11.01
CA LEU D 37 8.27 42.30 11.33
C LEU D 37 8.05 40.82 11.58
N ARG D 38 7.28 40.50 12.62
CA ARG D 38 6.96 39.11 12.93
C ARG D 38 5.47 38.81 12.77
N LEU D 39 5.13 38.02 11.76
CA LEU D 39 3.76 37.65 11.49
C LEU D 39 3.48 36.27 12.08
N SER D 40 2.53 36.17 13.00
CA SER D 40 2.17 34.88 13.56
C SER D 40 0.93 34.32 12.87
N CYS D 41 0.58 33.10 13.22
CA CYS D 41 -0.62 32.47 12.68
C CYS D 41 -1.28 31.58 13.74
N GLY D 42 -2.58 31.72 13.92
CA GLY D 42 -3.32 30.89 14.84
C GLY D 42 -3.87 29.65 14.14
N ALA D 43 -4.07 28.58 14.90
CA ALA D 43 -4.63 27.35 14.34
C ALA D 43 -5.93 26.97 15.04
N SER D 44 -6.98 26.75 14.27
CA SER D 44 -8.29 26.44 14.84
C SER D 44 -8.74 25.02 14.51
N GLY D 45 -8.80 24.18 15.54
CA GLY D 45 -9.33 22.83 15.41
C GLY D 45 -8.32 21.82 14.88
N PHE D 46 -7.24 22.32 14.28
CA PHE D 46 -6.24 21.46 13.70
C PHE D 46 -5.09 21.20 14.67
N THR D 47 -4.60 19.97 14.70
CA THR D 47 -3.42 19.65 15.49
C THR D 47 -2.19 20.11 14.72
N PHE D 48 -1.41 21.01 15.33
CA PHE D 48 -0.29 21.65 14.66
C PHE D 48 0.88 20.70 14.42
N ASN D 49 0.95 19.64 15.22
CA ASN D 49 2.10 18.74 15.20
C ASN D 49 2.04 17.73 14.07
N THR D 50 0.97 17.78 13.28
CA THR D 50 0.77 16.81 12.21
C THR D 50 1.40 17.21 10.88
N TYR D 51 0.89 18.27 10.26
CA TYR D 51 1.32 18.63 8.90
C TYR D 51 2.10 19.94 8.78
N ALA D 52 2.90 20.02 7.72
CA ALA D 52 3.76 21.17 7.45
C ALA D 52 2.96 22.43 7.13
N MET D 53 3.60 23.58 7.28
CA MET D 53 2.92 24.87 7.06
C MET D 53 3.56 25.69 5.94
N HIS D 54 2.73 26.34 5.14
CA HIS D 54 3.21 27.21 4.06
C HIS D 54 3.04 28.68 4.41
N TRP D 55 3.98 29.51 3.96
CA TRP D 55 3.76 30.94 3.86
C TRP D 55 3.67 31.27 2.38
N VAL D 56 2.56 31.87 1.96
CA VAL D 56 2.37 32.17 0.55
C VAL D 56 2.05 33.65 0.34
N ARG D 57 2.80 34.29 -0.55
CA ARG D 57 2.73 35.73 -0.75
C ARG D 57 2.02 36.12 -2.05
N GLN D 58 1.19 37.15 -1.97
CA GLN D 58 0.57 37.75 -3.15
C GLN D 58 0.66 39.27 -3.10
N ALA D 59 1.33 39.84 -4.10
CA ALA D 59 1.45 41.29 -4.20
C ALA D 59 0.23 41.87 -4.89
N PRO D 60 -0.17 43.10 -4.53
CA PRO D 60 -1.37 43.72 -5.11
C PRO D 60 -1.30 43.81 -6.62
N GLY D 61 -2.34 43.31 -7.29
CA GLY D 61 -2.38 43.31 -8.75
C GLY D 61 -1.56 42.18 -9.35
N LYS D 62 -0.69 41.58 -8.53
CA LYS D 62 0.19 40.52 -9.01
C LYS D 62 -0.38 39.14 -8.69
N GLY D 63 0.42 38.11 -8.98
CA GLY D 63 -0.02 36.73 -8.81
C GLY D 63 0.38 36.11 -7.49
N VAL D 64 0.41 34.78 -7.48
CA VAL D 64 0.70 34.02 -6.26
C VAL D 64 2.12 33.46 -6.31
N GLU D 65 2.86 33.64 -5.23
CA GLU D 65 4.23 33.15 -5.13
C GLU D 65 4.48 32.47 -3.79
N TRP D 66 4.83 31.19 -3.82
CA TRP D 66 5.17 30.47 -2.59
C TRP D 66 6.42 31.07 -1.95
N VAL D 67 6.51 30.96 -0.63
CA VAL D 67 7.64 31.51 0.11
C VAL D 67 8.39 30.46 0.94
N ALA D 68 7.74 29.89 1.95
CA ALA D 68 8.44 28.98 2.86
C ALA D 68 7.59 27.84 3.40
N VAL D 69 8.26 26.72 3.71
CA VAL D 69 7.62 25.57 4.33
C VAL D 69 8.34 25.24 5.62
N VAL D 70 7.60 25.03 6.71
CA VAL D 70 8.20 24.49 7.92
C VAL D 70 7.82 23.03 8.07
N SER D 71 8.81 22.17 8.26
CA SER D 71 8.58 20.74 8.46
C SER D 71 7.84 20.56 9.77
N ASP D 72 7.25 19.37 9.96
CA ASP D 72 6.47 19.08 11.15
C ASP D 72 7.24 19.42 12.43
N GLY D 73 6.59 20.19 13.31
CA GLY D 73 7.24 20.69 14.51
C GLY D 73 8.37 21.64 14.18
N GLY D 74 9.22 21.93 15.16
CA GLY D 74 10.42 22.69 14.89
C GLY D 74 11.34 21.83 14.04
N GLY D 75 11.73 22.34 12.88
CA GLY D 75 12.54 21.55 11.97
C GLY D 75 12.97 22.22 10.68
N ASN D 76 13.60 21.44 9.81
CA ASN D 76 14.16 21.96 8.57
C ASN D 76 13.13 22.62 7.69
N ARG D 77 13.42 23.87 7.32
CA ARG D 77 12.47 24.67 6.56
C ARG D 77 13.02 25.04 5.20
N TYR D 78 12.23 24.79 4.15
CA TYR D 78 12.65 25.13 2.80
C TYR D 78 12.30 26.57 2.46
N TYR D 79 13.30 27.33 1.99
CA TYR D 79 13.09 28.74 1.66
C TYR D 79 13.06 28.97 0.15
N ALA D 80 12.23 29.91 -0.28
CA ALA D 80 12.13 30.28 -1.70
C ALA D 80 13.34 31.08 -2.15
N ALA D 81 13.52 31.14 -3.46
CA ALA D 81 14.66 31.82 -4.08
C ALA D 81 14.91 33.24 -3.60
N SER D 82 13.97 34.14 -3.87
CA SER D 82 14.15 35.58 -3.66
C SER D 82 14.60 35.98 -2.25
N VAL D 83 13.93 35.44 -1.24
CA VAL D 83 14.11 35.89 0.15
C VAL D 83 15.09 35.09 1.02
N LYS D 84 15.82 34.16 0.41
CA LYS D 84 16.62 33.16 1.14
C LYS D 84 17.50 33.72 2.27
N GLY D 85 18.05 34.91 2.07
CA GLY D 85 18.89 35.52 3.10
C GLY D 85 18.15 36.38 4.12
N ARG D 86 17.02 36.94 3.72
CA ARG D 86 16.32 37.92 4.54
C ARG D 86 15.19 37.33 5.41
N PHE D 87 14.92 36.04 5.27
CA PHE D 87 13.79 35.44 5.97
C PHE D 87 14.15 34.48 7.10
N THR D 88 13.42 34.62 8.20
CA THR D 88 13.57 33.74 9.35
C THR D 88 12.21 33.12 9.68
N ILE D 89 12.12 31.79 9.62
CA ILE D 89 10.87 31.11 9.90
C ILE D 89 11.03 30.09 11.04
N SER D 90 10.07 30.06 11.95
CA SER D 90 10.08 29.12 13.06
C SER D 90 8.67 28.81 13.52
N ARG D 91 8.46 27.59 14.01
CA ARG D 91 7.16 27.20 14.53
C ARG D 91 7.30 26.14 15.63
N ASP D 92 6.40 26.19 16.61
CA ASP D 92 6.36 25.19 17.66
C ASP D 92 4.93 24.68 17.87
N ASN D 93 4.81 23.50 18.46
CA ASN D 93 3.50 22.85 18.59
C ASN D 93 2.77 23.21 19.89
N SER D 94 3.37 24.13 20.66
CA SER D 94 2.78 24.52 21.94
C SER D 94 1.56 25.43 21.73
N LYS D 95 1.80 26.64 21.26
CA LYS D 95 0.74 27.63 21.10
C LYS D 95 0.14 27.66 19.70
N ASN D 96 0.55 26.71 18.86
CA ASN D 96 0.19 26.68 17.44
C ASN D 96 0.74 27.90 16.72
N THR D 97 1.90 28.37 17.18
CA THR D 97 2.50 29.59 16.63
C THR D 97 3.50 29.29 15.52
N LEU D 98 3.16 29.72 14.32
CA LEU D 98 4.12 29.71 13.22
C LEU D 98 4.41 31.16 12.84
N PHE D 99 5.61 31.63 13.17
CA PHE D 99 5.95 33.02 12.89
C PHE D 99 6.66 33.16 11.54
N LEU D 100 6.88 34.41 11.14
CA LEU D 100 7.77 34.71 10.03
C LEU D 100 8.50 36.01 10.35
N GLN D 101 9.83 35.99 10.27
CA GLN D 101 10.60 37.19 10.52
C GLN D 101 11.30 37.69 9.26
N LEU D 102 10.98 38.91 8.86
CA LEU D 102 11.68 39.55 7.76
C LEU D 102 12.65 40.53 8.40
N ASN D 103 13.93 40.21 8.40
CA ASN D 103 14.91 41.04 9.08
C ASN D 103 15.39 42.25 8.27
N THR D 104 15.53 42.06 6.96
CA THR D 104 16.19 43.06 6.14
C THR D 104 15.39 43.65 4.96
N LEU D 105 15.03 42.82 3.99
CA LEU D 105 14.63 43.34 2.66
C LEU D 105 13.51 44.38 2.73
N ARG D 106 13.84 45.58 2.28
CA ARG D 106 12.93 46.72 2.28
C ARG D 106 11.85 46.85 1.18
N PRO D 107 12.29 47.03 -0.07
CA PRO D 107 11.41 47.66 -1.06
C PRO D 107 10.26 46.83 -1.65
N GLU D 108 10.58 45.62 -2.07
CA GLU D 108 9.71 44.85 -2.95
C GLU D 108 8.87 43.83 -2.19
N ASP D 109 9.02 43.83 -0.88
CA ASP D 109 8.39 42.84 -0.03
C ASP D 109 6.99 43.27 0.39
N THR D 110 6.53 44.39 -0.15
CA THR D 110 5.20 44.89 0.16
C THR D 110 4.18 44.06 -0.60
N ALA D 111 3.34 43.36 0.15
CA ALA D 111 2.41 42.39 -0.42
C ALA D 111 1.43 41.89 0.64
N VAL D 112 0.56 40.97 0.26
CA VAL D 112 -0.32 40.30 1.21
C VAL D 112 0.18 38.89 1.49
N TYR D 113 0.39 38.57 2.76
CA TYR D 113 0.92 37.26 3.15
C TYR D 113 -0.16 36.32 3.64
N TYR D 114 -0.12 35.08 3.19
CA TYR D 114 -1.07 34.04 3.60
C TYR D 114 -0.37 32.93 4.36
N CYS D 115 -1.09 32.31 5.29
CA CYS D 115 -0.59 31.09 5.93
C CYS D 115 -1.48 29.91 5.56
N ALA D 116 -0.86 28.86 5.01
CA ALA D 116 -1.60 27.69 4.55
C ALA D 116 -0.94 26.40 5.01
N ARG D 117 -1.69 25.32 5.04
CA ARG D 117 -1.17 24.03 5.46
C ARG D 117 -1.28 23.01 4.34
N SER D 118 -0.19 22.29 4.10
CA SER D 118 -0.15 21.28 3.04
C SER D 118 -1.18 20.18 3.31
N ARG D 119 -1.68 19.57 2.24
CA ARG D 119 -2.75 18.59 2.33
C ARG D 119 -2.35 17.39 3.18
N GLY D 120 -1.28 16.72 2.79
CA GLY D 120 -0.64 15.72 3.64
C GLY D 120 0.63 16.37 4.15
N ASN D 121 1.62 15.55 4.50
CA ASN D 121 2.94 16.10 4.77
C ASN D 121 3.65 16.38 3.45
N HIS D 122 3.37 15.54 2.46
CA HIS D 122 4.03 15.62 1.17
C HIS D 122 3.61 16.86 0.38
N TYR D 123 4.49 17.29 -0.52
CA TYR D 123 4.27 18.52 -1.28
C TYR D 123 3.40 18.33 -2.53
N TYR D 124 3.23 17.08 -2.96
CA TYR D 124 2.48 16.75 -4.17
C TYR D 124 1.10 17.39 -4.24
N TYR D 125 0.41 17.42 -3.10
CA TYR D 125 -1.01 17.74 -3.06
C TYR D 125 -1.31 19.20 -2.74
N GLY D 126 -0.26 20.00 -2.56
CA GLY D 126 -0.44 21.41 -2.27
C GLY D 126 -1.12 21.64 -0.92
N MET D 127 -1.76 22.81 -0.78
CA MET D 127 -2.33 23.22 0.51
C MET D 127 -3.85 23.25 0.52
N ASP D 128 -4.45 22.39 1.33
CA ASP D 128 -5.91 22.35 1.48
C ASP D 128 -6.40 23.46 2.41
N VAL D 129 -5.74 23.60 3.55
CA VAL D 129 -6.13 24.59 4.56
C VAL D 129 -5.63 25.99 4.19
N TRP D 130 -6.32 27.02 4.67
CA TRP D 130 -5.94 28.40 4.41
C TRP D 130 -6.23 29.32 5.58
N GLY D 131 -5.59 30.49 5.59
CA GLY D 131 -5.82 31.50 6.62
C GLY D 131 -6.64 32.65 6.08
N ARG D 132 -6.74 33.73 6.86
CA ARG D 132 -7.52 34.89 6.45
C ARG D 132 -6.68 35.84 5.61
N GLY D 133 -5.77 36.56 6.25
CA GLY D 133 -4.80 37.37 5.53
C GLY D 133 -4.08 38.39 6.41
N THR D 134 -2.97 38.90 5.89
CA THR D 134 -2.22 39.96 6.54
C THR D 134 -1.63 40.88 5.49
N THR D 135 -1.82 42.19 5.66
CA THR D 135 -1.30 43.16 4.70
C THR D 135 -0.12 43.94 5.27
N VAL D 136 1.07 43.69 4.72
CA VAL D 136 2.27 44.40 5.14
C VAL D 136 2.61 45.48 4.12
N THR D 137 2.74 46.72 4.60
CA THR D 137 3.07 47.85 3.72
C THR D 137 4.36 48.52 4.20
N VAL D 138 4.98 49.28 3.31
CA VAL D 138 6.29 49.86 3.59
C VAL D 138 6.30 51.37 3.49
N SER D 139 6.08 52.38 4.33
CA SER D 139 6.02 53.84 4.23
C SER D 139 6.12 54.48 5.62
N SER D 140 6.44 55.77 5.63
CA SER D 140 6.34 56.57 6.85
C SER D 140 5.29 57.64 6.60
N ALA D 141 4.14 57.53 7.26
CA ALA D 141 3.01 58.39 6.94
C ALA D 141 2.05 58.61 8.10
N SER D 142 1.21 59.62 7.96
CA SER D 142 0.19 59.94 8.95
C SER D 142 -1.15 60.21 8.28
N THR D 143 -2.18 60.47 9.09
CA THR D 143 -3.52 60.74 8.57
C THR D 143 -3.66 62.16 8.03
N LYS D 144 -4.64 62.36 7.15
CA LYS D 144 -4.94 63.69 6.62
C LYS D 144 -6.41 63.77 6.22
N GLY D 145 -6.86 64.94 5.81
CA GLY D 145 -8.25 65.13 5.43
C GLY D 145 -8.54 64.94 3.95
N PRO D 146 -9.77 64.48 3.63
CA PRO D 146 -10.29 64.31 2.27
C PRO D 146 -11.09 65.53 1.80
N SER D 147 -11.63 65.42 0.58
CA SER D 147 -12.52 66.45 0.05
C SER D 147 -13.47 65.84 -0.99
N VAL D 148 -14.63 66.46 -1.17
CA VAL D 148 -15.62 65.95 -2.11
C VAL D 148 -16.03 67.04 -3.10
N PHE D 149 -16.09 66.68 -4.39
CA PHE D 149 -16.46 67.63 -5.43
C PHE D 149 -17.66 67.10 -6.23
N PRO D 150 -18.58 68.01 -6.59
CA PRO D 150 -19.81 67.65 -7.32
C PRO D 150 -19.56 67.36 -8.79
N LEU D 151 -20.46 66.60 -9.41
CA LEU D 151 -20.36 66.29 -10.83
C LEU D 151 -21.65 66.64 -11.56
N ALA D 152 -21.51 67.15 -12.79
CA ALA D 152 -22.66 67.58 -13.57
C ALA D 152 -22.48 67.17 -15.04
N PRO D 153 -23.59 66.98 -15.77
CA PRO D 153 -25.00 67.09 -15.37
C PRO D 153 -25.45 65.93 -14.49
N ALA D 164 -25.84 59.38 -15.72
CA ALA D 164 -24.59 59.10 -15.02
C ALA D 164 -24.26 60.19 -14.01
N LEU D 165 -24.66 59.99 -12.76
CA LEU D 165 -24.37 60.96 -11.72
C LEU D 165 -23.41 60.37 -10.70
N GLY D 166 -22.16 60.83 -10.74
CA GLY D 166 -21.14 60.35 -9.82
C GLY D 166 -20.72 61.37 -8.77
N CYS D 167 -19.79 60.97 -7.92
CA CYS D 167 -19.11 61.88 -7.00
C CYS D 167 -17.61 61.72 -7.16
N LEU D 168 -16.84 62.53 -6.44
CA LEU D 168 -15.39 62.44 -6.49
C LEU D 168 -14.74 62.72 -5.15
N VAL D 169 -13.78 61.88 -4.77
CA VAL D 169 -13.01 62.07 -3.54
C VAL D 169 -11.53 61.90 -3.85
N LYS D 170 -10.72 62.88 -3.47
CA LYS D 170 -9.29 62.83 -3.78
C LYS D 170 -8.41 63.23 -2.59
N ASP D 171 -7.19 62.71 -2.60
CA ASP D 171 -6.15 63.12 -1.65
C ASP D 171 -6.52 62.95 -0.17
N TYR D 172 -6.61 61.70 0.28
CA TYR D 172 -6.86 61.42 1.69
C TYR D 172 -5.89 60.36 2.21
N PHE D 173 -6.00 60.06 3.50
CA PHE D 173 -5.15 59.09 4.18
C PHE D 173 -5.57 59.00 5.64
N PRO D 174 -5.63 57.76 6.18
CA PRO D 174 -5.51 56.48 5.50
C PRO D 174 -6.87 55.93 5.05
N GLU D 175 -6.86 54.71 4.54
CA GLU D 175 -8.08 53.99 4.19
C GLU D 175 -8.91 53.71 5.44
N PRO D 176 -10.21 53.38 5.26
CA PRO D 176 -11.03 53.46 4.06
C PRO D 176 -11.85 54.75 3.99
N VAL D 177 -12.63 54.89 2.92
CA VAL D 177 -13.70 55.88 2.86
C VAL D 177 -14.96 55.25 2.27
N THR D 178 -16.03 55.22 3.06
CA THR D 178 -17.27 54.59 2.62
C THR D 178 -18.17 55.59 1.90
N VAL D 179 -18.49 55.29 0.64
CA VAL D 179 -19.34 56.17 -0.14
C VAL D 179 -20.64 55.50 -0.57
N SER D 180 -21.76 55.96 -0.01
CA SER D 180 -23.07 55.45 -0.40
C SER D 180 -23.84 56.46 -1.26
N TRP D 181 -25.05 56.09 -1.65
CA TRP D 181 -25.90 56.97 -2.45
C TRP D 181 -27.29 57.12 -1.86
N ASN D 182 -27.65 58.34 -1.50
CA ASN D 182 -28.97 58.64 -0.96
C ASN D 182 -29.34 57.75 0.24
N SER D 183 -30.39 56.94 0.10
CA SER D 183 -30.80 56.17 1.26
C SER D 183 -30.63 54.65 1.11
N GLY D 184 -31.66 53.98 0.61
CA GLY D 184 -31.57 52.56 0.30
C GLY D 184 -31.75 52.18 -1.16
N ALA D 185 -32.24 53.12 -1.95
CA ALA D 185 -32.89 52.76 -3.22
C ALA D 185 -31.96 52.54 -4.40
N LEU D 186 -30.73 53.05 -4.32
CA LEU D 186 -29.82 52.71 -5.38
C LEU D 186 -28.90 51.63 -4.85
N THR D 187 -29.28 50.37 -5.13
CA THR D 187 -28.41 49.23 -4.97
C THR D 187 -27.94 48.77 -6.34
N SER D 188 -28.46 49.43 -7.36
CA SER D 188 -28.23 49.05 -8.74
C SER D 188 -27.86 50.27 -9.56
N GLY D 189 -26.68 50.22 -10.18
CA GLY D 189 -26.14 51.37 -10.88
C GLY D 189 -25.07 52.02 -10.03
N VAL D 190 -25.09 51.71 -8.73
CA VAL D 190 -24.07 52.22 -7.82
C VAL D 190 -22.78 51.41 -7.93
N HIS D 191 -21.71 52.09 -8.29
CA HIS D 191 -20.39 51.46 -8.33
C HIS D 191 -19.40 52.30 -7.54
N THR D 192 -18.93 51.73 -6.43
CA THR D 192 -17.94 52.41 -5.60
C THR D 192 -16.54 51.93 -5.96
N PHE D 193 -15.73 52.82 -6.49
CA PHE D 193 -14.41 52.46 -7.00
C PHE D 193 -13.38 52.31 -5.89
N PRO D 194 -12.50 51.29 -6.02
CA PRO D 194 -11.39 51.10 -5.10
C PRO D 194 -10.40 52.26 -5.15
N ALA D 195 -9.62 52.43 -4.09
CA ALA D 195 -8.67 53.55 -4.02
C ALA D 195 -7.43 53.31 -4.88
N VAL D 196 -6.85 54.39 -5.37
CA VAL D 196 -5.59 54.34 -6.10
C VAL D 196 -4.60 55.34 -5.52
N LEU D 197 -3.39 54.87 -5.22
CA LEU D 197 -2.37 55.71 -4.60
C LEU D 197 -1.75 56.71 -5.58
N GLN D 198 -1.82 57.99 -5.23
CA GLN D 198 -1.18 59.03 -6.03
C GLN D 198 0.32 59.05 -5.77
N SER D 199 1.02 59.94 -6.45
CA SER D 199 2.45 60.11 -6.23
C SER D 199 2.71 61.01 -5.04
N SER D 200 1.64 61.59 -4.50
CA SER D 200 1.73 62.47 -3.34
C SER D 200 1.59 61.69 -2.05
N GLY D 201 1.45 60.38 -2.16
CA GLY D 201 1.33 59.52 -1.00
C GLY D 201 -0.09 59.43 -0.47
N LEU D 202 -1.01 60.07 -1.17
CA LEU D 202 -2.43 60.06 -0.79
C LEU D 202 -3.23 59.26 -1.80
N TYR D 203 -4.33 58.66 -1.36
CA TYR D 203 -5.15 57.86 -2.25
C TYR D 203 -6.27 58.68 -2.88
N SER D 204 -7.00 58.06 -3.81
CA SER D 204 -8.17 58.67 -4.40
C SER D 204 -9.11 57.59 -4.95
N LEU D 205 -10.41 57.87 -4.92
CA LEU D 205 -11.41 56.96 -5.49
C LEU D 205 -12.67 57.71 -5.86
N SER D 206 -13.72 56.97 -6.24
CA SER D 206 -14.99 57.58 -6.61
C SER D 206 -16.16 56.62 -6.46
N SER D 207 -17.36 57.14 -6.73
CA SER D 207 -18.58 56.34 -6.76
C SER D 207 -19.55 56.96 -7.75
N VAL D 208 -20.28 56.12 -8.49
CA VAL D 208 -21.16 56.60 -9.54
C VAL D 208 -22.51 55.89 -9.56
N VAL D 209 -23.49 56.52 -10.20
CA VAL D 209 -24.81 55.93 -10.41
C VAL D 209 -25.39 56.49 -11.71
N THR D 210 -26.28 55.74 -12.34
CA THR D 210 -26.78 56.13 -13.67
C THR D 210 -28.30 56.24 -13.78
N VAL D 211 -28.78 57.46 -13.98
CA VAL D 211 -30.20 57.70 -14.28
C VAL D 211 -30.63 57.24 -15.68
N PRO D 212 -29.94 57.68 -16.75
CA PRO D 212 -30.42 57.30 -18.08
C PRO D 212 -30.11 55.85 -18.42
N THR D 220 -32.37 64.68 -9.02
CA THR D 220 -31.31 65.28 -8.22
C THR D 220 -31.01 64.44 -6.98
N TYR D 221 -29.77 64.01 -6.84
CA TYR D 221 -29.36 63.20 -5.71
C TYR D 221 -28.14 63.80 -5.00
N ILE D 222 -27.66 63.10 -3.99
CA ILE D 222 -26.49 63.54 -3.23
C ILE D 222 -25.53 62.38 -2.99
N CYS D 223 -24.23 62.65 -3.16
CA CYS D 223 -23.21 61.64 -2.90
C CYS D 223 -22.86 61.61 -1.42
N ASN D 224 -22.84 60.41 -0.85
CA ASN D 224 -22.61 60.24 0.57
C ASN D 224 -21.18 59.81 0.87
N VAL D 225 -20.36 60.69 1.42
CA VAL D 225 -18.95 60.39 1.64
C VAL D 225 -18.52 60.57 3.09
N ASN D 226 -17.98 59.52 3.69
CA ASN D 226 -17.56 59.56 5.08
C ASN D 226 -16.14 59.03 5.30
N HIS D 227 -15.38 59.74 6.14
CA HIS D 227 -14.00 59.35 6.42
C HIS D 227 -13.78 59.20 7.93
N LYS D 228 -13.50 57.97 8.37
CA LYS D 228 -13.33 57.67 9.78
C LYS D 228 -12.10 58.27 10.49
N PRO D 229 -10.88 58.05 9.95
CA PRO D 229 -9.69 58.49 10.70
C PRO D 229 -9.60 59.99 10.94
N SER D 230 -9.90 60.79 9.91
CA SER D 230 -9.80 62.24 10.04
C SER D 230 -11.15 62.89 10.37
N ASN D 231 -12.19 62.07 10.44
CA ASN D 231 -13.54 62.52 10.77
C ASN D 231 -14.06 63.64 9.84
N THR D 232 -14.33 63.28 8.60
CA THR D 232 -14.74 64.27 7.60
C THR D 232 -15.91 63.80 6.73
N LYS D 233 -16.92 64.66 6.60
CA LYS D 233 -18.05 64.40 5.72
C LYS D 233 -18.32 65.66 4.89
N VAL D 234 -18.33 65.51 3.58
CA VAL D 234 -18.70 66.62 2.70
C VAL D 234 -19.83 66.20 1.76
N ASP D 235 -21.00 66.81 1.95
CA ASP D 235 -22.17 66.49 1.14
C ASP D 235 -22.32 67.48 -0.01
N LYS D 236 -22.45 66.96 -1.22
CA LYS D 236 -22.56 67.79 -2.40
C LYS D 236 -23.79 67.41 -3.23
N ARG D 237 -24.72 68.34 -3.37
CA ARG D 237 -25.93 68.11 -4.16
C ARG D 237 -25.60 68.04 -5.64
N VAL D 238 -26.39 67.30 -6.40
CA VAL D 238 -26.17 67.23 -7.84
C VAL D 238 -27.31 67.90 -8.60
N GLU D 239 -27.04 69.10 -9.11
CA GLU D 239 -27.94 69.81 -10.00
C GLU D 239 -27.25 70.10 -11.33
N PRO D 240 -27.78 69.55 -12.44
CA PRO D 240 -27.20 69.73 -13.77
C PRO D 240 -26.95 71.20 -14.10
N LYS D 241 -25.74 71.52 -14.57
CA LYS D 241 -25.37 72.89 -14.88
C LYS D 241 -25.07 73.05 -16.37
N SER D 242 -24.69 74.27 -16.75
CA SER D 242 -24.39 74.57 -18.15
C SER D 242 -23.00 74.08 -18.54
N CYS D 243 -22.84 73.70 -19.81
CA CYS D 243 -21.57 73.25 -20.33
C CYS D 243 -21.29 73.91 -21.68
N ASP D 244 -20.04 73.85 -22.13
CA ASP D 244 -19.64 74.47 -23.38
C ASP D 244 -19.02 73.44 -24.33
#